data_2D88
#
_entry.id   2D88
#
_entity_poly.entity_id   1
_entity_poly.type   'polypeptide(L)'
_entity_poly.pdbx_seq_one_letter_code
;GSSGSSGVARSSKLLGWCQRQTDGYAGVNVTDLTMSWKSGLALCAIIHRYRPDLIDFDSLDEQNVEKNNQLAFDIAEKEL
GISPIMTGKEMASVGEPDKLSMVMYLTQFYEMFKDSGPSSG
;
_entity_poly.pdbx_strand_id   A
#
# COMPACT_ATOMS: atom_id res chain seq x y z
N GLY A 1 -0.78 -18.33 14.00
CA GLY A 1 -0.31 -19.59 13.47
C GLY A 1 1.06 -19.97 14.01
N SER A 2 1.09 -20.93 14.93
CA SER A 2 2.34 -21.37 15.53
C SER A 2 3.06 -22.36 14.62
N SER A 3 4.39 -22.40 14.73
CA SER A 3 5.20 -23.29 13.90
C SER A 3 4.47 -24.62 13.66
N GLY A 4 4.39 -25.00 12.39
CA GLY A 4 3.71 -26.24 12.04
C GLY A 4 2.61 -26.03 11.02
N SER A 5 1.84 -24.97 11.20
CA SER A 5 0.74 -24.67 10.29
C SER A 5 1.19 -24.78 8.84
N SER A 6 0.40 -25.50 8.04
CA SER A 6 0.72 -25.70 6.63
C SER A 6 0.37 -24.45 5.82
N GLY A 7 0.80 -24.44 4.56
CA GLY A 7 0.52 -23.31 3.70
C GLY A 7 -0.86 -22.73 3.92
N VAL A 8 -0.94 -21.43 4.16
CA VAL A 8 -2.21 -20.76 4.39
C VAL A 8 -2.19 -19.33 3.88
N ALA A 9 -3.24 -18.94 3.18
CA ALA A 9 -3.35 -17.59 2.63
C ALA A 9 -3.00 -16.53 3.68
N ARG A 10 -3.58 -16.68 4.87
CA ARG A 10 -3.33 -15.73 5.96
C ARG A 10 -1.85 -15.35 6.01
N SER A 11 -1.60 -14.06 6.22
CA SER A 11 -0.23 -13.56 6.29
C SER A 11 0.49 -13.76 4.96
N SER A 12 -0.12 -13.27 3.89
CA SER A 12 0.46 -13.40 2.55
C SER A 12 1.88 -12.86 2.52
N LYS A 13 2.73 -13.44 1.67
CA LYS A 13 4.11 -13.01 1.55
C LYS A 13 4.20 -11.50 1.38
N LEU A 14 3.43 -10.97 0.44
CA LEU A 14 3.42 -9.53 0.18
C LEU A 14 3.06 -8.75 1.45
N LEU A 15 1.95 -9.14 2.07
CA LEU A 15 1.50 -8.47 3.29
C LEU A 15 2.65 -8.27 4.27
N GLY A 16 3.25 -9.38 4.70
CA GLY A 16 4.37 -9.30 5.62
C GLY A 16 5.28 -8.12 5.34
N TRP A 17 5.83 -8.08 4.14
CA TRP A 17 6.73 -7.00 3.75
C TRP A 17 6.16 -5.65 4.17
N CYS A 18 4.93 -5.36 3.74
CA CYS A 18 4.27 -4.10 4.07
C CYS A 18 4.15 -3.94 5.59
N GLN A 19 3.89 -5.03 6.28
CA GLN A 19 3.74 -5.01 7.73
C GLN A 19 5.05 -4.58 8.40
N ARG A 20 6.17 -4.89 7.75
CA ARG A 20 7.49 -4.54 8.28
C ARG A 20 7.90 -3.15 7.82
N GLN A 21 7.63 -2.84 6.55
CA GLN A 21 7.97 -1.54 5.99
C GLN A 21 7.11 -0.44 6.57
N THR A 22 5.79 -0.62 6.49
CA THR A 22 4.84 0.36 7.01
C THR A 22 5.03 0.55 8.51
N ASP A 23 5.64 -0.43 9.16
CA ASP A 23 5.89 -0.36 10.60
C ASP A 23 6.54 0.97 10.97
N GLY A 24 5.97 1.65 11.97
CA GLY A 24 6.51 2.91 12.40
C GLY A 24 5.53 4.06 12.23
N TYR A 25 4.77 4.03 11.15
CA TYR A 25 3.78 5.07 10.85
C TYR A 25 2.73 5.12 11.95
N ALA A 26 1.78 6.03 11.79
CA ALA A 26 0.69 6.19 12.76
C ALA A 26 -0.66 5.97 12.11
N GLY A 27 -1.47 5.09 12.71
CA GLY A 27 -2.78 4.80 12.18
C GLY A 27 -2.76 3.70 11.14
N VAL A 28 -1.67 3.63 10.37
CA VAL A 28 -1.53 2.62 9.34
C VAL A 28 -1.85 1.23 9.88
N ASN A 29 -0.98 0.73 10.76
CA ASN A 29 -1.16 -0.59 11.35
C ASN A 29 -1.79 -1.55 10.35
N VAL A 30 -1.18 -1.66 9.18
CA VAL A 30 -1.68 -2.55 8.14
C VAL A 30 -2.21 -3.85 8.73
N THR A 31 -3.51 -4.06 8.61
CA THR A 31 -4.15 -5.26 9.14
C THR A 31 -4.68 -6.15 8.01
N ASP A 32 -4.97 -5.53 6.87
CA ASP A 32 -5.49 -6.25 5.72
C ASP A 32 -5.00 -5.62 4.42
N LEU A 33 -5.18 -6.34 3.31
CA LEU A 33 -4.76 -5.84 2.00
C LEU A 33 -5.97 -5.42 1.17
N THR A 34 -6.97 -4.86 1.85
CA THR A 34 -8.18 -4.41 1.16
C THR A 34 -8.60 -3.02 1.64
N MET A 35 -9.16 -2.96 2.85
CA MET A 35 -9.59 -1.69 3.42
C MET A 35 -8.40 -0.89 3.93
N SER A 36 -7.56 -1.53 4.74
CA SER A 36 -6.39 -0.87 5.29
C SER A 36 -5.73 0.03 4.26
N TRP A 37 -5.84 -0.35 3.00
CA TRP A 37 -5.25 0.42 1.91
C TRP A 37 -6.25 1.42 1.34
N LYS A 38 -7.52 1.01 1.29
CA LYS A 38 -8.57 1.86 0.77
C LYS A 38 -8.39 3.31 1.23
N SER A 39 -7.97 3.47 2.48
CA SER A 39 -7.75 4.80 3.05
C SER A 39 -6.73 5.57 2.23
N GLY A 40 -5.65 4.90 1.86
CA GLY A 40 -4.61 5.54 1.07
C GLY A 40 -3.33 5.74 1.85
N LEU A 41 -3.46 6.13 3.12
CA LEU A 41 -2.31 6.35 3.98
C LEU A 41 -1.26 5.26 3.78
N ALA A 42 -1.69 4.01 3.87
CA ALA A 42 -0.80 2.88 3.70
C ALA A 42 0.07 3.06 2.47
N LEU A 43 -0.55 3.07 1.30
CA LEU A 43 0.18 3.22 0.04
C LEU A 43 1.17 4.37 0.14
N CYS A 44 0.72 5.50 0.67
CA CYS A 44 1.58 6.67 0.81
C CYS A 44 2.77 6.37 1.71
N ALA A 45 2.53 5.61 2.77
CA ALA A 45 3.58 5.25 3.71
C ALA A 45 4.63 4.36 3.04
N ILE A 46 4.27 3.78 1.90
CA ILE A 46 5.18 2.92 1.16
C ILE A 46 6.19 3.74 0.36
N ILE A 47 5.69 4.64 -0.48
CA ILE A 47 6.55 5.48 -1.29
C ILE A 47 7.43 6.37 -0.42
N HIS A 48 6.83 6.98 0.60
CA HIS A 48 7.56 7.86 1.50
C HIS A 48 8.65 7.09 2.25
N ARG A 49 8.29 5.92 2.78
CA ARG A 49 9.23 5.10 3.51
C ARG A 49 10.62 5.17 2.88
N TYR A 50 10.69 4.91 1.58
CA TYR A 50 11.96 4.95 0.85
C TYR A 50 12.24 6.34 0.32
N ARG A 51 11.27 6.91 -0.40
CA ARG A 51 11.41 8.24 -0.97
C ARG A 51 10.34 9.19 -0.44
N PRO A 52 10.69 9.93 0.62
CA PRO A 52 9.77 10.88 1.26
C PRO A 52 9.49 12.08 0.37
N ASP A 53 10.41 12.37 -0.54
CA ASP A 53 10.26 13.50 -1.45
C ASP A 53 9.05 13.31 -2.37
N LEU A 54 9.05 12.22 -3.13
CA LEU A 54 7.95 11.93 -4.03
C LEU A 54 6.61 12.18 -3.37
N ILE A 55 6.38 11.52 -2.23
CA ILE A 55 5.13 11.69 -1.51
C ILE A 55 5.39 12.17 -0.08
N ASP A 56 4.59 13.13 0.37
CA ASP A 56 4.74 13.68 1.71
C ASP A 56 3.58 13.22 2.61
N PHE A 57 3.86 12.25 3.47
CA PHE A 57 2.85 11.72 4.38
C PHE A 57 2.52 12.74 5.47
N ASP A 58 3.55 13.28 6.09
CA ASP A 58 3.37 14.27 7.16
C ASP A 58 2.30 15.29 6.77
N SER A 59 2.32 15.71 5.52
CA SER A 59 1.36 16.69 5.02
C SER A 59 -0.03 16.06 4.86
N LEU A 60 -0.07 14.91 4.19
CA LEU A 60 -1.32 14.20 3.97
C LEU A 60 -2.11 14.07 5.27
N ASP A 61 -3.44 14.12 5.16
CA ASP A 61 -4.30 14.00 6.33
C ASP A 61 -5.06 12.67 6.30
N GLU A 62 -5.09 12.00 7.45
CA GLU A 62 -5.78 10.72 7.56
C GLU A 62 -7.26 10.86 7.21
N GLN A 63 -7.72 12.10 7.11
CA GLN A 63 -9.11 12.38 6.78
C GLN A 63 -9.37 12.19 5.29
N ASN A 64 -8.41 12.65 4.47
CA ASN A 64 -8.53 12.53 3.02
C ASN A 64 -8.28 11.09 2.57
N VAL A 65 -9.32 10.46 2.03
CA VAL A 65 -9.22 9.08 1.56
C VAL A 65 -8.97 9.04 0.06
N GLU A 66 -9.72 9.85 -0.68
CA GLU A 66 -9.58 9.90 -2.13
C GLU A 66 -8.26 10.56 -2.54
N LYS A 67 -7.84 11.54 -1.76
CA LYS A 67 -6.59 12.25 -2.03
C LYS A 67 -5.39 11.33 -1.86
N ASN A 68 -5.21 10.80 -0.65
CA ASN A 68 -4.10 9.89 -0.37
C ASN A 68 -3.90 8.91 -1.51
N ASN A 69 -5.00 8.42 -2.07
CA ASN A 69 -4.94 7.47 -3.18
C ASN A 69 -4.61 8.18 -4.48
N GLN A 70 -5.49 9.09 -4.90
CA GLN A 70 -5.29 9.83 -6.13
C GLN A 70 -3.83 10.26 -6.28
N LEU A 71 -3.22 10.67 -5.18
CA LEU A 71 -1.83 11.11 -5.18
C LEU A 71 -0.91 9.96 -5.58
N ALA A 72 -0.80 8.96 -4.71
CA ALA A 72 0.05 7.80 -4.98
C ALA A 72 -0.12 7.32 -6.42
N PHE A 73 -1.36 7.06 -6.81
CA PHE A 73 -1.66 6.58 -8.15
C PHE A 73 -0.97 7.45 -9.20
N ASP A 74 -0.75 8.71 -8.87
CA ASP A 74 -0.09 9.64 -9.77
C ASP A 74 1.43 9.62 -9.57
N ILE A 75 1.86 9.93 -8.35
CA ILE A 75 3.27 9.95 -8.02
C ILE A 75 3.95 8.66 -8.46
N ALA A 76 3.39 7.53 -8.03
CA ALA A 76 3.94 6.23 -8.38
C ALA A 76 4.30 6.16 -9.86
N GLU A 77 3.28 6.12 -10.71
CA GLU A 77 3.49 6.05 -12.15
C GLU A 77 4.41 7.18 -12.62
N LYS A 78 4.18 8.38 -12.09
CA LYS A 78 4.98 9.53 -12.46
C LYS A 78 6.47 9.21 -12.42
N GLU A 79 6.94 8.76 -11.26
CA GLU A 79 8.35 8.40 -11.09
C GLU A 79 8.54 6.89 -11.20
N LEU A 80 7.92 6.15 -10.29
CA LEU A 80 8.03 4.69 -10.28
C LEU A 80 7.65 4.12 -11.65
N GLY A 81 6.43 4.40 -12.08
CA GLY A 81 5.97 3.90 -13.37
C GLY A 81 4.84 2.90 -13.22
N ILE A 82 4.51 2.56 -11.98
CA ILE A 82 3.44 1.61 -11.72
C ILE A 82 2.07 2.20 -12.04
N SER A 83 1.54 1.85 -13.19
CA SER A 83 0.24 2.35 -13.62
C SER A 83 -0.85 1.97 -12.62
N PRO A 84 -1.70 2.95 -12.28
CA PRO A 84 -2.79 2.75 -11.32
C PRO A 84 -3.89 1.85 -11.89
N ILE A 85 -4.44 0.98 -11.03
CA ILE A 85 -5.50 0.07 -11.45
C ILE A 85 -6.87 0.71 -11.28
N MET A 86 -6.97 1.64 -10.34
CA MET A 86 -8.23 2.33 -10.08
C MET A 86 -7.98 3.75 -9.58
N THR A 87 -8.92 4.65 -9.84
CA THR A 87 -8.80 6.04 -9.42
C THR A 87 -9.09 6.18 -7.93
N GLY A 88 -8.59 7.27 -7.33
CA GLY A 88 -8.81 7.51 -5.93
C GLY A 88 -10.28 7.54 -5.56
N LYS A 89 -11.08 8.22 -6.37
CA LYS A 89 -12.51 8.33 -6.13
C LYS A 89 -13.18 6.96 -6.21
N GLU A 90 -12.70 6.13 -7.14
CA GLU A 90 -13.25 4.79 -7.32
C GLU A 90 -12.83 3.87 -6.17
N MET A 91 -11.74 4.22 -5.50
CA MET A 91 -11.24 3.43 -4.39
C MET A 91 -11.77 3.96 -3.06
N ALA A 92 -12.25 5.20 -3.07
CA ALA A 92 -12.79 5.82 -1.87
C ALA A 92 -14.30 5.61 -1.77
N SER A 93 -14.91 5.25 -2.90
CA SER A 93 -16.35 5.02 -2.94
C SER A 93 -16.67 3.54 -2.77
N VAL A 94 -15.95 2.70 -3.51
CA VAL A 94 -16.15 1.26 -3.45
C VAL A 94 -16.17 0.77 -2.00
N GLY A 95 -17.07 -0.16 -1.72
CA GLY A 95 -17.19 -0.70 -0.37
C GLY A 95 -15.97 -1.50 0.04
N GLU A 96 -15.34 -2.16 -0.92
CA GLU A 96 -14.15 -2.97 -0.65
C GLU A 96 -13.51 -3.44 -1.96
N PRO A 97 -12.17 -3.36 -2.02
CA PRO A 97 -11.41 -3.77 -3.20
C PRO A 97 -11.42 -5.27 -3.39
N ASP A 98 -10.65 -5.75 -4.38
CA ASP A 98 -10.57 -7.17 -4.67
C ASP A 98 -9.23 -7.74 -4.24
N LYS A 99 -9.26 -8.66 -3.29
CA LYS A 99 -8.04 -9.29 -2.78
C LYS A 99 -7.01 -9.44 -3.88
N LEU A 100 -7.36 -10.18 -4.93
CA LEU A 100 -6.46 -10.40 -6.06
C LEU A 100 -5.91 -9.07 -6.58
N SER A 101 -6.76 -8.31 -7.23
CA SER A 101 -6.37 -7.01 -7.79
C SER A 101 -5.41 -6.29 -6.83
N MET A 102 -5.84 -6.12 -5.59
CA MET A 102 -5.03 -5.45 -4.58
C MET A 102 -3.61 -6.04 -4.54
N VAL A 103 -3.52 -7.30 -4.15
CA VAL A 103 -2.23 -7.97 -4.07
C VAL A 103 -1.42 -7.77 -5.35
N MET A 104 -1.96 -8.24 -6.47
CA MET A 104 -1.29 -8.11 -7.75
C MET A 104 -0.72 -6.70 -7.92
N TYR A 105 -1.55 -5.70 -7.72
CA TYR A 105 -1.13 -4.31 -7.85
C TYR A 105 0.00 -3.99 -6.87
N LEU A 106 -0.30 -4.10 -5.58
CA LEU A 106 0.69 -3.83 -4.54
C LEU A 106 2.04 -4.43 -4.90
N THR A 107 2.04 -5.71 -5.27
CA THR A 107 3.27 -6.40 -5.65
C THR A 107 4.23 -5.46 -6.36
N GLN A 108 3.74 -4.83 -7.43
CA GLN A 108 4.55 -3.90 -8.21
C GLN A 108 5.49 -3.11 -7.30
N PHE A 109 4.93 -2.52 -6.25
CA PHE A 109 5.72 -1.74 -5.31
C PHE A 109 6.80 -2.58 -4.65
N TYR A 110 6.39 -3.69 -4.04
CA TYR A 110 7.32 -4.59 -3.38
C TYR A 110 8.45 -4.99 -4.32
N GLU A 111 8.10 -5.58 -5.46
CA GLU A 111 9.08 -6.00 -6.43
C GLU A 111 10.10 -4.90 -6.71
N MET A 112 9.72 -3.67 -6.41
CA MET A 112 10.60 -2.52 -6.63
C MET A 112 11.39 -2.20 -5.37
N PHE A 113 10.81 -2.51 -4.21
CA PHE A 113 11.45 -2.26 -2.93
C PHE A 113 11.77 -3.57 -2.21
N LYS A 114 11.88 -4.64 -2.98
CA LYS A 114 12.18 -5.95 -2.43
C LYS A 114 13.67 -6.09 -2.13
N ASP A 115 14.50 -5.62 -3.05
CA ASP A 115 15.95 -5.68 -2.88
C ASP A 115 16.59 -4.32 -3.17
N SER A 116 15.95 -3.26 -2.69
CA SER A 116 16.45 -1.91 -2.90
C SER A 116 17.93 -1.82 -2.49
N GLY A 117 18.62 -0.84 -3.06
CA GLY A 117 20.03 -0.65 -2.75
C GLY A 117 20.36 -0.97 -1.31
N PRO A 118 21.58 -1.44 -1.06
CA PRO A 118 22.05 -1.80 0.28
C PRO A 118 22.23 -0.58 1.17
N SER A 119 22.42 0.57 0.55
CA SER A 119 22.62 1.82 1.28
C SER A 119 21.50 2.03 2.29
N SER A 120 21.75 1.66 3.54
CA SER A 120 20.76 1.80 4.60
C SER A 120 20.19 3.21 4.62
N GLY A 121 18.95 3.34 4.15
CA GLY A 121 18.30 4.64 4.12
C GLY A 121 19.23 5.73 3.62
N GLY A 1 6.84 -29.67 13.92
CA GLY A 1 7.06 -28.78 12.80
C GLY A 1 6.35 -29.23 11.54
N SER A 2 5.21 -28.60 11.25
CA SER A 2 4.43 -28.95 10.08
C SER A 2 4.48 -27.84 9.04
N SER A 3 5.09 -28.12 7.90
CA SER A 3 5.22 -27.15 6.82
C SER A 3 4.22 -27.43 5.71
N GLY A 4 3.01 -26.91 5.87
CA GLY A 4 1.98 -27.12 4.86
C GLY A 4 0.76 -27.83 5.42
N SER A 5 -0.07 -27.12 6.16
CA SER A 5 -1.26 -27.70 6.76
C SER A 5 -2.50 -26.88 6.40
N SER A 6 -3.39 -27.47 5.61
CA SER A 6 -4.61 -26.81 5.20
C SER A 6 -5.22 -26.01 6.35
N GLY A 7 -5.27 -24.69 6.19
CA GLY A 7 -5.83 -23.84 7.23
C GLY A 7 -4.76 -23.05 7.96
N VAL A 8 -5.16 -22.39 9.04
CA VAL A 8 -4.23 -21.58 9.84
C VAL A 8 -3.41 -20.66 8.94
N ALA A 9 -4.06 -20.07 7.94
CA ALA A 9 -3.38 -19.17 7.02
C ALA A 9 -2.76 -18.00 7.76
N ARG A 10 -1.73 -17.40 7.18
CA ARG A 10 -1.04 -16.27 7.78
C ARG A 10 -0.87 -15.13 6.78
N SER A 11 -0.31 -14.02 7.24
CA SER A 11 -0.10 -12.86 6.38
C SER A 11 0.48 -13.28 5.03
N SER A 12 -0.13 -12.79 3.95
CA SER A 12 0.31 -13.11 2.61
C SER A 12 1.76 -12.69 2.38
N LYS A 13 2.50 -13.49 1.63
CA LYS A 13 3.90 -13.20 1.34
C LYS A 13 4.11 -11.69 1.18
N LEU A 14 3.20 -11.05 0.47
CA LEU A 14 3.29 -9.61 0.22
C LEU A 14 2.93 -8.82 1.49
N LEU A 15 1.77 -9.13 2.06
CA LEU A 15 1.31 -8.45 3.27
C LEU A 15 2.46 -8.29 4.27
N GLY A 16 3.11 -9.41 4.59
CA GLY A 16 4.21 -9.37 5.53
C GLY A 16 5.15 -8.20 5.28
N TRP A 17 5.61 -8.06 4.04
CA TRP A 17 6.51 -6.97 3.68
C TRP A 17 5.96 -5.63 4.14
N CYS A 18 4.74 -5.31 3.72
CA CYS A 18 4.10 -4.06 4.09
C CYS A 18 4.03 -3.91 5.60
N GLN A 19 3.64 -5.00 6.28
CA GLN A 19 3.53 -4.98 7.73
C GLN A 19 4.85 -4.57 8.37
N ARG A 20 5.94 -5.16 7.90
CA ARG A 20 7.26 -4.85 8.44
C ARG A 20 7.69 -3.43 8.05
N GLN A 21 7.53 -3.10 6.78
CA GLN A 21 7.90 -1.78 6.29
C GLN A 21 7.04 -0.69 6.94
N THR A 22 5.74 -0.72 6.67
CA THR A 22 4.81 0.26 7.23
C THR A 22 5.06 0.45 8.71
N ASP A 23 5.37 -0.64 9.41
CA ASP A 23 5.62 -0.60 10.85
C ASP A 23 6.51 0.59 11.20
N GLY A 24 6.06 1.39 12.17
CA GLY A 24 6.82 2.56 12.58
C GLY A 24 6.06 3.85 12.38
N TYR A 25 5.28 3.91 11.31
CA TYR A 25 4.50 5.11 11.00
C TYR A 25 3.47 5.37 12.09
N ALA A 26 2.64 6.41 11.88
CA ALA A 26 1.61 6.77 12.84
C ALA A 26 0.23 6.55 12.27
N GLY A 27 -0.55 5.68 12.91
CA GLY A 27 -1.90 5.40 12.45
C GLY A 27 -1.91 4.63 11.15
N VAL A 28 -0.91 3.78 10.95
CA VAL A 28 -0.81 2.97 9.75
C VAL A 28 -0.72 1.48 10.08
N ASN A 29 -1.86 0.88 10.37
CA ASN A 29 -1.91 -0.54 10.70
C ASN A 29 -2.47 -1.36 9.54
N VAL A 30 -1.62 -2.20 8.95
CA VAL A 30 -2.02 -3.04 7.83
C VAL A 30 -2.32 -4.46 8.29
N THR A 31 -3.60 -4.81 8.32
CA THR A 31 -4.01 -6.15 8.75
C THR A 31 -4.40 -7.00 7.55
N ASP A 32 -4.93 -6.36 6.51
CA ASP A 32 -5.34 -7.07 5.30
C ASP A 32 -4.85 -6.34 4.05
N LEU A 33 -5.24 -6.84 2.89
CA LEU A 33 -4.85 -6.23 1.62
C LEU A 33 -6.07 -5.81 0.82
N THR A 34 -7.05 -5.23 1.51
CA THR A 34 -8.27 -4.77 0.86
C THR A 34 -8.66 -3.37 1.33
N MET A 35 -8.81 -3.22 2.64
CA MET A 35 -9.17 -1.93 3.23
C MET A 35 -7.94 -1.22 3.78
N SER A 36 -7.00 -1.99 4.30
CA SER A 36 -5.77 -1.43 4.86
C SER A 36 -5.22 -0.33 3.97
N TRP A 37 -5.56 -0.38 2.69
CA TRP A 37 -5.10 0.62 1.73
C TRP A 37 -6.22 1.59 1.38
N LYS A 38 -7.45 1.08 1.35
CA LYS A 38 -8.61 1.91 1.03
C LYS A 38 -8.44 3.33 1.57
N SER A 39 -7.89 3.43 2.78
CA SER A 39 -7.68 4.72 3.41
C SER A 39 -6.78 5.62 2.55
N GLY A 40 -5.57 5.13 2.29
CA GLY A 40 -4.63 5.89 1.47
C GLY A 40 -3.29 6.06 2.15
N LEU A 41 -3.31 6.30 3.46
CA LEU A 41 -2.08 6.49 4.22
C LEU A 41 -1.08 5.37 3.93
N ALA A 42 -1.46 4.14 4.28
CA ALA A 42 -0.60 2.98 4.06
C ALA A 42 0.18 3.13 2.75
N LEU A 43 -0.55 3.19 1.63
CA LEU A 43 0.07 3.32 0.32
C LEU A 43 1.05 4.48 0.29
N CYS A 44 0.69 5.56 0.99
CA CYS A 44 1.55 6.74 1.05
C CYS A 44 2.78 6.48 1.90
N ALA A 45 2.62 5.65 2.94
CA ALA A 45 3.72 5.32 3.83
C ALA A 45 4.77 4.48 3.11
N ILE A 46 4.37 3.85 2.02
CA ILE A 46 5.28 3.01 1.24
C ILE A 46 6.27 3.86 0.45
N ILE A 47 5.75 4.70 -0.43
CA ILE A 47 6.59 5.58 -1.24
C ILE A 47 7.48 6.45 -0.36
N HIS A 48 6.90 7.01 0.70
CA HIS A 48 7.64 7.87 1.61
C HIS A 48 8.71 7.07 2.36
N ARG A 49 8.31 5.95 2.93
CA ARG A 49 9.23 5.10 3.68
C ARG A 49 10.62 5.12 3.05
N TYR A 50 10.68 4.94 1.74
CA TYR A 50 11.95 4.94 1.02
C TYR A 50 12.26 6.32 0.47
N ARG A 51 11.29 6.92 -0.23
CA ARG A 51 11.46 8.24 -0.80
C ARG A 51 10.38 9.20 -0.31
N PRO A 52 10.70 9.97 0.74
CA PRO A 52 9.76 10.93 1.34
C PRO A 52 9.50 12.12 0.41
N ASP A 53 10.39 12.32 -0.56
CA ASP A 53 10.25 13.43 -1.50
C ASP A 53 9.07 13.20 -2.44
N LEU A 54 9.14 12.12 -3.22
CA LEU A 54 8.07 11.80 -4.15
C LEU A 54 6.71 12.09 -3.55
N ILE A 55 6.45 11.51 -2.37
CA ILE A 55 5.17 11.72 -1.69
C ILE A 55 5.39 12.33 -0.31
N ASP A 56 4.58 13.33 0.02
CA ASP A 56 4.68 14.00 1.31
C ASP A 56 3.56 13.54 2.25
N PHE A 57 3.87 12.55 3.09
CA PHE A 57 2.90 12.02 4.03
C PHE A 57 2.51 13.08 5.07
N ASP A 58 3.52 13.73 5.63
CA ASP A 58 3.29 14.76 6.64
C ASP A 58 2.21 15.74 6.20
N SER A 59 2.30 16.18 4.95
CA SER A 59 1.33 17.11 4.39
C SER A 59 -0.05 16.45 4.26
N LEU A 60 -0.05 15.21 3.79
CA LEU A 60 -1.30 14.48 3.62
C LEU A 60 -2.07 14.38 4.93
N ASP A 61 -3.35 14.03 4.83
CA ASP A 61 -4.20 13.91 6.02
C ASP A 61 -5.10 12.69 5.90
N GLU A 62 -5.16 11.90 6.97
CA GLU A 62 -5.99 10.70 6.99
C GLU A 62 -7.41 11.02 6.55
N GLN A 63 -7.85 12.25 6.81
CA GLN A 63 -9.19 12.68 6.43
C GLN A 63 -9.40 12.54 4.93
N ASN A 64 -8.45 13.05 4.15
CA ASN A 64 -8.54 13.00 2.70
C ASN A 64 -8.30 11.57 2.20
N VAL A 65 -9.29 10.71 2.41
CA VAL A 65 -9.21 9.32 1.97
C VAL A 65 -8.98 9.23 0.47
N GLU A 66 -9.89 9.83 -0.29
CA GLU A 66 -9.80 9.82 -1.75
C GLU A 66 -8.46 10.41 -2.22
N LYS A 67 -8.14 11.59 -1.70
CA LYS A 67 -6.90 12.26 -2.06
C LYS A 67 -5.69 11.37 -1.80
N ASN A 68 -5.43 11.11 -0.52
CA ASN A 68 -4.29 10.26 -0.14
C ASN A 68 -4.10 9.13 -1.15
N ASN A 69 -5.20 8.68 -1.75
CA ASN A 69 -5.14 7.61 -2.73
C ASN A 69 -4.78 8.15 -4.11
N GLN A 70 -5.63 9.04 -4.64
CA GLN A 70 -5.41 9.63 -5.95
C GLN A 70 -3.95 10.04 -6.11
N LEU A 71 -3.41 10.70 -5.09
CA LEU A 71 -2.02 11.16 -5.11
C LEU A 71 -1.08 10.02 -5.51
N ALA A 72 -0.91 9.07 -4.60
CA ALA A 72 -0.04 7.92 -4.84
C ALA A 72 -0.26 7.36 -6.24
N PHE A 73 -1.50 6.97 -6.53
CA PHE A 73 -1.84 6.41 -7.83
C PHE A 73 -1.20 7.23 -8.96
N ASP A 74 -0.99 8.51 -8.70
CA ASP A 74 -0.39 9.40 -9.69
C ASP A 74 1.12 9.46 -9.52
N ILE A 75 1.57 9.91 -8.35
CA ILE A 75 2.99 10.02 -8.06
C ILE A 75 3.72 8.74 -8.45
N ALA A 76 3.20 7.61 -8.00
CA ALA A 76 3.81 6.31 -8.31
C ALA A 76 4.11 6.19 -9.79
N GLU A 77 3.07 6.14 -10.61
CA GLU A 77 3.24 6.02 -12.06
C GLU A 77 4.13 7.15 -12.60
N LYS A 78 3.99 8.33 -12.01
CA LYS A 78 4.78 9.48 -12.43
C LYS A 78 6.27 9.19 -12.34
N GLU A 79 6.71 8.70 -11.18
CA GLU A 79 8.11 8.37 -10.96
C GLU A 79 8.33 6.86 -11.02
N LEU A 80 7.81 6.17 -10.01
CA LEU A 80 7.96 4.71 -9.94
C LEU A 80 7.65 4.07 -11.28
N GLY A 81 6.65 4.60 -11.97
CA GLY A 81 6.28 4.07 -13.28
C GLY A 81 5.19 3.03 -13.18
N ILE A 82 4.61 2.88 -11.99
CA ILE A 82 3.54 1.91 -11.77
C ILE A 82 2.17 2.52 -12.06
N SER A 83 1.45 1.90 -13.00
CA SER A 83 0.13 2.39 -13.38
C SER A 83 -0.92 1.93 -12.37
N PRO A 84 -1.74 2.88 -11.91
CA PRO A 84 -2.80 2.59 -10.93
C PRO A 84 -3.94 1.77 -11.53
N ILE A 85 -4.38 0.76 -10.79
CA ILE A 85 -5.46 -0.11 -11.25
C ILE A 85 -6.81 0.58 -11.12
N MET A 86 -6.87 1.61 -10.28
CA MET A 86 -8.10 2.35 -10.06
C MET A 86 -7.79 3.81 -9.70
N THR A 87 -8.84 4.62 -9.59
CA THR A 87 -8.70 6.03 -9.25
C THR A 87 -9.22 6.32 -7.86
N GLY A 88 -8.53 7.20 -7.14
CA GLY A 88 -8.93 7.56 -5.79
C GLY A 88 -10.44 7.56 -5.63
N LYS A 89 -11.13 8.25 -6.53
CA LYS A 89 -12.59 8.32 -6.47
C LYS A 89 -13.20 6.93 -6.40
N GLU A 90 -12.81 6.05 -7.31
CA GLU A 90 -13.32 4.68 -7.33
C GLU A 90 -12.97 3.95 -6.04
N MET A 91 -11.82 4.28 -5.48
CA MET A 91 -11.36 3.65 -4.23
C MET A 91 -12.22 4.10 -3.06
N ALA A 92 -12.53 5.39 -3.01
CA ALA A 92 -13.34 5.95 -1.94
C ALA A 92 -14.81 5.56 -2.10
N SER A 93 -15.24 5.40 -3.35
CA SER A 93 -16.61 5.04 -3.65
C SER A 93 -16.86 3.56 -3.37
N VAL A 94 -16.05 2.70 -3.97
CA VAL A 94 -16.18 1.27 -3.79
C VAL A 94 -16.16 0.90 -2.31
N GLY A 95 -16.86 -0.17 -1.95
CA GLY A 95 -16.92 -0.61 -0.57
C GLY A 95 -15.70 -1.43 -0.18
N GLU A 96 -15.27 -2.32 -1.07
CA GLU A 96 -14.11 -3.17 -0.80
C GLU A 96 -13.50 -3.67 -2.10
N PRO A 97 -12.19 -3.47 -2.26
CA PRO A 97 -11.46 -3.90 -3.46
C PRO A 97 -11.32 -5.41 -3.55
N ASP A 98 -10.86 -5.90 -4.69
CA ASP A 98 -10.69 -7.33 -4.90
C ASP A 98 -9.29 -7.78 -4.47
N LYS A 99 -9.24 -8.68 -3.49
CA LYS A 99 -7.97 -9.18 -2.99
C LYS A 99 -6.96 -9.36 -4.12
N LEU A 100 -7.31 -10.21 -5.09
CA LEU A 100 -6.44 -10.47 -6.23
C LEU A 100 -5.91 -9.16 -6.82
N SER A 101 -6.81 -8.38 -7.41
CA SER A 101 -6.44 -7.11 -8.02
C SER A 101 -5.46 -6.35 -7.13
N MET A 102 -5.84 -6.16 -5.87
CA MET A 102 -5.00 -5.45 -4.91
C MET A 102 -3.61 -6.08 -4.85
N VAL A 103 -3.55 -7.32 -4.39
CA VAL A 103 -2.28 -8.03 -4.28
C VAL A 103 -1.43 -7.84 -5.52
N MET A 104 -1.93 -8.33 -6.66
CA MET A 104 -1.21 -8.20 -7.92
C MET A 104 -0.60 -6.82 -8.06
N TYR A 105 -1.44 -5.79 -7.93
CA TYR A 105 -0.99 -4.41 -8.05
C TYR A 105 0.10 -4.10 -7.04
N LEU A 106 -0.26 -4.15 -5.76
CA LEU A 106 0.69 -3.87 -4.68
C LEU A 106 2.04 -4.52 -4.97
N THR A 107 2.02 -5.81 -5.30
CA THR A 107 3.24 -6.54 -5.60
C THR A 107 4.25 -5.65 -6.32
N GLN A 108 3.77 -4.91 -7.31
CA GLN A 108 4.63 -4.02 -8.09
C GLN A 108 5.55 -3.22 -7.16
N PHE A 109 4.97 -2.58 -6.16
CA PHE A 109 5.73 -1.77 -5.21
C PHE A 109 6.75 -2.63 -4.48
N TYR A 110 6.33 -3.80 -4.01
CA TYR A 110 7.20 -4.71 -3.30
C TYR A 110 8.38 -5.14 -4.17
N GLU A 111 8.07 -5.81 -5.28
CA GLU A 111 9.10 -6.27 -6.20
C GLU A 111 10.04 -5.13 -6.59
N MET A 112 9.59 -3.90 -6.34
CA MET A 112 10.40 -2.73 -6.66
C MET A 112 11.33 -2.38 -5.51
N PHE A 113 10.86 -2.56 -4.29
CA PHE A 113 11.65 -2.27 -3.10
C PHE A 113 11.87 -3.53 -2.26
N LYS A 114 12.01 -4.66 -2.93
CA LYS A 114 12.22 -5.93 -2.25
C LYS A 114 13.70 -6.16 -1.96
N ASP A 115 14.54 -5.73 -2.89
CA ASP A 115 15.98 -5.88 -2.74
C ASP A 115 16.54 -4.84 -1.77
N SER A 116 16.12 -3.59 -1.95
CA SER A 116 16.57 -2.51 -1.10
C SER A 116 16.74 -2.96 0.34
N GLY A 117 15.73 -3.64 0.86
CA GLY A 117 15.78 -4.13 2.23
C GLY A 117 16.88 -5.16 2.43
N PRO A 118 17.11 -5.54 3.69
CA PRO A 118 18.14 -6.52 4.05
C PRO A 118 17.77 -7.93 3.59
N SER A 119 16.51 -8.29 3.79
CA SER A 119 16.02 -9.61 3.42
C SER A 119 16.25 -9.86 1.92
N SER A 120 16.70 -11.07 1.60
CA SER A 120 16.97 -11.44 0.21
C SER A 120 15.67 -11.71 -0.54
N GLY A 121 15.77 -11.85 -1.86
CA GLY A 121 14.59 -12.11 -2.67
C GLY A 121 14.89 -12.02 -4.15
N GLY A 1 -2.28 -18.12 15.29
CA GLY A 1 -1.11 -18.98 15.41
C GLY A 1 0.08 -18.25 16.01
N SER A 2 0.85 -18.97 16.81
CA SER A 2 2.02 -18.38 17.47
C SER A 2 3.06 -17.94 16.43
N SER A 3 3.51 -18.88 15.61
CA SER A 3 4.51 -18.58 14.58
C SER A 3 3.82 -18.11 13.29
N GLY A 4 2.94 -18.97 12.76
CA GLY A 4 2.23 -18.63 11.54
C GLY A 4 1.83 -19.86 10.75
N SER A 5 1.36 -19.64 9.53
CA SER A 5 0.93 -20.75 8.67
C SER A 5 1.88 -20.91 7.49
N SER A 6 1.73 -22.02 6.76
CA SER A 6 2.58 -22.30 5.62
C SER A 6 1.73 -22.58 4.37
N GLY A 7 2.11 -21.94 3.27
CA GLY A 7 1.38 -22.13 2.02
C GLY A 7 -0.12 -21.88 2.19
N VAL A 8 -0.46 -20.77 2.82
CA VAL A 8 -1.86 -20.43 3.05
C VAL A 8 -2.14 -18.97 2.67
N ALA A 9 -3.24 -18.75 1.97
CA ALA A 9 -3.62 -17.41 1.55
C ALA A 9 -3.25 -16.37 2.60
N ARG A 10 -3.71 -16.59 3.83
CA ARG A 10 -3.42 -15.68 4.93
C ARG A 10 -1.93 -15.35 4.99
N SER A 11 -1.60 -14.25 5.65
CA SER A 11 -0.21 -13.82 5.77
C SER A 11 0.52 -13.93 4.43
N SER A 12 -0.06 -13.31 3.40
CA SER A 12 0.54 -13.34 2.07
C SER A 12 1.96 -12.80 2.10
N LYS A 13 2.88 -13.53 1.46
CA LYS A 13 4.27 -13.12 1.42
C LYS A 13 4.39 -11.60 1.26
N LEU A 14 3.59 -11.04 0.37
CA LEU A 14 3.59 -9.60 0.13
C LEU A 14 3.12 -8.84 1.36
N LEU A 15 1.91 -9.16 1.82
CA LEU A 15 1.34 -8.52 3.00
C LEU A 15 2.42 -8.18 4.02
N GLY A 16 3.11 -9.21 4.51
CA GLY A 16 4.16 -9.00 5.48
C GLY A 16 4.99 -7.77 5.18
N TRP A 17 5.73 -7.81 4.07
CA TRP A 17 6.58 -6.69 3.68
C TRP A 17 5.94 -5.36 4.07
N CYS A 18 4.68 -5.18 3.69
CA CYS A 18 3.96 -3.95 4.00
C CYS A 18 3.90 -3.72 5.51
N GLN A 19 3.53 -4.75 6.25
CA GLN A 19 3.44 -4.66 7.70
C GLN A 19 4.79 -4.29 8.31
N ARG A 20 5.82 -5.03 7.93
CA ARG A 20 7.17 -4.78 8.43
C ARG A 20 7.63 -3.37 8.09
N GLN A 21 7.52 -3.01 6.82
CA GLN A 21 7.93 -1.68 6.36
C GLN A 21 7.05 -0.60 6.98
N THR A 22 5.76 -0.63 6.67
CA THR A 22 4.82 0.35 7.21
C THR A 22 5.03 0.55 8.70
N ASP A 23 5.35 -0.53 9.41
CA ASP A 23 5.57 -0.48 10.85
C ASP A 23 6.46 0.71 11.20
N GLY A 24 5.96 1.57 12.09
CA GLY A 24 6.73 2.73 12.50
C GLY A 24 5.98 4.03 12.30
N TYR A 25 5.06 4.04 11.33
CA TYR A 25 4.27 5.22 11.03
C TYR A 25 3.25 5.49 12.13
N ALA A 26 2.42 6.51 11.94
CA ALA A 26 1.39 6.86 12.91
C ALA A 26 0.00 6.71 12.31
N GLY A 27 -0.74 5.72 12.78
CA GLY A 27 -2.09 5.49 12.28
C GLY A 27 -2.09 4.65 11.01
N VAL A 28 -1.01 3.92 10.77
CA VAL A 28 -0.90 3.08 9.58
C VAL A 28 -0.73 1.62 9.97
N ASN A 29 -1.79 1.02 10.49
CA ASN A 29 -1.76 -0.38 10.90
C ASN A 29 -2.27 -1.29 9.78
N VAL A 30 -1.36 -2.01 9.15
CA VAL A 30 -1.71 -2.91 8.05
C VAL A 30 -2.13 -4.28 8.59
N THR A 31 -3.43 -4.53 8.60
CA THR A 31 -3.96 -5.81 9.08
C THR A 31 -4.72 -6.54 8.00
N ASP A 32 -4.97 -5.85 6.89
CA ASP A 32 -5.69 -6.44 5.77
C ASP A 32 -5.10 -5.99 4.43
N LEU A 33 -5.56 -6.59 3.35
CA LEU A 33 -5.06 -6.26 2.02
C LEU A 33 -6.19 -5.70 1.15
N THR A 34 -7.26 -5.26 1.79
CA THR A 34 -8.40 -4.70 1.07
C THR A 34 -8.67 -3.26 1.51
N MET A 35 -9.24 -3.10 2.70
CA MET A 35 -9.55 -1.78 3.23
C MET A 35 -8.29 -1.11 3.79
N SER A 36 -7.43 -1.91 4.41
CA SER A 36 -6.19 -1.40 4.99
C SER A 36 -5.57 -0.34 4.09
N TRP A 37 -5.79 -0.48 2.79
CA TRP A 37 -5.25 0.47 1.81
C TRP A 37 -6.32 1.45 1.35
N LYS A 38 -7.58 1.05 1.46
CA LYS A 38 -8.69 1.89 1.06
C LYS A 38 -8.52 3.32 1.59
N SER A 39 -7.90 3.42 2.76
CA SER A 39 -7.67 4.72 3.39
C SER A 39 -6.75 5.58 2.53
N GLY A 40 -5.61 5.03 2.15
CA GLY A 40 -4.66 5.76 1.34
C GLY A 40 -3.33 5.97 2.04
N LEU A 41 -3.37 6.20 3.33
CA LEU A 41 -2.17 6.42 4.12
C LEU A 41 -1.14 5.32 3.85
N ALA A 42 -1.48 4.10 4.23
CA ALA A 42 -0.61 2.96 4.02
C ALA A 42 0.21 3.11 2.73
N LEU A 43 -0.48 3.03 1.60
CA LEU A 43 0.16 3.16 0.30
C LEU A 43 1.13 4.34 0.29
N CYS A 44 0.71 5.44 0.90
CA CYS A 44 1.54 6.64 0.96
C CYS A 44 2.81 6.40 1.79
N ALA A 45 2.64 5.69 2.91
CA ALA A 45 3.75 5.38 3.79
C ALA A 45 4.74 4.45 3.12
N ILE A 46 4.30 3.80 2.03
CA ILE A 46 5.16 2.88 1.29
C ILE A 46 6.13 3.64 0.39
N ILE A 47 5.60 4.57 -0.39
CA ILE A 47 6.42 5.37 -1.30
C ILE A 47 7.37 6.27 -0.53
N HIS A 48 6.88 6.86 0.57
CA HIS A 48 7.68 7.75 1.40
C HIS A 48 8.75 6.95 2.16
N ARG A 49 8.34 5.83 2.72
CA ARG A 49 9.26 4.98 3.48
C ARG A 49 10.65 5.01 2.87
N TYR A 50 10.71 4.88 1.54
CA TYR A 50 11.98 4.88 0.83
C TYR A 50 12.27 6.26 0.23
N ARG A 51 11.28 6.82 -0.45
CA ARG A 51 11.42 8.12 -1.08
C ARG A 51 10.33 9.08 -0.59
N PRO A 52 10.67 9.88 0.43
CA PRO A 52 9.73 10.86 1.01
C PRO A 52 9.44 12.02 0.06
N ASP A 53 10.42 12.34 -0.78
CA ASP A 53 10.27 13.43 -1.74
C ASP A 53 9.05 13.22 -2.62
N LEU A 54 8.98 12.05 -3.27
CA LEU A 54 7.87 11.72 -4.14
C LEU A 54 6.53 12.01 -3.46
N ILE A 55 6.27 11.32 -2.36
CA ILE A 55 5.03 11.51 -1.62
C ILE A 55 5.31 12.03 -0.21
N ASP A 56 4.57 13.07 0.19
CA ASP A 56 4.74 13.67 1.50
C ASP A 56 3.66 13.18 2.46
N PHE A 57 4.05 12.32 3.39
CA PHE A 57 3.11 11.77 4.36
C PHE A 57 2.81 12.79 5.45
N ASP A 58 3.78 13.63 5.76
CA ASP A 58 3.63 14.65 6.79
C ASP A 58 2.45 15.57 6.46
N SER A 59 2.40 16.03 5.22
CA SER A 59 1.33 16.92 4.77
C SER A 59 0.00 16.18 4.69
N LEU A 60 0.03 14.99 4.09
CA LEU A 60 -1.18 14.18 3.94
C LEU A 60 -1.91 14.06 5.28
N ASP A 61 -3.24 13.93 5.20
CA ASP A 61 -4.06 13.81 6.41
C ASP A 61 -4.75 12.45 6.44
N GLU A 62 -5.14 12.02 7.65
CA GLU A 62 -5.81 10.74 7.82
C GLU A 62 -7.30 10.85 7.48
N GLN A 63 -7.79 12.08 7.41
CA GLN A 63 -9.19 12.33 7.09
C GLN A 63 -9.43 12.26 5.59
N ASN A 64 -8.40 12.60 4.82
CA ASN A 64 -8.51 12.58 3.36
C ASN A 64 -8.22 11.18 2.81
N VAL A 65 -9.23 10.59 2.18
CA VAL A 65 -9.09 9.26 1.62
C VAL A 65 -8.84 9.32 0.11
N GLU A 66 -9.84 9.79 -0.63
CA GLU A 66 -9.72 9.90 -2.08
C GLU A 66 -8.41 10.59 -2.47
N LYS A 67 -7.96 11.52 -1.62
CA LYS A 67 -6.73 12.26 -1.88
C LYS A 67 -5.52 11.34 -1.76
N ASN A 68 -5.21 10.93 -0.53
CA ASN A 68 -4.07 10.05 -0.28
C ASN A 68 -3.96 8.98 -1.37
N ASN A 69 -5.11 8.57 -1.90
CA ASN A 69 -5.15 7.55 -2.95
C ASN A 69 -4.80 8.16 -4.31
N GLN A 70 -5.62 9.11 -4.75
CA GLN A 70 -5.40 9.77 -6.03
C GLN A 70 -3.95 10.22 -6.18
N LEU A 71 -3.36 10.65 -5.07
CA LEU A 71 -1.97 11.10 -5.07
C LEU A 71 -1.03 9.96 -5.46
N ALA A 72 -0.91 8.98 -4.57
CA ALA A 72 -0.04 7.83 -4.81
C ALA A 72 -0.22 7.30 -6.22
N PHE A 73 -1.47 7.07 -6.61
CA PHE A 73 -1.78 6.56 -7.94
C PHE A 73 -1.13 7.41 -9.02
N ASP A 74 -0.94 8.69 -8.72
CA ASP A 74 -0.33 9.62 -9.66
C ASP A 74 1.19 9.63 -9.50
N ILE A 75 1.66 9.96 -8.30
CA ILE A 75 3.09 10.00 -8.02
C ILE A 75 3.77 8.70 -8.43
N ALA A 76 3.20 7.58 -8.00
CA ALA A 76 3.75 6.27 -8.32
C ALA A 76 4.11 6.17 -9.80
N GLU A 77 3.09 6.13 -10.66
CA GLU A 77 3.29 6.04 -12.09
C GLU A 77 4.13 7.22 -12.60
N LYS A 78 3.90 8.39 -12.03
CA LYS A 78 4.63 9.59 -12.43
C LYS A 78 6.14 9.33 -12.40
N GLU A 79 6.62 8.77 -11.31
CA GLU A 79 8.04 8.47 -11.17
C GLU A 79 8.29 6.96 -11.22
N LEU A 80 7.77 6.26 -10.22
CA LEU A 80 7.95 4.81 -10.14
C LEU A 80 7.56 4.15 -11.46
N GLY A 81 6.46 4.61 -12.05
CA GLY A 81 6.01 4.06 -13.31
C GLY A 81 4.89 3.04 -13.13
N ILE A 82 4.70 2.59 -11.90
CA ILE A 82 3.66 1.62 -11.60
C ILE A 82 2.27 2.18 -11.89
N SER A 83 1.74 1.84 -13.07
CA SER A 83 0.43 2.32 -13.48
C SER A 83 -0.64 1.87 -12.49
N PRO A 84 -1.52 2.81 -12.10
CA PRO A 84 -2.59 2.54 -11.15
C PRO A 84 -3.68 1.65 -11.76
N ILE A 85 -4.39 0.91 -10.91
CA ILE A 85 -5.45 0.03 -11.35
C ILE A 85 -6.81 0.69 -11.21
N MET A 86 -6.90 1.67 -10.31
CA MET A 86 -8.14 2.39 -10.08
C MET A 86 -7.87 3.85 -9.75
N THR A 87 -8.93 4.66 -9.75
CA THR A 87 -8.81 6.08 -9.46
C THR A 87 -9.15 6.37 -8.00
N GLY A 88 -8.49 7.37 -7.44
CA GLY A 88 -8.73 7.73 -6.05
C GLY A 88 -10.20 7.76 -5.71
N LYS A 89 -11.00 8.40 -6.54
CA LYS A 89 -12.44 8.50 -6.33
C LYS A 89 -13.08 7.12 -6.37
N GLU A 90 -12.64 6.29 -7.31
CA GLU A 90 -13.17 4.94 -7.46
C GLU A 90 -12.83 4.08 -6.25
N MET A 91 -11.76 4.46 -5.55
CA MET A 91 -11.32 3.72 -4.37
C MET A 91 -12.17 4.08 -3.16
N ALA A 92 -12.58 5.35 -3.08
CA ALA A 92 -13.40 5.83 -1.97
C ALA A 92 -14.87 5.48 -2.20
N SER A 93 -15.24 5.25 -3.45
CA SER A 93 -16.61 4.91 -3.81
C SER A 93 -16.89 3.44 -3.55
N VAL A 94 -15.96 2.59 -3.97
CA VAL A 94 -16.10 1.15 -3.80
C VAL A 94 -16.16 0.77 -2.32
N GLY A 95 -16.90 -0.29 -2.02
CA GLY A 95 -17.03 -0.73 -0.64
C GLY A 95 -15.85 -1.58 -0.19
N GLU A 96 -15.26 -2.30 -1.14
CA GLU A 96 -14.12 -3.16 -0.83
C GLU A 96 -13.48 -3.69 -2.11
N PRO A 97 -12.16 -3.47 -2.24
CA PRO A 97 -11.40 -3.93 -3.42
C PRO A 97 -11.26 -5.44 -3.48
N ASP A 98 -10.81 -5.94 -4.63
CA ASP A 98 -10.63 -7.38 -4.81
C ASP A 98 -9.26 -7.83 -4.33
N LYS A 99 -9.23 -8.77 -3.40
CA LYS A 99 -7.97 -9.28 -2.86
C LYS A 99 -6.93 -9.41 -3.96
N LEU A 100 -7.23 -10.22 -4.97
CA LEU A 100 -6.32 -10.44 -6.08
C LEU A 100 -5.85 -9.11 -6.67
N SER A 101 -6.76 -8.44 -7.38
CA SER A 101 -6.45 -7.16 -8.00
C SER A 101 -5.51 -6.34 -7.11
N MET A 102 -5.83 -6.30 -5.82
CA MET A 102 -5.02 -5.56 -4.85
C MET A 102 -3.62 -6.13 -4.77
N VAL A 103 -3.51 -7.39 -4.39
CA VAL A 103 -2.22 -8.05 -4.27
C VAL A 103 -1.37 -7.83 -5.52
N MET A 104 -1.90 -8.24 -6.67
CA MET A 104 -1.19 -8.08 -7.93
C MET A 104 -0.58 -6.69 -8.05
N TYR A 105 -1.41 -5.66 -7.82
CA TYR A 105 -0.95 -4.28 -7.90
C TYR A 105 0.12 -4.00 -6.86
N LEU A 106 -0.24 -4.16 -5.59
CA LEU A 106 0.70 -3.93 -4.51
C LEU A 106 2.07 -4.54 -4.80
N THR A 107 2.05 -5.77 -5.32
CA THR A 107 3.28 -6.48 -5.65
C THR A 107 4.25 -5.56 -6.38
N GLN A 108 3.77 -4.88 -7.40
CA GLN A 108 4.60 -3.96 -8.19
C GLN A 108 5.52 -3.16 -7.28
N PHE A 109 4.93 -2.49 -6.29
CA PHE A 109 5.70 -1.68 -5.35
C PHE A 109 6.72 -2.54 -4.60
N TYR A 110 6.24 -3.61 -3.99
CA TYR A 110 7.11 -4.51 -3.23
C TYR A 110 8.30 -4.94 -4.07
N GLU A 111 8.02 -5.65 -5.16
CA GLU A 111 9.07 -6.14 -6.05
C GLU A 111 10.13 -5.06 -6.27
N MET A 112 9.69 -3.81 -6.38
CA MET A 112 10.60 -2.69 -6.60
C MET A 112 11.42 -2.41 -5.34
N PHE A 113 10.75 -2.37 -4.19
CA PHE A 113 11.42 -2.11 -2.93
C PHE A 113 11.55 -3.40 -2.11
N LYS A 114 11.73 -4.51 -2.81
CA LYS A 114 11.87 -5.80 -2.14
C LYS A 114 13.24 -5.94 -1.49
N ASP A 115 14.28 -5.57 -2.24
CA ASP A 115 15.65 -5.64 -1.73
C ASP A 115 16.37 -4.32 -1.92
N SER A 116 15.71 -3.23 -1.55
CA SER A 116 16.28 -1.89 -1.68
C SER A 116 17.04 -1.50 -0.42
N GLY A 117 16.44 -1.82 0.73
CA GLY A 117 17.07 -1.48 2.00
C GLY A 117 17.28 0.01 2.16
N PRO A 118 17.20 0.48 3.42
CA PRO A 118 17.37 1.90 3.74
C PRO A 118 18.82 2.36 3.57
N SER A 119 19.75 1.60 4.16
CA SER A 119 21.17 1.93 4.07
C SER A 119 22.02 0.74 4.50
N SER A 120 23.28 0.74 4.05
CA SER A 120 24.20 -0.34 4.37
C SER A 120 24.68 -0.23 5.82
N GLY A 121 24.09 -1.03 6.70
CA GLY A 121 24.47 -1.01 8.10
C GLY A 121 24.14 -2.31 8.81
N GLY A 1 2.02 -27.05 13.54
CA GLY A 1 0.80 -27.74 13.12
C GLY A 1 0.73 -27.92 11.61
N SER A 2 -0.03 -27.05 10.96
CA SER A 2 -0.19 -27.12 9.50
C SER A 2 -0.31 -28.58 9.05
N SER A 3 -1.08 -29.36 9.79
CA SER A 3 -1.28 -30.77 9.46
C SER A 3 -2.35 -30.92 8.38
N GLY A 4 -2.00 -31.63 7.31
CA GLY A 4 -2.95 -31.85 6.23
C GLY A 4 -2.54 -31.13 4.95
N SER A 5 -3.22 -30.03 4.65
CA SER A 5 -2.93 -29.27 3.44
C SER A 5 -1.65 -28.45 3.61
N SER A 6 -1.00 -28.14 2.49
CA SER A 6 0.24 -27.37 2.52
C SER A 6 -0.05 -25.88 2.48
N GLY A 7 -1.09 -25.50 1.74
CA GLY A 7 -1.45 -24.09 1.63
C GLY A 7 -2.21 -23.60 2.85
N VAL A 8 -2.22 -22.28 3.04
CA VAL A 8 -2.92 -21.69 4.17
C VAL A 8 -3.41 -20.28 3.84
N ALA A 9 -4.27 -19.75 4.68
CA ALA A 9 -4.83 -18.41 4.48
C ALA A 9 -4.22 -17.41 5.45
N ARG A 10 -2.91 -17.50 5.64
CA ARG A 10 -2.20 -16.60 6.54
C ARG A 10 -1.63 -15.40 5.78
N SER A 11 -1.03 -14.48 6.52
CA SER A 11 -0.45 -13.28 5.92
C SER A 11 0.24 -13.62 4.59
N SER A 12 -0.30 -13.08 3.50
CA SER A 12 0.25 -13.32 2.17
C SER A 12 1.70 -12.83 2.08
N LYS A 13 2.54 -13.60 1.41
CA LYS A 13 3.94 -13.25 1.24
C LYS A 13 4.10 -11.74 1.07
N LEU A 14 3.30 -11.16 0.18
CA LEU A 14 3.35 -9.73 -0.08
C LEU A 14 3.03 -8.93 1.17
N LEU A 15 1.85 -9.18 1.74
CA LEU A 15 1.43 -8.48 2.95
C LEU A 15 2.58 -8.38 3.96
N GLY A 16 3.16 -9.53 4.29
CA GLY A 16 4.26 -9.55 5.23
C GLY A 16 5.19 -8.36 5.08
N TRP A 17 5.72 -8.19 3.88
CA TRP A 17 6.63 -7.08 3.59
C TRP A 17 6.06 -5.76 4.12
N CYS A 18 4.94 -5.34 3.54
CA CYS A 18 4.29 -4.10 3.94
C CYS A 18 4.27 -3.97 5.47
N GLN A 19 3.70 -4.97 6.13
CA GLN A 19 3.61 -4.96 7.59
C GLN A 19 4.95 -4.56 8.22
N ARG A 20 6.03 -5.09 7.65
CA ARG A 20 7.37 -4.78 8.15
C ARG A 20 7.80 -3.37 7.76
N GLN A 21 7.58 -3.02 6.50
CA GLN A 21 7.94 -1.70 6.00
C GLN A 21 7.11 -0.62 6.67
N THR A 22 5.80 -0.65 6.41
CA THR A 22 4.89 0.34 7.00
C THR A 22 5.15 0.51 8.48
N ASP A 23 5.58 -0.56 9.14
CA ASP A 23 5.86 -0.53 10.57
C ASP A 23 6.63 0.74 10.94
N GLY A 24 6.01 1.57 11.77
CA GLY A 24 6.65 2.81 12.19
C GLY A 24 5.73 4.00 12.07
N TYR A 25 4.91 4.02 11.04
CA TYR A 25 3.97 5.12 10.82
C TYR A 25 2.80 5.04 11.79
N ALA A 26 2.32 6.20 12.22
CA ALA A 26 1.20 6.28 13.16
C ALA A 26 -0.14 6.28 12.42
N GLY A 27 -1.01 5.36 12.80
CA GLY A 27 -2.32 5.27 12.16
C GLY A 27 -2.31 4.36 10.95
N VAL A 28 -1.12 4.09 10.42
CA VAL A 28 -0.98 3.23 9.25
C VAL A 28 -0.84 1.76 9.66
N ASN A 29 -1.87 1.24 10.31
CA ASN A 29 -1.87 -0.15 10.75
C ASN A 29 -2.41 -1.07 9.66
N VAL A 30 -1.49 -1.63 8.87
CA VAL A 30 -1.86 -2.54 7.79
C VAL A 30 -2.20 -3.92 8.33
N THR A 31 -3.49 -4.16 8.58
CA THR A 31 -3.94 -5.44 9.09
C THR A 31 -4.33 -6.39 7.95
N ASP A 32 -4.93 -5.84 6.91
CA ASP A 32 -5.34 -6.62 5.76
C ASP A 32 -4.89 -5.97 4.45
N LEU A 33 -5.22 -6.61 3.34
CA LEU A 33 -4.85 -6.09 2.02
C LEU A 33 -6.08 -5.65 1.25
N THR A 34 -7.00 -4.98 1.94
CA THR A 34 -8.23 -4.49 1.31
C THR A 34 -8.52 -3.06 1.72
N MET A 35 -8.89 -2.87 2.98
CA MET A 35 -9.20 -1.54 3.49
C MET A 35 -7.92 -0.80 3.90
N SER A 36 -7.00 -1.53 4.51
CA SER A 36 -5.74 -0.95 4.96
C SER A 36 -5.19 0.02 3.93
N TRP A 37 -5.57 -0.18 2.67
CA TRP A 37 -5.12 0.68 1.58
C TRP A 37 -6.23 1.63 1.15
N LYS A 38 -7.47 1.16 1.20
CA LYS A 38 -8.62 1.97 0.82
C LYS A 38 -8.41 3.43 1.19
N SER A 39 -8.05 3.67 2.44
CA SER A 39 -7.81 5.02 2.94
C SER A 39 -6.83 5.76 2.02
N GLY A 40 -5.66 5.18 1.83
CA GLY A 40 -4.65 5.79 0.98
C GLY A 40 -3.33 6.00 1.70
N LEU A 41 -3.40 6.30 2.99
CA LEU A 41 -2.21 6.52 3.79
C LEU A 41 -1.15 5.45 3.51
N ALA A 42 -1.52 4.20 3.75
CA ALA A 42 -0.61 3.09 3.52
C ALA A 42 0.21 3.30 2.25
N LEU A 43 -0.46 3.23 1.10
CA LEU A 43 0.21 3.42 -0.18
C LEU A 43 1.23 4.55 -0.11
N CYS A 44 0.87 5.62 0.60
CA CYS A 44 1.77 6.76 0.75
C CYS A 44 2.98 6.40 1.61
N ALA A 45 2.72 5.68 2.70
CA ALA A 45 3.80 5.26 3.60
C ALA A 45 4.84 4.42 2.88
N ILE A 46 4.40 3.71 1.84
CA ILE A 46 5.30 2.88 1.06
C ILE A 46 6.32 3.71 0.29
N ILE A 47 5.82 4.65 -0.50
CA ILE A 47 6.68 5.53 -1.28
C ILE A 47 7.53 6.42 -0.38
N HIS A 48 6.92 6.94 0.67
CA HIS A 48 7.61 7.81 1.61
C HIS A 48 8.68 7.03 2.38
N ARG A 49 8.32 5.82 2.82
CA ARG A 49 9.25 4.97 3.57
C ARG A 49 10.66 5.08 2.99
N TYR A 50 10.78 4.90 1.69
CA TYR A 50 12.07 4.97 1.02
C TYR A 50 12.35 6.38 0.50
N ARG A 51 11.40 6.92 -0.25
CA ARG A 51 11.53 8.25 -0.81
C ARG A 51 10.46 9.19 -0.26
N PRO A 52 10.82 9.95 0.78
CA PRO A 52 9.90 10.89 1.44
C PRO A 52 9.58 12.09 0.54
N ASP A 53 10.48 12.38 -0.40
CA ASP A 53 10.29 13.48 -1.32
C ASP A 53 9.07 13.27 -2.21
N LEU A 54 9.14 12.25 -3.05
CA LEU A 54 8.03 11.93 -3.95
C LEU A 54 6.69 12.24 -3.31
N ILE A 55 6.46 11.68 -2.11
CA ILE A 55 5.23 11.91 -1.38
C ILE A 55 5.50 12.32 0.06
N ASP A 56 4.78 13.33 0.52
CA ASP A 56 4.94 13.82 1.89
C ASP A 56 3.81 13.33 2.78
N PHE A 57 4.11 12.34 3.62
CA PHE A 57 3.12 11.78 4.53
C PHE A 57 2.70 12.80 5.57
N ASP A 58 3.68 13.52 6.11
CA ASP A 58 3.42 14.54 7.12
C ASP A 58 2.30 15.47 6.68
N SER A 59 2.37 15.92 5.43
CA SER A 59 1.36 16.83 4.89
C SER A 59 0.01 16.13 4.77
N LEU A 60 0.01 14.95 4.18
CA LEU A 60 -1.20 14.17 4.00
C LEU A 60 -1.98 14.06 5.32
N ASP A 61 -3.30 14.04 5.22
CA ASP A 61 -4.15 13.93 6.40
C ASP A 61 -4.95 12.64 6.37
N GLU A 62 -4.98 11.94 7.50
CA GLU A 62 -5.72 10.68 7.60
C GLU A 62 -7.15 10.85 7.10
N GLN A 63 -7.74 12.01 7.38
CA GLN A 63 -9.11 12.29 6.95
C GLN A 63 -9.26 12.12 5.45
N ASN A 64 -8.30 12.66 4.70
CA ASN A 64 -8.33 12.58 3.25
C ASN A 64 -8.19 11.12 2.78
N VAL A 65 -9.24 10.60 2.17
CA VAL A 65 -9.23 9.23 1.67
C VAL A 65 -9.01 9.18 0.17
N GLU A 66 -9.99 9.69 -0.58
CA GLU A 66 -9.91 9.71 -2.03
C GLU A 66 -8.60 10.34 -2.50
N LYS A 67 -8.28 11.50 -1.94
CA LYS A 67 -7.06 12.20 -2.29
C LYS A 67 -5.83 11.32 -2.07
N ASN A 68 -5.55 11.00 -0.82
CA ASN A 68 -4.41 10.15 -0.48
C ASN A 68 -4.20 9.08 -1.55
N ASN A 69 -5.30 8.57 -2.08
CA ASN A 69 -5.24 7.53 -3.12
C ASN A 69 -4.86 8.13 -4.46
N GLN A 70 -5.68 9.05 -4.95
CA GLN A 70 -5.44 9.70 -6.23
C GLN A 70 -3.99 10.16 -6.34
N LEU A 71 -3.45 10.68 -5.24
CA LEU A 71 -2.07 11.15 -5.22
C LEU A 71 -1.11 10.04 -5.61
N ALA A 72 -0.98 9.04 -4.76
CA ALA A 72 -0.10 7.91 -5.02
C ALA A 72 -0.29 7.38 -6.45
N PHE A 73 -1.54 7.12 -6.81
CA PHE A 73 -1.85 6.62 -8.14
C PHE A 73 -1.17 7.44 -9.22
N ASP A 74 -0.86 8.70 -8.89
CA ASP A 74 -0.20 9.59 -9.83
C ASP A 74 1.30 9.62 -9.59
N ILE A 75 1.69 9.93 -8.36
CA ILE A 75 3.10 10.00 -7.99
C ILE A 75 3.83 8.72 -8.39
N ALA A 76 3.25 7.58 -8.02
CA ALA A 76 3.84 6.29 -8.34
C ALA A 76 4.30 6.23 -9.80
N GLU A 77 3.34 6.15 -10.71
CA GLU A 77 3.64 6.08 -12.13
C GLU A 77 4.55 7.25 -12.53
N LYS A 78 4.21 8.44 -12.07
CA LYS A 78 4.99 9.64 -12.39
C LYS A 78 6.48 9.36 -12.26
N GLU A 79 6.89 8.85 -11.10
CA GLU A 79 8.29 8.54 -10.85
C GLU A 79 8.54 7.04 -10.93
N LEU A 80 7.94 6.29 -10.00
CA LEU A 80 8.09 4.84 -9.97
C LEU A 80 7.80 4.23 -11.34
N GLY A 81 6.65 4.59 -11.91
CA GLY A 81 6.27 4.07 -13.21
C GLY A 81 5.21 3.00 -13.11
N ILE A 82 4.66 2.82 -11.91
CA ILE A 82 3.63 1.81 -11.69
C ILE A 82 2.25 2.35 -12.03
N SER A 83 1.72 1.93 -13.18
CA SER A 83 0.40 2.37 -13.62
C SER A 83 -0.69 1.91 -12.66
N PRO A 84 -1.58 2.85 -12.29
CA PRO A 84 -2.68 2.56 -11.36
C PRO A 84 -3.74 1.67 -11.99
N ILE A 85 -4.50 0.98 -11.13
CA ILE A 85 -5.55 0.09 -11.61
C ILE A 85 -6.93 0.70 -11.38
N MET A 86 -7.08 1.42 -10.27
CA MET A 86 -8.35 2.06 -9.93
C MET A 86 -8.16 3.55 -9.67
N THR A 87 -9.25 4.30 -9.73
CA THR A 87 -9.20 5.73 -9.50
C THR A 87 -9.52 6.07 -8.04
N GLY A 88 -8.81 7.06 -7.50
CA GLY A 88 -9.04 7.46 -6.12
C GLY A 88 -10.51 7.47 -5.76
N LYS A 89 -11.34 7.99 -6.65
CA LYS A 89 -12.78 8.06 -6.42
C LYS A 89 -13.38 6.67 -6.31
N GLU A 90 -12.94 5.77 -7.19
CA GLU A 90 -13.44 4.40 -7.20
C GLU A 90 -13.00 3.66 -5.94
N MET A 91 -11.92 4.11 -5.33
CA MET A 91 -11.40 3.50 -4.11
C MET A 91 -12.20 3.95 -2.89
N ALA A 92 -12.67 5.19 -2.93
CA ALA A 92 -13.45 5.73 -1.82
C ALA A 92 -14.91 5.31 -1.91
N SER A 93 -15.42 5.19 -3.14
CA SER A 93 -16.80 4.79 -3.36
C SER A 93 -16.97 3.29 -3.15
N VAL A 94 -16.13 2.50 -3.80
CA VAL A 94 -16.19 1.05 -3.68
C VAL A 94 -16.26 0.63 -2.21
N GLY A 95 -17.14 -0.33 -1.93
CA GLY A 95 -17.29 -0.81 -0.56
C GLY A 95 -16.09 -1.58 -0.08
N GLU A 96 -15.40 -2.25 -1.00
CA GLU A 96 -14.21 -3.02 -0.66
C GLU A 96 -13.51 -3.53 -1.92
N PRO A 97 -12.19 -3.29 -1.98
CA PRO A 97 -11.38 -3.72 -3.13
C PRO A 97 -11.21 -5.23 -3.20
N ASP A 98 -10.91 -5.74 -4.39
CA ASP A 98 -10.74 -7.17 -4.59
C ASP A 98 -9.35 -7.61 -4.14
N LYS A 99 -9.30 -8.58 -3.24
CA LYS A 99 -8.03 -9.10 -2.74
C LYS A 99 -7.02 -9.25 -3.86
N LEU A 100 -7.35 -10.06 -4.85
CA LEU A 100 -6.47 -10.29 -5.99
C LEU A 100 -5.89 -8.98 -6.51
N SER A 101 -6.76 -8.13 -7.05
CA SER A 101 -6.34 -6.84 -7.59
C SER A 101 -5.36 -6.15 -6.63
N MET A 102 -5.78 -5.97 -5.40
CA MET A 102 -4.95 -5.32 -4.39
C MET A 102 -3.57 -6.00 -4.31
N VAL A 103 -3.57 -7.26 -3.92
CA VAL A 103 -2.32 -8.02 -3.81
C VAL A 103 -1.43 -7.81 -5.03
N MET A 104 -1.96 -8.19 -6.20
CA MET A 104 -1.22 -8.03 -7.44
C MET A 104 -0.69 -6.62 -7.60
N TYR A 105 -1.59 -5.66 -7.77
CA TYR A 105 -1.21 -4.26 -7.93
C TYR A 105 -0.09 -3.89 -6.96
N LEU A 106 -0.25 -4.28 -5.70
CA LEU A 106 0.75 -4.00 -4.67
C LEU A 106 2.07 -4.68 -4.99
N THR A 107 1.99 -5.84 -5.63
CA THR A 107 3.18 -6.59 -6.00
C THR A 107 4.29 -5.67 -6.49
N GLN A 108 4.02 -4.93 -7.55
CA GLN A 108 4.99 -4.01 -8.13
C GLN A 108 5.70 -3.22 -7.02
N PHE A 109 4.92 -2.57 -6.16
CA PHE A 109 5.46 -1.79 -5.07
C PHE A 109 6.42 -2.62 -4.23
N TYR A 110 6.01 -3.85 -3.91
CA TYR A 110 6.82 -4.75 -3.10
C TYR A 110 8.11 -5.13 -3.84
N GLU A 111 7.95 -5.83 -4.97
CA GLU A 111 9.09 -6.25 -5.77
C GLU A 111 10.03 -5.08 -6.04
N MET A 112 9.46 -3.88 -6.11
CA MET A 112 10.24 -2.68 -6.38
C MET A 112 11.20 -2.39 -5.22
N PHE A 113 10.77 -2.74 -4.02
CA PHE A 113 11.60 -2.51 -2.83
C PHE A 113 11.69 -3.78 -1.98
N LYS A 114 11.60 -4.93 -2.65
CA LYS A 114 11.68 -6.21 -1.96
C LYS A 114 13.13 -6.61 -1.71
N ASP A 115 14.04 -5.97 -2.44
CA ASP A 115 15.46 -6.26 -2.30
C ASP A 115 16.08 -5.42 -1.19
N SER A 116 15.93 -4.10 -1.30
CA SER A 116 16.47 -3.18 -0.31
C SER A 116 16.39 -3.79 1.09
N GLY A 117 17.53 -4.25 1.60
CA GLY A 117 17.56 -4.84 2.92
C GLY A 117 17.94 -6.30 2.89
N PRO A 118 17.69 -7.01 4.01
CA PRO A 118 18.00 -8.44 4.13
C PRO A 118 17.09 -9.30 3.26
N SER A 119 17.58 -10.48 2.89
CA SER A 119 16.81 -11.41 2.06
C SER A 119 16.52 -12.70 2.81
N SER A 120 16.45 -12.61 4.13
CA SER A 120 16.18 -13.78 4.97
C SER A 120 15.84 -13.36 6.40
N GLY A 121 14.88 -14.06 7.00
CA GLY A 121 14.49 -13.75 8.35
C GLY A 121 15.66 -13.64 9.30
N GLY A 1 -0.31 -11.41 26.41
CA GLY A 1 -0.64 -12.26 25.28
C GLY A 1 -2.12 -12.52 25.15
N SER A 2 -2.92 -11.45 25.25
CA SER A 2 -4.37 -11.57 25.15
C SER A 2 -4.91 -10.66 24.04
N SER A 3 -5.04 -11.22 22.85
CA SER A 3 -5.55 -10.46 21.71
C SER A 3 -7.07 -10.31 21.79
N GLY A 4 -7.77 -11.43 21.80
CA GLY A 4 -9.22 -11.40 21.87
C GLY A 4 -9.87 -12.34 20.88
N SER A 5 -10.90 -11.86 20.18
CA SER A 5 -11.61 -12.66 19.20
C SER A 5 -10.86 -12.70 17.88
N SER A 6 -11.16 -13.69 17.06
CA SER A 6 -10.51 -13.84 15.76
C SER A 6 -10.64 -12.56 14.93
N GLY A 7 -9.53 -12.11 14.36
CA GLY A 7 -9.55 -10.90 13.56
C GLY A 7 -8.70 -11.02 12.31
N VAL A 8 -7.41 -10.77 12.44
CA VAL A 8 -6.49 -10.85 11.31
C VAL A 8 -6.71 -12.13 10.52
N ALA A 9 -6.30 -12.13 9.25
CA ALA A 9 -6.45 -13.29 8.40
C ALA A 9 -5.09 -13.79 7.90
N ARG A 10 -5.09 -15.00 7.33
CA ARG A 10 -3.85 -15.59 6.81
C ARG A 10 -2.94 -14.51 6.23
N SER A 11 -1.63 -14.69 6.42
CA SER A 11 -0.65 -13.75 5.92
C SER A 11 -0.27 -14.06 4.47
N SER A 12 0.25 -13.05 3.78
CA SER A 12 0.65 -13.23 2.38
C SER A 12 2.05 -12.68 2.14
N LYS A 13 2.83 -13.39 1.34
CA LYS A 13 4.19 -12.98 1.03
C LYS A 13 4.29 -11.46 0.90
N LEU A 14 3.37 -10.89 0.12
CA LEU A 14 3.36 -9.44 -0.10
C LEU A 14 3.04 -8.71 1.20
N LEU A 15 1.94 -9.08 1.84
CA LEU A 15 1.54 -8.46 3.10
C LEU A 15 2.70 -8.33 4.05
N GLY A 16 3.32 -9.46 4.38
CA GLY A 16 4.46 -9.45 5.29
C GLY A 16 5.35 -8.24 5.09
N TRP A 17 5.85 -8.08 3.87
CA TRP A 17 6.73 -6.95 3.54
C TRP A 17 6.14 -5.65 4.07
N CYS A 18 4.96 -5.30 3.57
CA CYS A 18 4.29 -4.06 3.99
C CYS A 18 4.26 -3.95 5.50
N GLN A 19 3.87 -5.03 6.17
CA GLN A 19 3.79 -5.06 7.63
C GLN A 19 5.13 -4.67 8.25
N ARG A 20 6.21 -5.20 7.69
CA ARG A 20 7.54 -4.91 8.20
C ARG A 20 7.96 -3.48 7.85
N GLN A 21 7.60 -3.05 6.65
CA GLN A 21 7.94 -1.70 6.20
C GLN A 21 7.05 -0.67 6.88
N THR A 22 5.76 -0.68 6.55
CA THR A 22 4.82 0.26 7.13
C THR A 22 5.02 0.40 8.64
N ASP A 23 5.64 -0.62 9.24
CA ASP A 23 5.90 -0.61 10.68
C ASP A 23 6.63 0.67 11.08
N GLY A 24 5.98 1.48 11.89
CA GLY A 24 6.58 2.73 12.34
C GLY A 24 5.66 3.92 12.20
N TYR A 25 4.81 3.87 11.17
CA TYR A 25 3.88 4.95 10.91
C TYR A 25 2.78 5.01 11.98
N ALA A 26 1.94 6.03 11.91
CA ALA A 26 0.86 6.19 12.87
C ALA A 26 -0.50 6.09 12.19
N GLY A 27 -1.40 5.31 12.78
CA GLY A 27 -2.72 5.14 12.21
C GLY A 27 -2.74 4.18 11.04
N VAL A 28 -1.56 3.67 10.68
CA VAL A 28 -1.44 2.73 9.58
C VAL A 28 -1.57 1.29 10.07
N ASN A 29 -0.52 0.79 10.72
CA ASN A 29 -0.51 -0.57 11.24
C ASN A 29 -1.22 -1.51 10.27
N VAL A 30 -0.77 -1.53 9.02
CA VAL A 30 -1.36 -2.39 8.01
C VAL A 30 -1.79 -3.74 8.61
N THR A 31 -3.06 -4.08 8.42
CA THR A 31 -3.60 -5.32 8.94
C THR A 31 -4.15 -6.20 7.81
N ASP A 32 -4.47 -5.57 6.69
CA ASP A 32 -5.00 -6.30 5.54
C ASP A 32 -4.56 -5.63 4.23
N LEU A 33 -4.93 -6.25 3.11
CA LEU A 33 -4.58 -5.71 1.80
C LEU A 33 -5.84 -5.30 1.03
N THR A 34 -6.81 -4.76 1.75
CA THR A 34 -8.06 -4.32 1.13
C THR A 34 -8.46 -2.93 1.63
N MET A 35 -8.95 -2.86 2.86
CA MET A 35 -9.36 -1.60 3.44
C MET A 35 -8.16 -0.83 3.98
N SER A 36 -7.27 -1.53 4.67
CA SER A 36 -6.08 -0.90 5.25
C SER A 36 -5.42 0.02 4.23
N TRP A 37 -5.66 -0.24 2.95
CA TRP A 37 -5.10 0.58 1.89
C TRP A 37 -6.11 1.58 1.36
N LYS A 38 -7.37 1.17 1.32
CA LYS A 38 -8.44 2.03 0.84
C LYS A 38 -8.27 3.45 1.35
N SER A 39 -7.88 3.59 2.61
CA SER A 39 -7.68 4.89 3.22
C SER A 39 -6.70 5.73 2.39
N GLY A 40 -5.62 5.10 1.94
CA GLY A 40 -4.62 5.80 1.15
C GLY A 40 -3.32 5.99 1.89
N LEU A 41 -3.41 6.30 3.18
CA LEU A 41 -2.23 6.51 4.01
C LEU A 41 -1.23 5.37 3.83
N ALA A 42 -1.66 4.16 4.16
CA ALA A 42 -0.82 2.98 4.04
C ALA A 42 -0.01 3.02 2.74
N LEU A 43 -0.71 3.13 1.62
CA LEU A 43 -0.06 3.18 0.31
C LEU A 43 0.97 4.31 0.26
N CYS A 44 0.59 5.46 0.80
CA CYS A 44 1.48 6.62 0.82
C CYS A 44 2.73 6.34 1.65
N ALA A 45 2.56 5.63 2.76
CA ALA A 45 3.67 5.30 3.64
C ALA A 45 4.69 4.42 2.92
N ILE A 46 4.23 3.71 1.90
CA ILE A 46 5.10 2.84 1.12
C ILE A 46 6.10 3.64 0.30
N ILE A 47 5.58 4.48 -0.59
CA ILE A 47 6.43 5.31 -1.44
C ILE A 47 7.31 6.23 -0.60
N HIS A 48 6.77 6.75 0.48
CA HIS A 48 7.51 7.63 1.37
C HIS A 48 8.51 6.85 2.20
N ARG A 49 8.10 5.68 2.68
CA ARG A 49 8.97 4.84 3.49
C ARG A 49 10.40 4.87 2.96
N TYR A 50 10.54 4.79 1.64
CA TYR A 50 11.86 4.80 1.01
C TYR A 50 12.21 6.21 0.51
N ARG A 51 11.31 6.78 -0.28
CA ARG A 51 11.52 8.11 -0.83
C ARG A 51 10.42 9.07 -0.39
N PRO A 52 10.69 9.83 0.69
CA PRO A 52 9.73 10.80 1.23
C PRO A 52 9.52 11.99 0.32
N ASP A 53 10.45 12.19 -0.61
CA ASP A 53 10.37 13.30 -1.55
C ASP A 53 9.22 13.11 -2.53
N LEU A 54 9.19 11.95 -3.19
CA LEU A 54 8.15 11.64 -4.15
C LEU A 54 6.77 11.99 -3.58
N ILE A 55 6.44 11.39 -2.43
CA ILE A 55 5.16 11.64 -1.78
C ILE A 55 5.35 12.22 -0.39
N ASP A 56 4.44 13.10 0.01
CA ASP A 56 4.51 13.73 1.33
C ASP A 56 3.44 13.17 2.25
N PHE A 57 3.82 12.18 3.07
CA PHE A 57 2.89 11.56 4.01
C PHE A 57 2.62 12.48 5.18
N ASP A 58 3.64 13.17 5.66
CA ASP A 58 3.50 14.08 6.78
C ASP A 58 2.36 15.07 6.55
N SER A 59 2.29 15.60 5.33
CA SER A 59 1.26 16.56 4.98
C SER A 59 -0.09 15.87 4.86
N LEU A 60 -0.12 14.75 4.13
CA LEU A 60 -1.35 14.00 3.93
C LEU A 60 -2.07 13.75 5.25
N ASP A 61 -3.34 13.41 5.17
CA ASP A 61 -4.14 13.14 6.37
C ASP A 61 -5.13 12.01 6.12
N GLU A 62 -5.85 11.62 7.17
CA GLU A 62 -6.83 10.54 7.07
C GLU A 62 -8.16 11.07 6.57
N GLN A 63 -8.41 12.35 6.80
CA GLN A 63 -9.66 12.98 6.39
C GLN A 63 -9.82 12.90 4.88
N ASN A 64 -8.70 12.92 4.17
CA ASN A 64 -8.72 12.85 2.71
C ASN A 64 -8.44 11.44 2.22
N VAL A 65 -9.49 10.62 2.15
CA VAL A 65 -9.36 9.25 1.70
C VAL A 65 -9.08 9.17 0.20
N GLU A 66 -9.97 9.78 -0.58
CA GLU A 66 -9.82 9.79 -2.03
C GLU A 66 -8.49 10.44 -2.44
N LYS A 67 -8.17 11.55 -1.80
CA LYS A 67 -6.93 12.27 -2.09
C LYS A 67 -5.71 11.38 -1.87
N ASN A 68 -5.47 11.01 -0.62
CA ASN A 68 -4.35 10.15 -0.28
C ASN A 68 -4.10 9.11 -1.37
N ASN A 69 -5.19 8.61 -1.95
CA ASN A 69 -5.09 7.61 -3.01
C ASN A 69 -4.73 8.26 -4.35
N GLN A 70 -5.59 9.15 -4.81
CA GLN A 70 -5.35 9.85 -6.07
C GLN A 70 -3.90 10.27 -6.21
N LEU A 71 -3.35 10.84 -5.14
CA LEU A 71 -1.96 11.27 -5.12
C LEU A 71 -1.02 10.15 -5.56
N ALA A 72 -0.93 9.12 -4.73
CA ALA A 72 -0.07 7.99 -5.02
C ALA A 72 -0.27 7.50 -6.45
N PHE A 73 -1.52 7.19 -6.79
CA PHE A 73 -1.84 6.72 -8.13
C PHE A 73 -1.15 7.55 -9.19
N ASP A 74 -0.79 8.79 -8.83
CA ASP A 74 -0.12 9.68 -9.75
C ASP A 74 1.39 9.70 -9.50
N ILE A 75 1.78 10.01 -8.27
CA ILE A 75 3.19 10.05 -7.91
C ILE A 75 3.90 8.77 -8.31
N ALA A 76 3.30 7.63 -8.01
CA ALA A 76 3.86 6.34 -8.34
C ALA A 76 4.31 6.30 -9.80
N GLU A 77 3.35 6.18 -10.70
CA GLU A 77 3.64 6.14 -12.13
C GLU A 77 4.54 7.31 -12.54
N LYS A 78 4.20 8.50 -12.08
CA LYS A 78 4.97 9.70 -12.39
C LYS A 78 6.47 9.42 -12.29
N GLU A 79 6.89 8.93 -11.13
CA GLU A 79 8.30 8.61 -10.91
C GLU A 79 8.55 7.11 -11.00
N LEU A 80 7.95 6.36 -10.08
CA LEU A 80 8.11 4.91 -10.06
C LEU A 80 7.79 4.30 -11.42
N GLY A 81 6.66 4.71 -11.99
CA GLY A 81 6.26 4.20 -13.29
C GLY A 81 5.17 3.17 -13.21
N ILE A 82 4.74 2.86 -11.99
CA ILE A 82 3.68 1.88 -11.76
C ILE A 82 2.31 2.46 -12.10
N SER A 83 1.75 2.03 -13.23
CA SER A 83 0.45 2.50 -13.66
C SER A 83 -0.64 2.06 -12.69
N PRO A 84 -1.50 3.02 -12.30
CA PRO A 84 -2.61 2.77 -11.37
C PRO A 84 -3.70 1.91 -12.00
N ILE A 85 -4.33 1.07 -11.18
CA ILE A 85 -5.39 0.19 -11.65
C ILE A 85 -6.75 0.85 -11.50
N MET A 86 -6.84 1.83 -10.61
CA MET A 86 -8.08 2.55 -10.38
C MET A 86 -7.81 3.97 -9.89
N THR A 87 -8.87 4.75 -9.72
CA THR A 87 -8.75 6.12 -9.27
C THR A 87 -9.11 6.25 -7.80
N GLY A 88 -8.52 7.24 -7.12
CA GLY A 88 -8.79 7.44 -5.71
C GLY A 88 -10.27 7.42 -5.40
N LYS A 89 -11.07 8.03 -6.28
CA LYS A 89 -12.51 8.09 -6.09
C LYS A 89 -13.11 6.68 -6.06
N GLU A 90 -12.84 5.89 -7.10
CA GLU A 90 -13.35 4.54 -7.19
C GLU A 90 -12.96 3.73 -5.95
N MET A 91 -11.92 4.19 -5.25
CA MET A 91 -11.45 3.51 -4.06
C MET A 91 -12.24 3.97 -2.83
N ALA A 92 -12.81 5.16 -2.90
CA ALA A 92 -13.59 5.70 -1.80
C ALA A 92 -15.05 5.34 -1.93
N SER A 93 -15.52 5.19 -3.17
CA SER A 93 -16.91 4.84 -3.44
C SER A 93 -17.16 3.35 -3.18
N VAL A 94 -16.28 2.51 -3.74
CA VAL A 94 -16.41 1.07 -3.57
C VAL A 94 -16.40 0.69 -2.10
N GLY A 95 -17.14 -0.36 -1.75
CA GLY A 95 -17.20 -0.81 -0.38
C GLY A 95 -15.95 -1.53 0.06
N GLU A 96 -15.30 -2.21 -0.89
CA GLU A 96 -14.08 -2.95 -0.60
C GLU A 96 -13.45 -3.49 -1.87
N PRO A 97 -12.13 -3.31 -2.01
CA PRO A 97 -11.38 -3.77 -3.18
C PRO A 97 -11.27 -5.29 -3.23
N ASP A 98 -10.72 -5.80 -4.33
CA ASP A 98 -10.56 -7.24 -4.51
C ASP A 98 -9.19 -7.69 -4.03
N LYS A 99 -9.16 -8.48 -2.96
CA LYS A 99 -7.92 -8.98 -2.40
C LYS A 99 -6.92 -9.29 -3.50
N LEU A 100 -7.37 -10.05 -4.50
CA LEU A 100 -6.52 -10.42 -5.62
C LEU A 100 -5.93 -9.19 -6.31
N SER A 101 -6.80 -8.43 -6.97
CA SER A 101 -6.37 -7.22 -7.67
C SER A 101 -5.40 -6.42 -6.82
N MET A 102 -5.79 -6.14 -5.57
CA MET A 102 -4.94 -5.37 -4.66
C MET A 102 -3.56 -6.02 -4.54
N VAL A 103 -3.52 -7.23 -4.00
CA VAL A 103 -2.27 -7.94 -3.82
C VAL A 103 -1.40 -7.84 -5.07
N MET A 104 -2.01 -8.07 -6.24
CA MET A 104 -1.29 -8.00 -7.50
C MET A 104 -0.70 -6.61 -7.72
N TYR A 105 -1.58 -5.61 -7.87
CA TYR A 105 -1.14 -4.24 -8.08
C TYR A 105 -0.07 -3.84 -7.06
N LEU A 106 -0.22 -4.33 -5.84
CA LEU A 106 0.72 -4.02 -4.77
C LEU A 106 2.07 -4.68 -5.05
N THR A 107 2.04 -5.86 -5.66
CA THR A 107 3.27 -6.59 -5.96
C THR A 107 4.38 -5.65 -6.41
N GLN A 108 4.13 -4.92 -7.49
CA GLN A 108 5.11 -3.97 -8.02
C GLN A 108 5.77 -3.19 -6.89
N PHE A 109 4.96 -2.50 -6.10
CA PHE A 109 5.47 -1.71 -4.99
C PHE A 109 6.44 -2.52 -4.15
N TYR A 110 6.14 -3.80 -3.97
CA TYR A 110 6.98 -4.69 -3.19
C TYR A 110 8.22 -5.10 -3.97
N GLU A 111 8.01 -5.84 -5.06
CA GLU A 111 9.11 -6.30 -5.90
C GLU A 111 10.08 -5.16 -6.21
N MET A 112 9.54 -3.95 -6.28
CA MET A 112 10.35 -2.77 -6.57
C MET A 112 11.33 -2.49 -5.44
N PHE A 113 10.86 -2.68 -4.20
CA PHE A 113 11.70 -2.45 -3.02
C PHE A 113 11.82 -3.72 -2.19
N LYS A 114 11.79 -4.87 -2.86
CA LYS A 114 11.90 -6.15 -2.18
C LYS A 114 13.36 -6.50 -1.91
N ASP A 115 14.25 -6.02 -2.77
CA ASP A 115 15.68 -6.28 -2.63
C ASP A 115 16.26 -5.47 -1.47
N SER A 116 15.99 -4.17 -1.47
CA SER A 116 16.49 -3.29 -0.41
C SER A 116 16.48 -4.00 0.94
N GLY A 117 17.53 -3.78 1.71
CA GLY A 117 17.61 -4.41 3.03
C GLY A 117 16.75 -3.71 4.06
N PRO A 118 16.19 -4.49 4.99
CA PRO A 118 15.33 -3.96 6.05
C PRO A 118 16.10 -3.14 7.07
N SER A 119 15.40 -2.26 7.78
CA SER A 119 16.02 -1.41 8.79
C SER A 119 14.97 -0.58 9.53
N SER A 120 15.36 -0.05 10.68
CA SER A 120 14.45 0.76 11.49
C SER A 120 14.92 2.21 11.55
N GLY A 121 13.97 3.13 11.69
CA GLY A 121 14.29 4.54 11.76
C GLY A 121 13.97 5.27 10.47
N GLY A 1 -23.43 -5.66 13.97
CA GLY A 1 -23.38 -5.50 12.53
C GLY A 1 -22.09 -6.02 11.93
N SER A 2 -22.09 -7.29 11.53
CA SER A 2 -20.91 -7.90 10.94
C SER A 2 -21.27 -9.22 10.26
N SER A 3 -20.37 -9.70 9.42
CA SER A 3 -20.59 -10.95 8.69
C SER A 3 -19.31 -11.78 8.64
N GLY A 4 -19.46 -13.09 8.45
CA GLY A 4 -18.31 -13.97 8.38
C GLY A 4 -17.66 -14.16 9.74
N SER A 5 -18.03 -15.24 10.43
CA SER A 5 -17.47 -15.53 11.74
C SER A 5 -16.08 -16.15 11.62
N SER A 6 -16.01 -17.31 10.98
CA SER A 6 -14.75 -18.00 10.80
C SER A 6 -14.16 -17.71 9.42
N GLY A 7 -12.87 -17.41 9.39
CA GLY A 7 -12.21 -17.11 8.13
C GLY A 7 -10.83 -17.73 8.04
N VAL A 8 -10.13 -17.47 6.94
CA VAL A 8 -8.79 -18.00 6.74
C VAL A 8 -7.72 -16.95 7.03
N ALA A 9 -7.91 -16.23 8.14
CA ALA A 9 -6.96 -15.20 8.54
C ALA A 9 -5.53 -15.66 8.34
N ARG A 10 -4.85 -15.11 7.34
CA ARG A 10 -3.47 -15.47 7.05
C ARG A 10 -2.70 -14.28 6.48
N SER A 11 -1.40 -14.25 6.75
CA SER A 11 -0.55 -13.16 6.26
C SER A 11 0.14 -13.56 4.95
N SER A 12 -0.33 -12.97 3.85
CA SER A 12 0.23 -13.26 2.53
C SER A 12 1.65 -12.73 2.44
N LYS A 13 2.48 -13.44 1.67
CA LYS A 13 3.88 -13.03 1.49
C LYS A 13 3.99 -11.52 1.34
N LEU A 14 3.24 -10.96 0.40
CA LEU A 14 3.25 -9.52 0.16
C LEU A 14 2.90 -8.76 1.42
N LEU A 15 1.75 -9.09 2.00
CA LEU A 15 1.28 -8.43 3.22
C LEU A 15 2.44 -8.23 4.20
N GLY A 16 3.00 -9.33 4.69
CA GLY A 16 4.10 -9.26 5.62
C GLY A 16 5.03 -8.09 5.33
N TRP A 17 5.66 -8.12 4.16
CA TRP A 17 6.57 -7.05 3.76
C TRP A 17 6.04 -5.69 4.18
N CYS A 18 4.82 -5.39 3.76
CA CYS A 18 4.19 -4.12 4.10
C CYS A 18 4.06 -3.95 5.60
N GLN A 19 3.65 -5.02 6.29
CA GLN A 19 3.48 -5.00 7.73
C GLN A 19 4.77 -4.58 8.42
N ARG A 20 5.90 -4.98 7.85
CA ARG A 20 7.21 -4.65 8.41
C ARG A 20 7.65 -3.26 7.96
N GLN A 21 7.55 -2.99 6.66
CA GLN A 21 7.95 -1.70 6.11
C GLN A 21 7.11 -0.58 6.71
N THR A 22 5.79 -0.69 6.56
CA THR A 22 4.88 0.32 7.08
C THR A 22 5.08 0.51 8.59
N ASP A 23 5.56 -0.53 9.25
CA ASP A 23 5.79 -0.47 10.69
C ASP A 23 6.63 0.74 11.07
N GLY A 24 6.09 1.59 11.92
CA GLY A 24 6.80 2.79 12.33
C GLY A 24 5.96 4.05 12.18
N TYR A 25 5.05 4.03 11.23
CA TYR A 25 4.18 5.19 10.99
C TYR A 25 3.12 5.31 12.08
N ALA A 26 2.32 6.37 11.99
CA ALA A 26 1.26 6.60 12.97
C ALA A 26 -0.10 6.17 12.42
N GLY A 27 -0.85 5.43 13.23
CA GLY A 27 -2.16 4.97 12.80
C GLY A 27 -2.11 4.24 11.48
N VAL A 28 -0.97 3.64 11.17
CA VAL A 28 -0.81 2.91 9.92
C VAL A 28 -0.54 1.43 10.18
N ASN A 29 -1.59 0.70 10.57
CA ASN A 29 -1.47 -0.72 10.86
C ASN A 29 -2.06 -1.55 9.73
N VAL A 30 -1.20 -2.15 8.91
CA VAL A 30 -1.65 -2.97 7.79
C VAL A 30 -2.09 -4.34 8.27
N THR A 31 -3.41 -4.54 8.34
CA THR A 31 -3.96 -5.82 8.78
C THR A 31 -4.44 -6.64 7.59
N ASP A 32 -4.91 -5.97 6.55
CA ASP A 32 -5.40 -6.65 5.36
C ASP A 32 -4.94 -5.93 4.09
N LEU A 33 -5.20 -6.52 2.95
CA LEU A 33 -4.81 -5.94 1.67
C LEU A 33 -6.04 -5.51 0.87
N THR A 34 -7.05 -4.98 1.57
CA THR A 34 -8.27 -4.53 0.93
C THR A 34 -8.67 -3.15 1.42
N MET A 35 -9.19 -3.08 2.64
CA MET A 35 -9.61 -1.81 3.23
C MET A 35 -8.42 -1.10 3.89
N SER A 36 -7.49 -1.88 4.41
CA SER A 36 -6.32 -1.33 5.09
C SER A 36 -5.64 -0.28 4.21
N TRP A 37 -5.83 -0.40 2.90
CA TRP A 37 -5.23 0.55 1.96
C TRP A 37 -6.28 1.56 1.49
N LYS A 38 -7.51 1.12 1.35
CA LYS A 38 -8.59 1.98 0.92
C LYS A 38 -8.41 3.41 1.46
N SER A 39 -7.97 3.50 2.71
CA SER A 39 -7.76 4.79 3.35
C SER A 39 -6.80 5.65 2.53
N GLY A 40 -5.59 5.14 2.33
CA GLY A 40 -4.59 5.87 1.57
C GLY A 40 -3.28 6.02 2.31
N LEU A 41 -3.37 6.29 3.61
CA LEU A 41 -2.17 6.45 4.44
C LEU A 41 -1.12 5.40 4.10
N ALA A 42 -1.43 4.15 4.42
CA ALA A 42 -0.52 3.04 4.15
C ALA A 42 0.18 3.22 2.80
N LEU A 43 -0.57 3.10 1.72
CA LEU A 43 -0.02 3.27 0.38
C LEU A 43 0.94 4.45 0.32
N CYS A 44 0.57 5.54 1.00
CA CYS A 44 1.39 6.74 1.02
C CYS A 44 2.64 6.52 1.88
N ALA A 45 2.52 5.68 2.90
CA ALA A 45 3.63 5.40 3.80
C ALA A 45 4.65 4.49 3.11
N ILE A 46 4.25 3.87 2.01
CA ILE A 46 5.14 2.99 1.27
C ILE A 46 6.13 3.78 0.43
N ILE A 47 5.61 4.66 -0.43
CA ILE A 47 6.46 5.48 -1.28
C ILE A 47 7.36 6.40 -0.45
N HIS A 48 6.78 7.01 0.57
CA HIS A 48 7.53 7.91 1.44
C HIS A 48 8.62 7.15 2.20
N ARG A 49 8.23 6.04 2.83
CA ARG A 49 9.17 5.22 3.59
C ARG A 49 10.53 5.18 2.92
N TYR A 50 10.54 4.88 1.62
CA TYR A 50 11.78 4.81 0.86
C TYR A 50 12.14 6.17 0.28
N ARG A 51 11.20 6.77 -0.45
CA ARG A 51 11.41 8.07 -1.07
C ARG A 51 10.36 9.07 -0.60
N PRO A 52 10.72 9.86 0.44
CA PRO A 52 9.83 10.87 1.00
C PRO A 52 9.60 12.04 0.05
N ASP A 53 10.53 12.24 -0.87
CA ASP A 53 10.43 13.32 -1.84
C ASP A 53 9.24 13.12 -2.76
N LEU A 54 9.10 11.92 -3.29
CA LEU A 54 8.00 11.59 -4.19
C LEU A 54 6.67 12.01 -3.59
N ILE A 55 6.29 11.34 -2.50
CA ILE A 55 5.02 11.65 -1.82
C ILE A 55 5.28 12.25 -0.44
N ASP A 56 4.48 13.24 -0.09
CA ASP A 56 4.62 13.90 1.21
C ASP A 56 3.53 13.43 2.18
N PHE A 57 3.92 12.59 3.13
CA PHE A 57 2.99 12.05 4.11
C PHE A 57 2.62 13.12 5.13
N ASP A 58 3.63 13.73 5.75
CA ASP A 58 3.40 14.77 6.74
C ASP A 58 2.40 15.80 6.25
N SER A 59 2.37 16.00 4.93
CA SER A 59 1.45 16.96 4.33
C SER A 59 0.03 16.40 4.28
N LEU A 60 -0.09 15.16 3.82
CA LEU A 60 -1.39 14.51 3.72
C LEU A 60 -2.11 14.52 5.06
N ASP A 61 -3.36 14.06 5.07
CA ASP A 61 -4.15 14.00 6.28
C ASP A 61 -4.96 12.71 6.35
N GLU A 62 -4.90 12.05 7.50
CA GLU A 62 -5.63 10.79 7.69
C GLU A 62 -7.06 10.93 7.21
N GLN A 63 -7.66 12.08 7.45
CA GLN A 63 -9.05 12.33 7.03
C GLN A 63 -9.19 12.17 5.52
N ASN A 64 -8.26 12.76 4.77
CA ASN A 64 -8.29 12.68 3.32
C ASN A 64 -8.11 11.24 2.84
N VAL A 65 -9.13 10.70 2.20
CA VAL A 65 -9.07 9.34 1.69
C VAL A 65 -8.88 9.32 0.18
N GLU A 66 -9.85 9.88 -0.54
CA GLU A 66 -9.77 9.92 -2.00
C GLU A 66 -8.50 10.64 -2.46
N LYS A 67 -7.93 11.45 -1.58
CA LYS A 67 -6.71 12.19 -1.89
C LYS A 67 -5.48 11.30 -1.74
N ASN A 68 -5.17 10.94 -0.50
CA ASN A 68 -4.01 10.10 -0.22
C ASN A 68 -3.84 9.03 -1.30
N ASN A 69 -4.96 8.48 -1.76
CA ASN A 69 -4.94 7.45 -2.78
C ASN A 69 -4.69 8.06 -4.16
N GLN A 70 -5.58 8.97 -4.56
CA GLN A 70 -5.46 9.64 -5.86
C GLN A 70 -4.01 10.07 -6.12
N LEU A 71 -3.39 10.64 -5.09
CA LEU A 71 -2.01 11.11 -5.21
C LEU A 71 -1.08 9.95 -5.56
N ALA A 72 -0.91 9.03 -4.63
CA ALA A 72 -0.05 7.87 -4.84
C ALA A 72 -0.23 7.30 -6.24
N PHE A 73 -1.46 6.92 -6.57
CA PHE A 73 -1.75 6.36 -7.89
C PHE A 73 -1.10 7.19 -8.99
N ASP A 74 -0.97 8.49 -8.75
CA ASP A 74 -0.37 9.38 -9.73
C ASP A 74 1.15 9.45 -9.54
N ILE A 75 1.58 9.91 -8.37
CA ILE A 75 3.00 10.01 -8.07
C ILE A 75 3.74 8.74 -8.46
N ALA A 76 3.25 7.60 -8.00
CA ALA A 76 3.85 6.32 -8.30
C ALA A 76 4.24 6.23 -9.77
N GLU A 77 3.25 6.09 -10.64
CA GLU A 77 3.49 5.99 -12.07
C GLU A 77 4.34 7.16 -12.56
N LYS A 78 3.99 8.36 -12.12
CA LYS A 78 4.72 9.56 -12.51
C LYS A 78 6.23 9.33 -12.45
N GLU A 79 6.70 8.86 -11.29
CA GLU A 79 8.12 8.59 -11.10
C GLU A 79 8.40 7.09 -11.14
N LEU A 80 7.87 6.37 -10.16
CA LEU A 80 8.07 4.93 -10.09
C LEU A 80 7.71 4.26 -11.41
N GLY A 81 6.47 4.42 -11.84
CA GLY A 81 6.03 3.83 -13.10
C GLY A 81 4.96 2.78 -12.91
N ILE A 82 4.55 2.58 -11.65
CA ILE A 82 3.53 1.60 -11.34
C ILE A 82 2.15 2.10 -11.72
N SER A 83 1.63 1.63 -12.84
CA SER A 83 0.31 2.02 -13.32
C SER A 83 -0.78 1.63 -12.33
N PRO A 84 -1.56 2.61 -11.88
CA PRO A 84 -2.65 2.39 -10.92
C PRO A 84 -3.81 1.61 -11.54
N ILE A 85 -4.38 0.69 -10.77
CA ILE A 85 -5.50 -0.12 -11.24
C ILE A 85 -6.81 0.66 -11.16
N MET A 86 -6.86 1.62 -10.25
CA MET A 86 -8.07 2.44 -10.07
C MET A 86 -7.70 3.85 -9.64
N THR A 87 -8.72 4.68 -9.40
CA THR A 87 -8.51 6.06 -8.97
C THR A 87 -9.06 6.28 -7.57
N GLY A 88 -8.44 7.21 -6.84
CA GLY A 88 -8.89 7.51 -5.50
C GLY A 88 -10.40 7.62 -5.40
N LYS A 89 -11.01 8.24 -6.40
CA LYS A 89 -12.47 8.41 -6.43
C LYS A 89 -13.17 7.04 -6.43
N GLU A 90 -12.68 6.14 -7.26
CA GLU A 90 -13.26 4.81 -7.37
C GLU A 90 -13.00 4.00 -6.09
N MET A 91 -11.83 4.19 -5.51
CA MET A 91 -11.46 3.48 -4.28
C MET A 91 -12.29 3.99 -3.10
N ALA A 92 -12.64 5.27 -3.12
CA ALA A 92 -13.42 5.87 -2.06
C ALA A 92 -14.89 5.49 -2.18
N SER A 93 -15.33 5.26 -3.42
CA SER A 93 -16.72 4.90 -3.67
C SER A 93 -16.95 3.41 -3.40
N VAL A 94 -16.15 2.57 -4.04
CA VAL A 94 -16.26 1.12 -3.87
C VAL A 94 -16.20 0.74 -2.40
N GLY A 95 -17.04 -0.22 -2.01
CA GLY A 95 -17.07 -0.67 -0.63
C GLY A 95 -15.83 -1.43 -0.24
N GLU A 96 -15.26 -2.17 -1.19
CA GLU A 96 -14.06 -2.95 -0.94
C GLU A 96 -13.45 -3.45 -2.24
N PRO A 97 -12.12 -3.29 -2.38
CA PRO A 97 -11.38 -3.72 -3.57
C PRO A 97 -11.33 -5.23 -3.70
N ASP A 98 -10.66 -5.70 -4.76
CA ASP A 98 -10.53 -7.13 -5.00
C ASP A 98 -9.20 -7.65 -4.47
N LYS A 99 -9.25 -8.79 -3.77
CA LYS A 99 -8.05 -9.39 -3.20
C LYS A 99 -6.96 -9.54 -4.26
N LEU A 100 -7.29 -10.23 -5.34
CA LEU A 100 -6.34 -10.45 -6.42
C LEU A 100 -5.79 -9.12 -6.94
N SER A 101 -6.64 -8.37 -7.64
CA SER A 101 -6.23 -7.08 -8.19
C SER A 101 -5.32 -6.33 -7.21
N MET A 102 -5.76 -6.24 -5.97
CA MET A 102 -4.99 -5.55 -4.94
C MET A 102 -3.59 -6.15 -4.82
N VAL A 103 -3.54 -7.44 -4.44
CA VAL A 103 -2.26 -8.13 -4.29
C VAL A 103 -1.36 -7.90 -5.48
N MET A 104 -1.82 -8.33 -6.66
CA MET A 104 -1.04 -8.15 -7.88
C MET A 104 -0.51 -6.73 -8.00
N TYR A 105 -1.42 -5.76 -7.92
CA TYR A 105 -1.04 -4.36 -8.02
C TYR A 105 0.05 -4.01 -7.01
N LEU A 106 -0.28 -4.13 -5.73
CA LEU A 106 0.67 -3.84 -4.66
C LEU A 106 2.03 -4.46 -4.96
N THR A 107 2.02 -5.74 -5.30
CA THR A 107 3.25 -6.46 -5.61
C THR A 107 4.25 -5.56 -6.33
N GLN A 108 3.76 -4.87 -7.36
CA GLN A 108 4.61 -3.97 -8.14
C GLN A 108 5.51 -3.14 -7.23
N PHE A 109 4.92 -2.59 -6.18
CA PHE A 109 5.66 -1.75 -5.23
C PHE A 109 6.70 -2.60 -4.48
N TYR A 110 6.26 -3.72 -3.93
CA TYR A 110 7.15 -4.60 -3.19
C TYR A 110 8.35 -5.00 -4.03
N GLU A 111 8.09 -5.62 -5.17
CA GLU A 111 9.15 -6.05 -6.08
C GLU A 111 10.10 -4.90 -6.38
N MET A 112 9.59 -3.67 -6.31
CA MET A 112 10.40 -2.49 -6.58
C MET A 112 11.30 -2.17 -5.38
N PHE A 113 10.76 -2.31 -4.18
CA PHE A 113 11.51 -2.03 -2.96
C PHE A 113 11.83 -3.32 -2.22
N LYS A 114 11.83 -4.44 -2.94
CA LYS A 114 12.13 -5.73 -2.35
C LYS A 114 13.60 -5.85 -1.98
N ASP A 115 14.47 -5.42 -2.89
CA ASP A 115 15.91 -5.48 -2.66
C ASP A 115 16.34 -4.37 -1.71
N SER A 116 16.00 -3.13 -2.06
CA SER A 116 16.36 -1.98 -1.25
C SER A 116 16.27 -2.31 0.25
N GLY A 117 15.23 -3.07 0.61
CA GLY A 117 15.04 -3.45 2.00
C GLY A 117 16.06 -4.47 2.46
N PRO A 118 16.31 -4.51 3.78
CA PRO A 118 17.28 -5.44 4.37
C PRO A 118 16.78 -6.88 4.33
N SER A 119 17.55 -7.79 4.95
CA SER A 119 17.18 -9.20 4.97
C SER A 119 15.98 -9.44 5.89
N SER A 120 15.29 -10.55 5.66
CA SER A 120 14.12 -10.89 6.46
C SER A 120 14.23 -12.31 7.00
N GLY A 121 14.22 -12.44 8.33
CA GLY A 121 14.32 -13.73 8.96
C GLY A 121 15.72 -14.33 8.85
N GLY A 1 -10.82 -20.73 -11.44
CA GLY A 1 -12.04 -21.38 -11.89
C GLY A 1 -12.62 -22.30 -10.83
N SER A 2 -12.64 -21.84 -9.59
CA SER A 2 -13.17 -22.63 -8.48
C SER A 2 -14.30 -21.90 -7.77
N SER A 3 -15.50 -22.45 -7.83
CA SER A 3 -16.66 -21.85 -7.20
C SER A 3 -16.39 -21.56 -5.73
N GLY A 4 -17.17 -20.65 -5.15
CA GLY A 4 -17.01 -20.31 -3.75
C GLY A 4 -15.84 -19.36 -3.52
N SER A 5 -15.35 -19.31 -2.29
CA SER A 5 -14.24 -18.44 -1.94
C SER A 5 -12.99 -19.26 -1.61
N SER A 6 -11.84 -18.59 -1.60
CA SER A 6 -10.58 -19.25 -1.30
C SER A 6 -9.50 -18.23 -0.98
N GLY A 7 -8.46 -18.69 -0.27
CA GLY A 7 -7.37 -17.80 0.09
C GLY A 7 -7.85 -16.49 0.68
N VAL A 8 -8.34 -16.55 1.91
CA VAL A 8 -8.85 -15.36 2.59
C VAL A 8 -8.48 -15.38 4.07
N ALA A 9 -8.47 -14.19 4.68
CA ALA A 9 -8.13 -14.07 6.09
C ALA A 9 -6.83 -14.82 6.42
N ARG A 10 -5.89 -14.76 5.50
CA ARG A 10 -4.60 -15.42 5.69
C ARG A 10 -3.44 -14.47 5.43
N SER A 11 -2.29 -14.78 6.01
CA SER A 11 -1.10 -13.94 5.84
C SER A 11 -0.44 -14.21 4.49
N SER A 12 -0.48 -13.22 3.60
CA SER A 12 0.12 -13.35 2.28
C SER A 12 1.56 -12.86 2.29
N LYS A 13 2.40 -13.49 1.47
CA LYS A 13 3.80 -13.11 1.37
C LYS A 13 3.95 -11.59 1.25
N LEU A 14 3.18 -11.00 0.35
CA LEU A 14 3.22 -9.56 0.15
C LEU A 14 2.82 -8.81 1.41
N LEU A 15 1.67 -9.14 1.96
CA LEU A 15 1.18 -8.51 3.18
C LEU A 15 2.32 -8.27 4.17
N GLY A 16 2.94 -9.37 4.60
CA GLY A 16 4.05 -9.26 5.54
C GLY A 16 4.95 -8.07 5.25
N TRP A 17 5.54 -8.06 4.06
CA TRP A 17 6.44 -6.98 3.67
C TRP A 17 5.87 -5.63 4.09
N CYS A 18 4.62 -5.37 3.70
CA CYS A 18 3.96 -4.11 4.04
C CYS A 18 3.81 -3.97 5.56
N GLN A 19 3.36 -5.03 6.21
CA GLN A 19 3.17 -5.02 7.65
C GLN A 19 4.46 -4.66 8.37
N ARG A 20 5.59 -5.07 7.80
CA ARG A 20 6.89 -4.79 8.38
C ARG A 20 7.37 -3.39 8.02
N GLN A 21 7.31 -3.07 6.72
CA GLN A 21 7.73 -1.76 6.25
C GLN A 21 6.87 -0.66 6.85
N THR A 22 5.56 -0.75 6.62
CA THR A 22 4.62 0.24 7.14
C THR A 22 4.79 0.43 8.64
N ASP A 23 5.02 -0.67 9.36
CA ASP A 23 5.21 -0.63 10.80
C ASP A 23 6.11 0.54 11.19
N GLY A 24 5.61 1.41 12.06
CA GLY A 24 6.39 2.55 12.50
C GLY A 24 5.68 3.86 12.26
N TYR A 25 4.88 3.93 11.21
CA TYR A 25 4.13 5.14 10.87
C TYR A 25 3.13 5.48 11.98
N ALA A 26 2.35 6.52 11.74
CA ALA A 26 1.34 6.96 12.71
C ALA A 26 -0.07 6.75 12.17
N GLY A 27 -0.81 5.83 12.78
CA GLY A 27 -2.16 5.55 12.34
C GLY A 27 -2.21 4.73 11.08
N VAL A 28 -1.18 3.90 10.87
CA VAL A 28 -1.11 3.06 9.69
C VAL A 28 -0.98 1.60 10.07
N ASN A 29 -2.10 0.98 10.45
CA ASN A 29 -2.11 -0.42 10.84
C ASN A 29 -2.72 -1.29 9.74
N VAL A 30 -1.86 -2.01 9.03
CA VAL A 30 -2.31 -2.88 7.95
C VAL A 30 -2.67 -4.26 8.48
N THR A 31 -3.98 -4.54 8.55
CA THR A 31 -4.46 -5.83 9.03
C THR A 31 -4.93 -6.70 7.88
N ASP A 32 -5.24 -6.08 6.75
CA ASP A 32 -5.71 -6.81 5.58
C ASP A 32 -5.33 -6.07 4.30
N LEU A 33 -5.09 -6.82 3.23
CA LEU A 33 -4.72 -6.24 1.95
C LEU A 33 -5.95 -5.77 1.19
N THR A 34 -6.87 -5.12 1.90
CA THR A 34 -8.09 -4.62 1.29
C THR A 34 -8.35 -3.16 1.70
N MET A 35 -8.78 -2.97 2.95
CA MET A 35 -9.06 -1.64 3.46
C MET A 35 -7.78 -0.95 3.90
N SER A 36 -6.88 -1.70 4.51
CA SER A 36 -5.61 -1.16 4.98
C SER A 36 -5.05 -0.14 4.00
N TRP A 37 -5.41 -0.29 2.73
CA TRP A 37 -4.95 0.61 1.68
C TRP A 37 -6.05 1.61 1.30
N LYS A 38 -7.30 1.16 1.38
CA LYS A 38 -8.44 2.01 1.05
C LYS A 38 -8.23 3.43 1.56
N SER A 39 -7.82 3.55 2.83
CA SER A 39 -7.59 4.85 3.43
C SER A 39 -6.67 5.70 2.57
N GLY A 40 -5.49 5.16 2.26
CA GLY A 40 -4.54 5.89 1.44
C GLY A 40 -3.20 6.06 2.13
N LEU A 41 -3.23 6.38 3.42
CA LEU A 41 -2.01 6.58 4.19
C LEU A 41 -1.01 5.45 3.92
N ALA A 42 -1.42 4.23 4.20
CA ALA A 42 -0.56 3.06 3.98
C ALA A 42 0.23 3.20 2.69
N LEU A 43 -0.46 3.11 1.56
CA LEU A 43 0.18 3.22 0.26
C LEU A 43 1.16 4.38 0.23
N CYS A 44 0.76 5.51 0.83
CA CYS A 44 1.60 6.69 0.87
C CYS A 44 2.84 6.44 1.72
N ALA A 45 2.68 5.61 2.75
CA ALA A 45 3.80 5.30 3.65
C ALA A 45 4.82 4.40 2.95
N ILE A 46 4.41 3.79 1.85
CA ILE A 46 5.29 2.90 1.10
C ILE A 46 6.25 3.70 0.23
N ILE A 47 5.72 4.70 -0.46
CA ILE A 47 6.53 5.55 -1.32
C ILE A 47 7.46 6.44 -0.51
N HIS A 48 6.95 6.95 0.61
CA HIS A 48 7.73 7.82 1.49
C HIS A 48 8.80 7.03 2.23
N ARG A 49 8.38 5.94 2.87
CA ARG A 49 9.29 5.09 3.62
C ARG A 49 10.67 5.04 2.95
N TYR A 50 10.67 4.93 1.63
CA TYR A 50 11.91 4.88 0.87
C TYR A 50 12.24 6.23 0.26
N ARG A 51 11.29 6.81 -0.45
CA ARG A 51 11.47 8.12 -1.08
C ARG A 51 10.43 9.12 -0.59
N PRO A 52 10.80 9.92 0.41
CA PRO A 52 9.91 10.93 0.99
C PRO A 52 9.63 12.08 0.02
N ASP A 53 10.50 12.23 -0.97
CA ASP A 53 10.35 13.29 -1.97
C ASP A 53 9.11 13.06 -2.83
N LEU A 54 9.05 11.88 -3.45
CA LEU A 54 7.92 11.54 -4.32
C LEU A 54 6.60 11.96 -3.68
N ILE A 55 6.32 11.40 -2.50
CA ILE A 55 5.09 11.71 -1.79
C ILE A 55 5.39 12.31 -0.42
N ASP A 56 4.52 13.21 0.03
CA ASP A 56 4.69 13.87 1.31
C ASP A 56 3.62 13.42 2.30
N PHE A 57 3.98 12.47 3.17
CA PHE A 57 3.05 11.95 4.16
C PHE A 57 2.64 13.04 5.14
N ASP A 58 3.61 13.67 5.77
CA ASP A 58 3.35 14.73 6.73
C ASP A 58 2.26 15.66 6.22
N SER A 59 2.31 15.98 4.93
CA SER A 59 1.35 16.87 4.31
C SER A 59 -0.03 16.21 4.25
N LEU A 60 -0.05 14.93 3.93
CA LEU A 60 -1.30 14.17 3.83
C LEU A 60 -1.94 14.00 5.21
N ASP A 61 -3.27 14.00 5.25
CA ASP A 61 -3.99 13.84 6.50
C ASP A 61 -4.89 12.60 6.45
N GLU A 62 -4.94 11.87 7.56
CA GLU A 62 -5.76 10.67 7.64
C GLU A 62 -7.17 10.93 7.13
N GLN A 63 -7.75 12.04 7.55
CA GLN A 63 -9.10 12.41 7.11
C GLN A 63 -9.24 12.26 5.61
N ASN A 64 -8.28 12.80 4.86
CA ASN A 64 -8.32 12.73 3.41
C ASN A 64 -8.11 11.29 2.93
N VAL A 65 -9.17 10.72 2.38
CA VAL A 65 -9.12 9.34 1.88
C VAL A 65 -8.90 9.32 0.37
N GLU A 66 -9.90 9.79 -0.37
CA GLU A 66 -9.82 9.83 -1.83
C GLU A 66 -8.52 10.49 -2.29
N LYS A 67 -8.10 11.51 -1.56
CA LYS A 67 -6.88 12.24 -1.89
C LYS A 67 -5.66 11.34 -1.74
N ASN A 68 -5.34 10.99 -0.50
CA ASN A 68 -4.20 10.13 -0.22
C ASN A 68 -4.03 9.07 -1.29
N ASN A 69 -5.16 8.58 -1.81
CA ASN A 69 -5.15 7.56 -2.85
C ASN A 69 -4.87 8.17 -4.22
N GLN A 70 -5.76 9.06 -4.66
CA GLN A 70 -5.60 9.71 -5.96
C GLN A 70 -4.16 10.18 -6.16
N LEU A 71 -3.54 10.64 -5.08
CA LEU A 71 -2.16 11.11 -5.14
C LEU A 71 -1.22 9.99 -5.54
N ALA A 72 -1.04 9.02 -4.64
CA ALA A 72 -0.16 7.89 -4.91
C ALA A 72 -0.32 7.38 -6.33
N PHE A 73 -1.54 6.99 -6.67
CA PHE A 73 -1.83 6.48 -8.01
C PHE A 73 -1.14 7.32 -9.07
N ASP A 74 -1.01 8.62 -8.79
CA ASP A 74 -0.37 9.54 -9.72
C ASP A 74 1.13 9.59 -9.49
N ILE A 75 1.53 9.98 -8.29
CA ILE A 75 2.94 10.07 -7.93
C ILE A 75 3.69 8.82 -8.36
N ALA A 76 3.19 7.66 -7.97
CA ALA A 76 3.82 6.39 -8.32
C ALA A 76 4.19 6.35 -9.79
N GLU A 77 3.19 6.24 -10.65
CA GLU A 77 3.41 6.19 -12.09
C GLU A 77 4.23 7.40 -12.55
N LYS A 78 4.02 8.54 -11.90
CA LYS A 78 4.74 9.76 -12.24
C LYS A 78 6.24 9.56 -12.11
N GLU A 79 6.66 8.91 -11.02
CA GLU A 79 8.07 8.66 -10.78
C GLU A 79 8.38 7.17 -10.86
N LEU A 80 7.81 6.40 -9.93
CA LEU A 80 8.04 4.96 -9.90
C LEU A 80 7.75 4.34 -11.26
N GLY A 81 6.64 4.72 -11.87
CA GLY A 81 6.28 4.20 -13.18
C GLY A 81 5.19 3.14 -13.09
N ILE A 82 4.84 2.74 -11.88
CA ILE A 82 3.81 1.74 -11.66
C ILE A 82 2.42 2.30 -11.98
N SER A 83 1.85 1.84 -13.09
CA SER A 83 0.53 2.29 -13.51
C SER A 83 -0.55 1.82 -12.53
N PRO A 84 -1.39 2.76 -12.08
CA PRO A 84 -2.47 2.45 -11.13
C PRO A 84 -3.59 1.64 -11.77
N ILE A 85 -4.22 0.78 -10.97
CA ILE A 85 -5.30 -0.06 -11.46
C ILE A 85 -6.65 0.61 -11.25
N MET A 86 -6.76 1.37 -10.16
CA MET A 86 -8.01 2.07 -9.84
C MET A 86 -7.75 3.54 -9.55
N THR A 87 -8.82 4.30 -9.36
CA THR A 87 -8.71 5.73 -9.09
C THR A 87 -9.26 6.06 -7.70
N GLY A 88 -8.59 7.00 -7.03
CA GLY A 88 -9.03 7.39 -5.70
C GLY A 88 -10.54 7.37 -5.55
N LYS A 89 -11.24 7.95 -6.53
CA LYS A 89 -12.69 7.99 -6.50
C LYS A 89 -13.28 6.59 -6.42
N GLU A 90 -12.77 5.69 -7.25
CA GLU A 90 -13.25 4.31 -7.26
C GLU A 90 -12.89 3.60 -5.96
N MET A 91 -11.88 4.11 -5.28
CA MET A 91 -11.44 3.53 -4.01
C MET A 91 -12.28 4.03 -2.85
N ALA A 92 -12.66 5.30 -2.91
CA ALA A 92 -13.47 5.91 -1.86
C ALA A 92 -14.94 5.51 -2.01
N SER A 93 -15.35 5.22 -3.23
CA SER A 93 -16.73 4.83 -3.51
C SER A 93 -16.93 3.35 -3.27
N VAL A 94 -16.11 2.52 -3.91
CA VAL A 94 -16.20 1.08 -3.76
C VAL A 94 -16.16 0.68 -2.29
N GLY A 95 -17.00 -0.29 -1.92
CA GLY A 95 -17.06 -0.74 -0.54
C GLY A 95 -15.77 -1.43 -0.11
N GLU A 96 -15.21 -2.23 -1.01
CA GLU A 96 -13.97 -2.94 -0.71
C GLU A 96 -13.30 -3.43 -2.00
N PRO A 97 -11.97 -3.31 -2.05
CA PRO A 97 -11.19 -3.73 -3.22
C PRO A 97 -11.15 -5.24 -3.38
N ASP A 98 -10.52 -5.71 -4.44
CA ASP A 98 -10.41 -7.14 -4.72
C ASP A 98 -9.03 -7.67 -4.34
N LYS A 99 -9.01 -8.68 -3.49
CA LYS A 99 -7.76 -9.28 -3.04
C LYS A 99 -6.77 -9.41 -4.20
N LEU A 100 -7.23 -10.02 -5.29
CA LEU A 100 -6.39 -10.20 -6.47
C LEU A 100 -5.80 -8.87 -6.94
N SER A 101 -6.68 -7.98 -7.39
CA SER A 101 -6.25 -6.67 -7.87
C SER A 101 -5.26 -6.03 -6.90
N MET A 102 -5.65 -5.96 -5.63
CA MET A 102 -4.80 -5.38 -4.60
C MET A 102 -3.43 -6.03 -4.60
N VAL A 103 -3.39 -7.33 -4.29
CA VAL A 103 -2.14 -8.07 -4.26
C VAL A 103 -1.33 -7.85 -5.53
N MET A 104 -1.89 -8.28 -6.66
CA MET A 104 -1.22 -8.12 -7.94
C MET A 104 -0.66 -6.72 -8.10
N TYR A 105 -1.50 -5.71 -7.85
CA TYR A 105 -1.09 -4.33 -7.96
C TYR A 105 0.08 -4.02 -7.03
N LEU A 106 -0.18 -4.08 -5.72
CA LEU A 106 0.85 -3.81 -4.73
C LEU A 106 2.16 -4.48 -5.10
N THR A 107 2.09 -5.77 -5.46
CA THR A 107 3.27 -6.52 -5.85
C THR A 107 4.28 -5.64 -6.59
N GLN A 108 3.77 -4.88 -7.56
CA GLN A 108 4.62 -3.99 -8.35
C GLN A 108 5.55 -3.19 -7.44
N PHE A 109 4.98 -2.60 -6.38
CA PHE A 109 5.76 -1.80 -5.44
C PHE A 109 6.73 -2.67 -4.67
N TYR A 110 6.23 -3.77 -4.11
CA TYR A 110 7.05 -4.69 -3.34
C TYR A 110 8.27 -5.14 -4.14
N GLU A 111 8.03 -5.78 -5.27
CA GLU A 111 9.10 -6.26 -6.13
C GLU A 111 10.11 -5.15 -6.39
N MET A 112 9.64 -3.91 -6.41
CA MET A 112 10.51 -2.77 -6.65
C MET A 112 11.37 -2.47 -5.42
N PHE A 113 10.79 -2.66 -4.24
CA PHE A 113 11.49 -2.40 -2.99
C PHE A 113 11.72 -3.71 -2.22
N LYS A 114 11.74 -4.82 -2.95
CA LYS A 114 11.96 -6.12 -2.33
C LYS A 114 13.42 -6.33 -1.98
N ASP A 115 14.31 -5.87 -2.85
CA ASP A 115 15.75 -5.99 -2.63
C ASP A 115 16.16 -5.27 -1.35
N SER A 116 15.57 -4.10 -1.12
CA SER A 116 15.89 -3.31 0.06
C SER A 116 16.10 -4.21 1.27
N GLY A 117 17.30 -4.11 1.87
CA GLY A 117 17.61 -4.92 3.03
C GLY A 117 18.19 -6.28 2.66
N PRO A 118 18.52 -7.08 3.67
CA PRO A 118 19.10 -8.42 3.47
C PRO A 118 18.08 -9.40 2.91
N SER A 119 18.52 -10.64 2.69
CA SER A 119 17.64 -11.67 2.14
C SER A 119 18.23 -13.05 2.39
N SER A 120 17.52 -13.86 3.15
CA SER A 120 17.98 -15.22 3.46
C SER A 120 17.34 -16.23 2.52
N GLY A 121 18.15 -17.16 2.02
CA GLY A 121 17.66 -18.18 1.11
C GLY A 121 18.17 -19.56 1.46
N GLY A 1 13.03 -20.82 -1.59
CA GLY A 1 13.49 -20.79 -2.97
C GLY A 1 12.42 -20.30 -3.93
N SER A 2 12.62 -20.56 -5.22
CA SER A 2 11.67 -20.13 -6.24
C SER A 2 10.46 -21.04 -6.27
N SER A 3 10.70 -22.32 -6.57
CA SER A 3 9.61 -23.30 -6.64
C SER A 3 9.32 -23.87 -5.26
N GLY A 4 8.06 -24.22 -5.03
CA GLY A 4 7.66 -24.77 -3.74
C GLY A 4 6.23 -25.28 -3.75
N SER A 5 5.63 -25.36 -2.56
CA SER A 5 4.25 -25.83 -2.43
C SER A 5 3.29 -24.66 -2.22
N SER A 6 2.48 -24.38 -3.23
CA SER A 6 1.51 -23.30 -3.15
C SER A 6 0.40 -23.61 -2.16
N GLY A 7 -0.23 -22.57 -1.63
CA GLY A 7 -1.31 -22.78 -0.67
C GLY A 7 -1.00 -22.14 0.68
N VAL A 8 -1.34 -20.86 0.81
CA VAL A 8 -1.11 -20.13 2.06
C VAL A 8 -2.37 -19.40 2.52
N ALA A 9 -2.64 -19.47 3.81
CA ALA A 9 -3.81 -18.81 4.38
C ALA A 9 -3.41 -17.69 5.34
N ARG A 10 -2.16 -17.74 5.81
CA ARG A 10 -1.66 -16.72 6.72
C ARG A 10 -1.25 -15.46 5.96
N SER A 11 -0.79 -14.46 6.70
CA SER A 11 -0.38 -13.19 6.10
C SER A 11 0.40 -13.43 4.82
N SER A 12 -0.22 -13.14 3.68
CA SER A 12 0.41 -13.33 2.38
C SER A 12 1.82 -12.74 2.38
N LYS A 13 2.77 -13.51 1.87
CA LYS A 13 4.16 -13.07 1.80
C LYS A 13 4.24 -11.56 1.54
N LEU A 14 3.50 -11.10 0.53
CA LEU A 14 3.48 -9.69 0.19
C LEU A 14 3.05 -8.84 1.38
N LEU A 15 1.87 -9.13 1.91
CA LEU A 15 1.34 -8.39 3.06
C LEU A 15 2.44 -8.12 4.07
N GLY A 16 3.08 -9.18 4.55
CA GLY A 16 4.14 -9.03 5.52
C GLY A 16 5.03 -7.83 5.24
N TRP A 17 5.66 -7.85 4.06
CA TRP A 17 6.54 -6.76 3.66
C TRP A 17 5.98 -5.41 4.09
N CYS A 18 4.71 -5.18 3.79
CA CYS A 18 4.04 -3.93 4.15
C CYS A 18 3.93 -3.79 5.67
N GLN A 19 3.46 -4.83 6.32
CA GLN A 19 3.30 -4.82 7.77
C GLN A 19 4.61 -4.46 8.45
N ARG A 20 5.72 -4.93 7.88
CA ARG A 20 7.04 -4.66 8.45
C ARG A 20 7.52 -3.26 8.06
N GLN A 21 7.42 -2.95 6.76
CA GLN A 21 7.84 -1.64 6.27
C GLN A 21 7.03 -0.52 6.91
N THR A 22 5.71 -0.56 6.70
CA THR A 22 4.82 0.45 7.24
C THR A 22 5.04 0.62 8.74
N ASP A 23 5.45 -0.45 9.40
CA ASP A 23 5.69 -0.42 10.83
C ASP A 23 6.48 0.82 11.23
N GLY A 24 5.94 1.61 12.14
CA GLY A 24 6.60 2.82 12.58
C GLY A 24 5.76 4.05 12.38
N TYR A 25 4.89 4.02 11.38
CA TYR A 25 4.01 5.14 11.07
C TYR A 25 2.87 5.23 12.08
N ALA A 26 1.98 6.19 11.87
CA ALA A 26 0.84 6.38 12.76
C ALA A 26 -0.47 6.07 12.05
N GLY A 27 -1.20 5.08 12.55
CA GLY A 27 -2.46 4.70 11.95
C GLY A 27 -2.29 4.12 10.56
N VAL A 28 -1.14 3.50 10.32
CA VAL A 28 -0.85 2.90 9.02
C VAL A 28 -0.66 1.40 9.14
N ASN A 29 -0.35 0.94 10.35
CA ASN A 29 -0.13 -0.48 10.60
C ASN A 29 -1.09 -1.33 9.78
N VAL A 30 -0.64 -1.75 8.60
CA VAL A 30 -1.46 -2.57 7.72
C VAL A 30 -1.86 -3.87 8.39
N THR A 31 -3.14 -4.21 8.29
CA THR A 31 -3.65 -5.44 8.89
C THR A 31 -4.22 -6.38 7.84
N ASP A 32 -4.66 -5.80 6.71
CA ASP A 32 -5.23 -6.59 5.63
C ASP A 32 -4.79 -6.04 4.27
N LEU A 33 -5.31 -6.63 3.21
CA LEU A 33 -4.96 -6.20 1.85
C LEU A 33 -6.21 -5.70 1.11
N THR A 34 -7.14 -5.13 1.85
CA THR A 34 -8.37 -4.61 1.26
C THR A 34 -8.68 -3.21 1.76
N MET A 35 -9.10 -3.11 3.01
CA MET A 35 -9.42 -1.81 3.61
C MET A 35 -8.16 -1.09 4.05
N SER A 36 -7.26 -1.80 4.71
CA SER A 36 -6.01 -1.22 5.18
C SER A 36 -5.45 -0.24 4.15
N TRP A 37 -5.73 -0.51 2.87
CA TRP A 37 -5.25 0.35 1.80
C TRP A 37 -6.31 1.35 1.39
N LYS A 38 -7.58 0.95 1.48
CA LYS A 38 -8.69 1.81 1.12
C LYS A 38 -8.43 3.25 1.55
N SER A 39 -7.96 3.40 2.79
CA SER A 39 -7.67 4.73 3.34
C SER A 39 -6.75 5.51 2.41
N GLY A 40 -5.56 4.96 2.15
CA GLY A 40 -4.61 5.62 1.28
C GLY A 40 -3.27 5.83 1.94
N LEU A 41 -3.29 6.14 3.24
CA LEU A 41 -2.06 6.36 3.99
C LEU A 41 -1.03 5.28 3.69
N ALA A 42 -1.40 4.04 3.96
CA ALA A 42 -0.51 2.90 3.73
C ALA A 42 0.32 3.11 2.47
N LEU A 43 -0.33 3.06 1.32
CA LEU A 43 0.35 3.24 0.03
C LEU A 43 1.33 4.40 0.11
N CYS A 44 0.90 5.50 0.73
CA CYS A 44 1.75 6.68 0.86
C CYS A 44 2.96 6.38 1.75
N ALA A 45 2.74 5.57 2.78
CA ALA A 45 3.81 5.21 3.69
C ALA A 45 4.79 4.25 3.04
N ILE A 46 4.45 3.77 1.85
CA ILE A 46 5.31 2.86 1.11
C ILE A 46 6.33 3.60 0.26
N ILE A 47 5.87 4.68 -0.38
CA ILE A 47 6.74 5.48 -1.23
C ILE A 47 7.65 6.37 -0.39
N HIS A 48 7.10 6.95 0.67
CA HIS A 48 7.87 7.82 1.55
C HIS A 48 8.90 7.02 2.34
N ARG A 49 8.51 5.83 2.79
CA ARG A 49 9.42 4.98 3.56
C ARG A 49 10.82 5.01 2.97
N TYR A 50 10.91 4.97 1.65
CA TYR A 50 12.20 4.99 0.96
C TYR A 50 12.50 6.39 0.40
N ARG A 51 11.55 6.92 -0.35
CA ARG A 51 11.70 8.25 -0.95
C ARG A 51 10.58 9.18 -0.50
N PRO A 52 10.85 9.98 0.55
CA PRO A 52 9.88 10.93 1.09
C PRO A 52 9.61 12.10 0.14
N ASP A 53 10.61 12.40 -0.70
CA ASP A 53 10.48 13.49 -1.65
C ASP A 53 9.29 13.29 -2.58
N LEU A 54 9.20 12.09 -3.15
CA LEU A 54 8.11 11.77 -4.05
C LEU A 54 6.76 12.11 -3.43
N ILE A 55 6.40 11.41 -2.35
CA ILE A 55 5.15 11.65 -1.66
C ILE A 55 5.39 12.19 -0.27
N ASP A 56 4.67 13.26 0.09
CA ASP A 56 4.80 13.88 1.40
C ASP A 56 3.71 13.37 2.35
N PHE A 57 4.09 12.49 3.27
CA PHE A 57 3.15 11.94 4.24
C PHE A 57 2.71 13.00 5.24
N ASP A 58 3.67 13.74 5.78
CA ASP A 58 3.38 14.79 6.75
C ASP A 58 2.29 15.73 6.23
N SER A 59 2.38 16.07 4.94
CA SER A 59 1.41 16.97 4.32
C SER A 59 0.03 16.32 4.29
N LEU A 60 -0.01 15.02 4.02
CA LEU A 60 -1.26 14.29 3.95
C LEU A 60 -1.93 14.21 5.34
N ASP A 61 -3.18 13.79 5.36
CA ASP A 61 -3.92 13.67 6.60
C ASP A 61 -4.92 12.52 6.54
N GLU A 62 -4.92 11.68 7.57
CA GLU A 62 -5.83 10.54 7.62
C GLU A 62 -7.21 10.92 7.10
N GLN A 63 -7.71 12.07 7.54
CA GLN A 63 -9.02 12.54 7.12
C GLN A 63 -9.24 12.32 5.63
N ASN A 64 -8.29 12.80 4.82
CA ASN A 64 -8.38 12.65 3.37
C ASN A 64 -8.16 11.19 2.97
N VAL A 65 -9.20 10.58 2.40
CA VAL A 65 -9.13 9.20 1.96
C VAL A 65 -8.93 9.10 0.45
N GLU A 66 -9.87 9.67 -0.30
CA GLU A 66 -9.79 9.65 -1.76
C GLU A 66 -8.50 10.31 -2.24
N LYS A 67 -8.15 11.43 -1.62
CA LYS A 67 -6.94 12.15 -1.99
C LYS A 67 -5.71 11.27 -1.84
N ASN A 68 -5.38 10.92 -0.60
CA ASN A 68 -4.22 10.08 -0.32
C ASN A 68 -4.04 9.04 -1.42
N ASN A 69 -5.15 8.42 -1.85
CA ASN A 69 -5.10 7.41 -2.89
C ASN A 69 -4.81 8.03 -4.25
N GLN A 70 -5.71 8.91 -4.70
CA GLN A 70 -5.54 9.58 -5.98
C GLN A 70 -4.10 10.04 -6.17
N LEU A 71 -3.50 10.57 -5.10
CA LEU A 71 -2.12 11.04 -5.16
C LEU A 71 -1.17 9.92 -5.51
N ALA A 72 -1.01 8.97 -4.59
CA ALA A 72 -0.12 7.84 -4.80
C ALA A 72 -0.26 7.30 -6.22
N PHE A 73 -1.49 7.04 -6.64
CA PHE A 73 -1.77 6.52 -7.97
C PHE A 73 -1.07 7.37 -9.04
N ASP A 74 -1.01 8.67 -8.80
CA ASP A 74 -0.37 9.60 -9.73
C ASP A 74 1.14 9.61 -9.54
N ILE A 75 1.56 9.94 -8.31
CA ILE A 75 2.99 10.00 -7.99
C ILE A 75 3.70 8.72 -8.41
N ALA A 76 3.19 7.59 -7.92
CA ALA A 76 3.77 6.29 -8.24
C ALA A 76 4.09 6.19 -9.73
N GLU A 77 3.04 6.18 -10.56
CA GLU A 77 3.21 6.09 -12.01
C GLU A 77 4.09 7.22 -12.53
N LYS A 78 3.96 8.40 -11.92
CA LYS A 78 4.74 9.56 -12.32
C LYS A 78 6.23 9.28 -12.22
N GLU A 79 6.64 8.69 -11.10
CA GLU A 79 8.05 8.37 -10.88
C GLU A 79 8.28 6.86 -10.97
N LEU A 80 7.71 6.14 -10.01
CA LEU A 80 7.86 4.68 -9.98
C LEU A 80 7.55 4.07 -11.33
N GLY A 81 6.49 4.58 -11.97
CA GLY A 81 6.10 4.07 -13.28
C GLY A 81 4.98 3.05 -13.20
N ILE A 82 4.63 2.66 -11.97
CA ILE A 82 3.58 1.68 -11.75
C ILE A 82 2.21 2.27 -12.09
N SER A 83 1.60 1.78 -13.15
CA SER A 83 0.29 2.26 -13.56
C SER A 83 -0.79 1.87 -12.55
N PRO A 84 -1.62 2.85 -12.16
CA PRO A 84 -2.69 2.63 -11.20
C PRO A 84 -3.83 1.78 -11.76
N ILE A 85 -4.31 0.83 -10.97
CA ILE A 85 -5.38 -0.06 -11.38
C ILE A 85 -6.75 0.58 -11.14
N MET A 86 -6.80 1.51 -10.19
CA MET A 86 -8.04 2.20 -9.86
C MET A 86 -7.79 3.67 -9.56
N THR A 87 -8.85 4.47 -9.58
CA THR A 87 -8.74 5.90 -9.31
C THR A 87 -9.17 6.23 -7.88
N GLY A 88 -8.43 7.11 -7.23
CA GLY A 88 -8.75 7.49 -5.87
C GLY A 88 -10.24 7.55 -5.62
N LYS A 89 -10.98 8.09 -6.58
CA LYS A 89 -12.43 8.20 -6.47
C LYS A 89 -13.07 6.82 -6.37
N GLU A 90 -12.75 5.95 -7.32
CA GLU A 90 -13.29 4.60 -7.34
C GLU A 90 -12.96 3.86 -6.05
N MET A 91 -11.80 4.16 -5.48
CA MET A 91 -11.36 3.52 -4.25
C MET A 91 -12.18 4.02 -3.05
N ALA A 92 -12.52 5.31 -3.07
CA ALA A 92 -13.30 5.91 -1.99
C ALA A 92 -14.79 5.60 -2.15
N SER A 93 -15.20 5.37 -3.40
CA SER A 93 -16.59 5.07 -3.70
C SER A 93 -16.89 3.59 -3.48
N VAL A 94 -16.08 2.73 -4.09
CA VAL A 94 -16.25 1.29 -3.96
C VAL A 94 -16.39 0.88 -2.49
N GLY A 95 -17.10 -0.20 -2.26
CA GLY A 95 -17.30 -0.69 -0.89
C GLY A 95 -16.11 -1.48 -0.40
N GLU A 96 -15.49 -2.25 -1.29
CA GLU A 96 -14.33 -3.06 -0.91
C GLU A 96 -13.60 -3.55 -2.16
N PRO A 97 -12.26 -3.39 -2.16
CA PRO A 97 -11.42 -3.81 -3.28
C PRO A 97 -11.33 -5.32 -3.41
N ASP A 98 -10.73 -5.78 -4.49
CA ASP A 98 -10.58 -7.23 -4.73
C ASP A 98 -9.19 -7.69 -4.28
N LYS A 99 -9.17 -8.75 -3.48
CA LYS A 99 -7.92 -9.31 -2.99
C LYS A 99 -6.92 -9.48 -4.12
N LEU A 100 -7.37 -10.07 -5.21
CA LEU A 100 -6.51 -10.30 -6.37
C LEU A 100 -5.91 -8.98 -6.86
N SER A 101 -6.73 -8.15 -7.48
CA SER A 101 -6.29 -6.87 -8.00
C SER A 101 -5.33 -6.18 -7.01
N MET A 102 -5.80 -6.03 -5.78
CA MET A 102 -4.99 -5.39 -4.75
C MET A 102 -3.61 -6.03 -4.66
N VAL A 103 -3.58 -7.31 -4.32
CA VAL A 103 -2.32 -8.05 -4.21
C VAL A 103 -1.45 -7.84 -5.43
N MET A 104 -2.00 -8.15 -6.61
CA MET A 104 -1.27 -8.00 -7.86
C MET A 104 -0.66 -6.60 -7.96
N TYR A 105 -1.52 -5.59 -7.98
CA TYR A 105 -1.07 -4.20 -8.06
C TYR A 105 0.05 -3.92 -7.07
N LEU A 106 -0.26 -4.07 -5.78
CA LEU A 106 0.72 -3.83 -4.73
C LEU A 106 2.05 -4.52 -5.04
N THR A 107 1.97 -5.80 -5.40
CA THR A 107 3.17 -6.57 -5.74
C THR A 107 4.17 -5.72 -6.51
N GLN A 108 3.66 -4.73 -7.24
CA GLN A 108 4.52 -3.85 -8.02
C GLN A 108 5.44 -3.04 -7.12
N PHE A 109 4.86 -2.47 -6.07
CA PHE A 109 5.63 -1.66 -5.12
C PHE A 109 6.63 -2.53 -4.36
N TYR A 110 6.18 -3.69 -3.92
CA TYR A 110 7.03 -4.61 -3.18
C TYR A 110 8.24 -5.03 -4.01
N GLU A 111 7.97 -5.69 -5.14
CA GLU A 111 9.03 -6.16 -6.03
C GLU A 111 9.97 -5.01 -6.39
N MET A 112 9.46 -3.79 -6.29
CA MET A 112 10.26 -2.60 -6.61
C MET A 112 11.20 -2.25 -5.46
N PHE A 113 10.81 -2.64 -4.25
CA PHE A 113 11.62 -2.37 -3.07
C PHE A 113 11.79 -3.62 -2.22
N LYS A 114 11.78 -4.78 -2.87
CA LYS A 114 11.93 -6.06 -2.19
C LYS A 114 13.39 -6.34 -1.89
N ASP A 115 14.24 -6.07 -2.88
CA ASP A 115 15.67 -6.30 -2.73
C ASP A 115 16.25 -5.44 -1.62
N SER A 116 15.93 -4.15 -1.66
CA SER A 116 16.44 -3.21 -0.65
C SER A 116 16.41 -3.84 0.74
N GLY A 117 17.40 -3.48 1.56
CA GLY A 117 17.47 -4.02 2.90
C GLY A 117 18.55 -5.08 3.04
N PRO A 118 18.29 -6.09 3.89
CA PRO A 118 19.25 -7.18 4.14
C PRO A 118 19.39 -8.10 2.93
N SER A 119 20.54 -8.75 2.84
CA SER A 119 20.81 -9.66 1.73
C SER A 119 20.59 -11.12 2.15
N SER A 120 19.88 -11.86 1.32
CA SER A 120 19.59 -13.26 1.62
C SER A 120 19.74 -14.12 0.36
N GLY A 121 20.72 -15.02 0.38
CA GLY A 121 20.95 -15.89 -0.77
C GLY A 121 21.46 -17.25 -0.36
N GLY A 1 2.96 -34.47 0.08
CA GLY A 1 2.98 -34.64 1.52
C GLY A 1 2.74 -33.34 2.26
N SER A 2 1.55 -33.21 2.86
CA SER A 2 1.20 -32.01 3.60
C SER A 2 1.39 -30.76 2.74
N SER A 3 0.97 -30.86 1.47
CA SER A 3 1.09 -29.75 0.55
C SER A 3 -0.20 -29.53 -0.22
N GLY A 4 -0.49 -28.27 -0.55
CA GLY A 4 -1.70 -27.96 -1.28
C GLY A 4 -2.82 -27.49 -0.38
N SER A 5 -2.77 -26.24 0.04
CA SER A 5 -3.78 -25.67 0.91
C SER A 5 -4.48 -24.48 0.26
N SER A 6 -5.69 -24.19 0.70
CA SER A 6 -6.46 -23.08 0.15
C SER A 6 -5.90 -21.74 0.63
N GLY A 7 -5.82 -21.59 1.96
CA GLY A 7 -5.31 -20.36 2.53
C GLY A 7 -6.26 -19.19 2.35
N VAL A 8 -7.50 -19.37 2.81
CA VAL A 8 -8.51 -18.33 2.71
C VAL A 8 -8.04 -17.03 3.36
N ALA A 9 -7.68 -17.12 4.63
CA ALA A 9 -7.20 -15.96 5.38
C ALA A 9 -5.91 -16.27 6.11
N ARG A 10 -4.78 -16.02 5.45
CA ARG A 10 -3.47 -16.27 6.03
C ARG A 10 -2.46 -15.22 5.57
N SER A 11 -1.55 -14.86 6.47
CA SER A 11 -0.53 -13.87 6.16
C SER A 11 0.17 -14.19 4.84
N SER A 12 0.01 -13.30 3.86
CA SER A 12 0.62 -13.49 2.55
C SER A 12 2.06 -12.98 2.53
N LYS A 13 2.84 -13.47 1.57
CA LYS A 13 4.24 -13.06 1.45
C LYS A 13 4.35 -11.55 1.28
N LEU A 14 3.47 -10.98 0.45
CA LEU A 14 3.47 -9.55 0.20
C LEU A 14 3.05 -8.77 1.45
N LEU A 15 2.00 -9.23 2.10
CA LEU A 15 1.50 -8.59 3.32
C LEU A 15 2.64 -8.32 4.29
N GLY A 16 3.26 -9.39 4.79
CA GLY A 16 4.36 -9.24 5.71
C GLY A 16 5.23 -8.04 5.42
N TRP A 17 5.70 -7.95 4.18
CA TRP A 17 6.54 -6.83 3.77
C TRP A 17 5.90 -5.50 4.12
N CYS A 18 4.67 -5.31 3.65
CA CYS A 18 3.94 -4.07 3.91
C CYS A 18 3.84 -3.80 5.41
N GLN A 19 3.67 -4.87 6.18
CA GLN A 19 3.56 -4.75 7.63
C GLN A 19 4.91 -4.37 8.25
N ARG A 20 5.98 -4.90 7.67
CA ARG A 20 7.33 -4.63 8.18
C ARG A 20 7.80 -3.24 7.73
N GLN A 21 7.33 -2.82 6.55
CA GLN A 21 7.71 -1.52 6.01
C GLN A 21 6.82 -0.41 6.58
N THR A 22 5.52 -0.59 6.44
CA THR A 22 4.55 0.40 6.94
C THR A 22 4.68 0.58 8.44
N ASP A 23 5.43 -0.31 9.08
CA ASP A 23 5.63 -0.24 10.52
C ASP A 23 6.30 1.07 10.91
N GLY A 24 5.67 1.80 11.83
CA GLY A 24 6.21 3.07 12.27
C GLY A 24 5.22 4.21 12.10
N TYR A 25 4.38 4.12 11.08
CA TYR A 25 3.39 5.15 10.82
C TYR A 25 2.24 5.08 11.82
N ALA A 26 1.37 6.09 11.79
CA ALA A 26 0.23 6.14 12.69
C ALA A 26 -1.08 5.98 11.93
N GLY A 27 -1.89 5.02 12.38
CA GLY A 27 -3.17 4.78 11.73
C GLY A 27 -3.08 3.68 10.69
N VAL A 28 -1.93 3.57 10.04
CA VAL A 28 -1.72 2.56 9.01
C VAL A 28 -2.05 1.16 9.54
N ASN A 29 -1.21 0.68 10.46
CA ASN A 29 -1.41 -0.64 11.05
C ASN A 29 -1.98 -1.61 10.03
N VAL A 30 -1.40 -1.61 8.83
CA VAL A 30 -1.86 -2.50 7.76
C VAL A 30 -2.09 -3.91 8.29
N THR A 31 -3.36 -4.28 8.42
CA THR A 31 -3.73 -5.60 8.91
C THR A 31 -4.25 -6.47 7.78
N ASP A 32 -4.97 -5.86 6.84
CA ASP A 32 -5.53 -6.58 5.70
C ASP A 32 -5.17 -5.90 4.39
N LEU A 33 -5.02 -6.70 3.34
CA LEU A 33 -4.67 -6.18 2.03
C LEU A 33 -5.92 -5.73 1.26
N THR A 34 -6.85 -5.10 1.98
CA THR A 34 -8.08 -4.62 1.38
C THR A 34 -8.35 -3.17 1.76
N MET A 35 -8.75 -2.95 3.01
CA MET A 35 -9.05 -1.62 3.50
C MET A 35 -7.76 -0.87 3.83
N SER A 36 -6.82 -1.55 4.46
CA SER A 36 -5.55 -0.95 4.83
C SER A 36 -5.10 0.06 3.78
N TRP A 37 -5.42 -0.23 2.53
CA TRP A 37 -5.04 0.66 1.43
C TRP A 37 -6.19 1.60 1.06
N LYS A 38 -7.41 1.08 1.15
CA LYS A 38 -8.59 1.88 0.84
C LYS A 38 -8.41 3.33 1.27
N SER A 39 -8.03 3.52 2.52
CA SER A 39 -7.81 4.87 3.06
C SER A 39 -6.83 5.65 2.19
N GLY A 40 -5.63 5.11 2.03
CA GLY A 40 -4.62 5.77 1.22
C GLY A 40 -3.31 5.96 1.97
N LEU A 41 -3.41 6.24 3.26
CA LEU A 41 -2.22 6.44 4.09
C LEU A 41 -1.16 5.38 3.80
N ALA A 42 -1.55 4.12 3.98
CA ALA A 42 -0.63 3.01 3.73
C ALA A 42 0.19 3.24 2.47
N LEU A 43 -0.46 3.13 1.32
CA LEU A 43 0.21 3.33 0.04
C LEU A 43 1.17 4.53 0.10
N CYS A 44 0.68 5.63 0.68
CA CYS A 44 1.49 6.84 0.80
C CYS A 44 2.68 6.60 1.73
N ALA A 45 2.49 5.74 2.71
CA ALA A 45 3.55 5.43 3.67
C ALA A 45 4.60 4.50 3.04
N ILE A 46 4.19 3.76 2.03
CA ILE A 46 5.09 2.83 1.35
C ILE A 46 6.09 3.59 0.49
N ILE A 47 5.59 4.42 -0.41
CA ILE A 47 6.44 5.21 -1.29
C ILE A 47 7.39 6.09 -0.50
N HIS A 48 6.85 6.76 0.53
CA HIS A 48 7.65 7.64 1.37
C HIS A 48 8.68 6.84 2.16
N ARG A 49 8.24 5.74 2.76
CA ARG A 49 9.13 4.88 3.54
C ARG A 49 10.52 4.83 2.93
N TYR A 50 10.58 4.67 1.61
CA TYR A 50 11.85 4.60 0.91
C TYR A 50 12.22 5.96 0.32
N ARG A 51 11.30 6.54 -0.44
CA ARG A 51 11.53 7.84 -1.05
C ARG A 51 10.49 8.86 -0.60
N PRO A 52 10.84 9.64 0.44
CA PRO A 52 9.95 10.67 0.99
C PRO A 52 9.74 11.83 0.03
N ASP A 53 10.66 11.98 -0.92
CA ASP A 53 10.57 13.06 -1.90
C ASP A 53 9.34 12.90 -2.78
N LEU A 54 9.18 11.71 -3.36
CA LEU A 54 8.05 11.42 -4.22
C LEU A 54 6.74 11.84 -3.57
N ILE A 55 6.48 11.31 -2.38
CA ILE A 55 5.26 11.64 -1.64
C ILE A 55 5.58 12.09 -0.22
N ASP A 56 4.81 13.06 0.27
CA ASP A 56 5.00 13.58 1.61
C ASP A 56 3.89 13.12 2.54
N PHE A 57 4.21 12.19 3.42
CA PHE A 57 3.24 11.66 4.37
C PHE A 57 2.99 12.63 5.51
N ASP A 58 4.03 13.39 5.86
CA ASP A 58 3.93 14.37 6.94
C ASP A 58 2.97 15.49 6.56
N SER A 59 2.68 15.62 5.27
CA SER A 59 1.78 16.65 4.79
C SER A 59 0.36 16.12 4.64
N LEU A 60 0.25 14.89 4.13
CA LEU A 60 -1.04 14.26 3.93
C LEU A 60 -1.82 14.20 5.25
N ASP A 61 -3.14 14.21 5.15
CA ASP A 61 -4.00 14.15 6.33
C ASP A 61 -4.84 12.88 6.32
N GLU A 62 -4.84 12.16 7.45
CA GLU A 62 -5.60 10.93 7.58
C GLU A 62 -7.02 11.11 7.05
N GLN A 63 -7.69 12.17 7.50
CA GLN A 63 -9.04 12.45 7.07
C GLN A 63 -9.18 12.31 5.55
N ASN A 64 -8.13 12.67 4.84
CA ASN A 64 -8.12 12.59 3.38
C ASN A 64 -8.00 11.14 2.92
N VAL A 65 -9.10 10.61 2.36
CA VAL A 65 -9.11 9.24 1.87
C VAL A 65 -8.93 9.19 0.36
N GLU A 66 -9.93 9.68 -0.37
CA GLU A 66 -9.89 9.69 -1.83
C GLU A 66 -8.63 10.39 -2.32
N LYS A 67 -8.23 11.45 -1.61
CA LYS A 67 -7.03 12.20 -1.99
C LYS A 67 -5.78 11.36 -1.83
N ASN A 68 -5.49 10.94 -0.60
CA ASN A 68 -4.32 10.12 -0.32
C ASN A 68 -4.10 9.08 -1.42
N ASN A 69 -5.21 8.64 -2.02
CA ASN A 69 -5.14 7.65 -3.09
C ASN A 69 -4.85 8.31 -4.44
N GLN A 70 -5.76 9.17 -4.88
CA GLN A 70 -5.59 9.88 -6.14
C GLN A 70 -4.15 10.36 -6.32
N LEU A 71 -3.52 10.74 -5.21
CA LEU A 71 -2.14 11.22 -5.24
C LEU A 71 -1.19 10.09 -5.62
N ALA A 72 -1.07 9.10 -4.74
CA ALA A 72 -0.19 7.97 -4.97
C ALA A 72 -0.36 7.43 -6.39
N PHE A 73 -1.59 7.05 -6.73
CA PHE A 73 -1.88 6.51 -8.06
C PHE A 73 -1.23 7.36 -9.14
N ASP A 74 -0.94 8.62 -8.82
CA ASP A 74 -0.31 9.53 -9.76
C ASP A 74 1.19 9.57 -9.56
N ILE A 75 1.62 9.96 -8.36
CA ILE A 75 3.04 10.05 -8.05
C ILE A 75 3.76 8.74 -8.39
N ALA A 76 3.18 7.62 -7.97
CA ALA A 76 3.76 6.31 -8.23
C ALA A 76 4.17 6.19 -9.71
N GLU A 77 3.18 6.07 -10.58
CA GLU A 77 3.44 5.93 -12.01
C GLU A 77 4.32 7.07 -12.51
N LYS A 78 3.99 8.29 -12.10
CA LYS A 78 4.76 9.47 -12.50
C LYS A 78 6.26 9.18 -12.44
N GLU A 79 6.72 8.74 -11.27
CA GLU A 79 8.13 8.43 -11.08
C GLU A 79 8.37 6.93 -11.09
N LEU A 80 7.80 6.24 -10.11
CA LEU A 80 7.96 4.80 -10.00
C LEU A 80 7.60 4.11 -11.32
N GLY A 81 6.44 4.46 -11.87
CA GLY A 81 6.01 3.87 -13.13
C GLY A 81 4.88 2.88 -12.94
N ILE A 82 4.52 2.63 -11.69
CA ILE A 82 3.45 1.68 -11.37
C ILE A 82 2.08 2.26 -11.75
N SER A 83 1.55 1.81 -12.88
CA SER A 83 0.26 2.29 -13.36
C SER A 83 -0.85 1.87 -12.39
N PRO A 84 -1.72 2.84 -12.04
CA PRO A 84 -2.83 2.60 -11.12
C PRO A 84 -3.92 1.73 -11.75
N ILE A 85 -4.61 0.96 -10.92
CA ILE A 85 -5.67 0.08 -11.40
C ILE A 85 -7.04 0.73 -11.22
N MET A 86 -7.14 1.63 -10.25
CA MET A 86 -8.40 2.33 -9.98
C MET A 86 -8.15 3.81 -9.76
N THR A 87 -9.21 4.54 -9.40
CA THR A 87 -9.11 5.97 -9.16
C THR A 87 -9.41 6.31 -7.70
N GLY A 88 -8.75 7.34 -7.19
CA GLY A 88 -8.96 7.75 -5.81
C GLY A 88 -10.42 7.77 -5.43
N LYS A 89 -11.25 8.34 -6.30
CA LYS A 89 -12.67 8.44 -6.06
C LYS A 89 -13.32 7.06 -6.05
N GLU A 90 -12.91 6.21 -6.99
CA GLU A 90 -13.45 4.86 -7.09
C GLU A 90 -13.04 4.02 -5.88
N MET A 91 -11.93 4.39 -5.26
CA MET A 91 -11.43 3.68 -4.09
C MET A 91 -12.21 4.08 -2.84
N ALA A 92 -12.59 5.35 -2.76
CA ALA A 92 -13.35 5.85 -1.62
C ALA A 92 -14.83 5.56 -1.78
N SER A 93 -15.26 5.30 -3.00
CA SER A 93 -16.66 5.02 -3.29
C SER A 93 -16.95 3.53 -3.13
N VAL A 94 -16.10 2.70 -3.73
CA VAL A 94 -16.26 1.25 -3.66
C VAL A 94 -16.36 0.77 -2.22
N GLY A 95 -16.99 -0.38 -2.02
CA GLY A 95 -17.14 -0.92 -0.68
C GLY A 95 -15.92 -1.70 -0.24
N GLU A 96 -15.39 -2.52 -1.13
CA GLU A 96 -14.21 -3.33 -0.82
C GLU A 96 -13.47 -3.72 -2.10
N PRO A 97 -12.14 -3.56 -2.07
CA PRO A 97 -11.28 -3.89 -3.22
C PRO A 97 -11.20 -5.39 -3.46
N ASP A 98 -10.50 -5.77 -4.52
CA ASP A 98 -10.33 -7.18 -4.87
C ASP A 98 -8.98 -7.71 -4.37
N LYS A 99 -9.03 -8.63 -3.43
CA LYS A 99 -7.80 -9.21 -2.87
C LYS A 99 -6.73 -9.35 -3.94
N LEU A 100 -7.10 -9.95 -5.07
CA LEU A 100 -6.17 -10.15 -6.18
C LEU A 100 -5.60 -8.82 -6.65
N SER A 101 -6.42 -8.04 -7.36
CA SER A 101 -6.00 -6.75 -7.87
C SER A 101 -5.10 -6.03 -6.86
N MET A 102 -5.53 -6.04 -5.60
CA MET A 102 -4.76 -5.39 -4.54
C MET A 102 -3.37 -6.02 -4.41
N VAL A 103 -3.34 -7.30 -4.06
CA VAL A 103 -2.07 -8.01 -3.89
C VAL A 103 -1.16 -7.79 -5.09
N MET A 104 -1.70 -8.01 -6.29
CA MET A 104 -0.94 -7.82 -7.52
C MET A 104 -0.42 -6.39 -7.64
N TYR A 105 -1.34 -5.48 -7.95
CA TYR A 105 -0.98 -4.07 -8.09
C TYR A 105 0.08 -3.65 -7.08
N LEU A 106 -0.10 -4.10 -5.84
CA LEU A 106 0.84 -3.78 -4.77
C LEU A 106 2.19 -4.43 -5.03
N THR A 107 2.17 -5.70 -5.41
CA THR A 107 3.40 -6.44 -5.68
C THR A 107 4.43 -5.54 -6.36
N GLN A 108 4.00 -4.78 -7.35
CA GLN A 108 4.90 -3.87 -8.06
C GLN A 108 5.76 -3.08 -7.09
N PHE A 109 5.11 -2.45 -6.12
CA PHE A 109 5.83 -1.64 -5.12
C PHE A 109 6.83 -2.51 -4.35
N TYR A 110 6.36 -3.66 -3.87
CA TYR A 110 7.20 -4.57 -3.12
C TYR A 110 8.43 -4.98 -3.93
N GLU A 111 8.18 -5.70 -5.02
CA GLU A 111 9.26 -6.17 -5.88
C GLU A 111 10.22 -5.02 -6.22
N MET A 112 9.68 -3.81 -6.24
CA MET A 112 10.50 -2.63 -6.54
C MET A 112 11.40 -2.27 -5.37
N PHE A 113 10.89 -2.46 -4.15
CA PHE A 113 11.66 -2.16 -2.95
C PHE A 113 12.00 -3.43 -2.19
N LYS A 114 11.91 -4.56 -2.88
CA LYS A 114 12.22 -5.85 -2.26
C LYS A 114 13.69 -5.93 -1.84
N ASP A 115 14.57 -5.49 -2.73
CA ASP A 115 16.00 -5.49 -2.45
C ASP A 115 16.35 -4.48 -1.36
N SER A 116 16.08 -3.21 -1.64
CA SER A 116 16.37 -2.15 -0.68
C SER A 116 15.78 -2.47 0.69
N GLY A 117 16.65 -2.52 1.70
CA GLY A 117 16.21 -2.82 3.05
C GLY A 117 17.30 -3.44 3.89
N PRO A 118 17.17 -3.33 5.22
CA PRO A 118 18.15 -3.88 6.16
C PRO A 118 18.12 -5.40 6.20
N SER A 119 19.28 -6.02 5.96
CA SER A 119 19.39 -7.47 5.96
C SER A 119 19.39 -8.02 7.39
N SER A 120 18.22 -8.42 7.86
CA SER A 120 18.08 -8.95 9.21
C SER A 120 18.52 -10.42 9.25
N GLY A 121 17.94 -11.22 8.37
CA GLY A 121 18.28 -12.64 8.33
C GLY A 121 19.74 -12.89 8.64
N GLY A 1 -8.64 -22.90 -10.95
CA GLY A 1 -9.22 -21.57 -10.85
C GLY A 1 -8.99 -20.94 -9.49
N SER A 2 -9.71 -19.86 -9.22
CA SER A 2 -9.57 -19.15 -7.95
C SER A 2 -10.69 -19.54 -6.98
N SER A 3 -10.99 -20.84 -6.93
CA SER A 3 -12.04 -21.34 -6.06
C SER A 3 -11.52 -21.50 -4.63
N GLY A 4 -12.38 -21.20 -3.66
CA GLY A 4 -11.99 -21.32 -2.27
C GLY A 4 -12.89 -20.51 -1.35
N SER A 5 -13.59 -21.21 -0.45
CA SER A 5 -14.49 -20.55 0.48
C SER A 5 -13.71 -19.86 1.60
N SER A 6 -12.79 -20.60 2.22
CA SER A 6 -11.99 -20.08 3.31
C SER A 6 -11.08 -18.95 2.80
N GLY A 7 -10.35 -18.33 3.73
CA GLY A 7 -9.46 -17.25 3.37
C GLY A 7 -8.30 -17.72 2.50
N VAL A 8 -8.49 -17.65 1.18
CA VAL A 8 -7.46 -18.07 0.25
C VAL A 8 -6.20 -17.24 0.41
N ALA A 9 -5.05 -17.89 0.22
CA ALA A 9 -3.77 -17.20 0.35
C ALA A 9 -3.72 -16.35 1.61
N ARG A 10 -4.22 -16.89 2.71
CA ARG A 10 -4.24 -16.17 3.98
C ARG A 10 -2.83 -15.77 4.39
N SER A 11 -2.68 -14.51 4.81
CA SER A 11 -1.38 -14.00 5.23
C SER A 11 -0.40 -14.00 4.07
N SER A 12 -0.85 -13.56 2.91
CA SER A 12 -0.01 -13.52 1.71
C SER A 12 1.35 -12.93 2.04
N LYS A 13 2.40 -13.48 1.42
CA LYS A 13 3.76 -13.01 1.64
C LYS A 13 3.84 -11.49 1.48
N LEU A 14 3.18 -10.97 0.46
CA LEU A 14 3.17 -9.53 0.21
C LEU A 14 2.75 -8.76 1.45
N LEU A 15 1.66 -9.19 2.07
CA LEU A 15 1.15 -8.54 3.27
C LEU A 15 2.27 -8.31 4.28
N GLY A 16 2.96 -9.38 4.64
CA GLY A 16 4.05 -9.27 5.60
C GLY A 16 4.96 -8.09 5.31
N TRP A 17 5.53 -8.06 4.11
CA TRP A 17 6.43 -6.99 3.71
C TRP A 17 5.88 -5.64 4.15
N CYS A 18 4.63 -5.36 3.81
CA CYS A 18 3.99 -4.10 4.17
C CYS A 18 3.90 -3.96 5.69
N GLN A 19 3.34 -4.98 6.34
CA GLN A 19 3.20 -4.96 7.79
C GLN A 19 4.49 -4.54 8.46
N ARG A 20 5.61 -5.06 7.98
CA ARG A 20 6.92 -4.74 8.53
C ARG A 20 7.36 -3.35 8.10
N GLN A 21 7.28 -3.08 6.80
CA GLN A 21 7.68 -1.79 6.26
C GLN A 21 6.85 -0.66 6.88
N THR A 22 5.54 -0.68 6.63
CA THR A 22 4.66 0.35 7.17
C THR A 22 4.90 0.58 8.65
N ASP A 23 5.06 -0.52 9.40
CA ASP A 23 5.31 -0.43 10.83
C ASP A 23 6.24 0.74 11.15
N GLY A 24 5.81 1.58 12.09
CA GLY A 24 6.62 2.73 12.47
C GLY A 24 5.89 4.04 12.27
N TYR A 25 5.02 4.08 11.26
CA TYR A 25 4.26 5.28 10.96
C TYR A 25 3.19 5.54 12.02
N ALA A 26 2.42 6.59 11.82
CA ALA A 26 1.36 6.95 12.76
C ALA A 26 -0.02 6.58 12.21
N GLY A 27 -0.74 5.74 12.94
CA GLY A 27 -2.06 5.33 12.51
C GLY A 27 -2.02 4.52 11.23
N VAL A 28 -0.90 3.87 10.97
CA VAL A 28 -0.73 3.06 9.77
C VAL A 28 -0.41 1.62 10.12
N ASN A 29 -1.41 0.89 10.63
CA ASN A 29 -1.23 -0.51 11.01
C ASN A 29 -1.87 -1.43 9.99
N VAL A 30 -1.09 -1.83 8.99
CA VAL A 30 -1.59 -2.72 7.95
C VAL A 30 -1.99 -4.07 8.52
N THR A 31 -3.30 -4.30 8.63
CA THR A 31 -3.82 -5.55 9.17
C THR A 31 -4.41 -6.43 8.06
N ASP A 32 -5.05 -5.78 7.09
CA ASP A 32 -5.65 -6.50 5.97
C ASP A 32 -5.00 -6.10 4.65
N LEU A 33 -5.54 -6.62 3.55
CA LEU A 33 -5.00 -6.32 2.23
C LEU A 33 -6.07 -5.69 1.35
N THR A 34 -7.11 -5.15 1.97
CA THR A 34 -8.19 -4.51 1.24
C THR A 34 -8.51 -3.13 1.79
N MET A 35 -9.12 -3.10 2.97
CA MET A 35 -9.47 -1.84 3.62
C MET A 35 -8.23 -1.11 4.10
N SER A 36 -7.26 -1.87 4.61
CA SER A 36 -6.02 -1.29 5.11
C SER A 36 -5.49 -0.24 4.15
N TRP A 37 -5.67 -0.48 2.86
CA TRP A 37 -5.22 0.45 1.83
C TRP A 37 -6.32 1.42 1.44
N LYS A 38 -7.56 0.96 1.48
CA LYS A 38 -8.70 1.79 1.14
C LYS A 38 -8.53 3.21 1.66
N SER A 39 -7.95 3.32 2.86
CA SER A 39 -7.72 4.63 3.47
C SER A 39 -6.82 5.49 2.61
N GLY A 40 -5.61 4.99 2.35
CA GLY A 40 -4.66 5.73 1.53
C GLY A 40 -3.33 5.94 2.23
N LEU A 41 -3.38 6.15 3.53
CA LEU A 41 -2.17 6.37 4.32
C LEU A 41 -1.10 5.32 3.98
N ALA A 42 -1.40 4.07 4.30
CA ALA A 42 -0.48 2.97 4.03
C ALA A 42 0.23 3.17 2.69
N LEU A 43 -0.51 3.04 1.61
CA LEU A 43 0.04 3.22 0.27
C LEU A 43 1.03 4.38 0.23
N CYS A 44 0.66 5.48 0.87
CA CYS A 44 1.51 6.67 0.92
C CYS A 44 2.77 6.40 1.73
N ALA A 45 2.61 5.68 2.84
CA ALA A 45 3.73 5.36 3.71
C ALA A 45 4.74 4.47 3.00
N ILE A 46 4.25 3.67 2.06
CA ILE A 46 5.11 2.75 1.31
C ILE A 46 6.10 3.53 0.45
N ILE A 47 5.59 4.44 -0.37
CA ILE A 47 6.43 5.24 -1.24
C ILE A 47 7.38 6.12 -0.43
N HIS A 48 6.84 6.79 0.58
CA HIS A 48 7.63 7.65 1.44
C HIS A 48 8.66 6.84 2.22
N ARG A 49 8.25 5.69 2.72
CA ARG A 49 9.13 4.82 3.49
C ARG A 49 10.53 4.81 2.89
N TYR A 50 10.61 4.74 1.57
CA TYR A 50 11.89 4.71 0.87
C TYR A 50 12.20 6.07 0.26
N ARG A 51 11.24 6.61 -0.48
CA ARG A 51 11.41 7.91 -1.13
C ARG A 51 10.35 8.90 -0.66
N PRO A 52 10.71 9.71 0.35
CA PRO A 52 9.80 10.71 0.91
C PRO A 52 9.52 11.85 -0.05
N ASP A 53 10.47 12.13 -0.93
CA ASP A 53 10.34 13.20 -1.91
C ASP A 53 9.13 12.96 -2.81
N LEU A 54 9.08 11.80 -3.44
CA LEU A 54 7.98 11.45 -4.33
C LEU A 54 6.64 11.82 -3.71
N ILE A 55 6.33 11.20 -2.57
CA ILE A 55 5.07 11.47 -1.87
C ILE A 55 5.33 12.10 -0.52
N ASP A 56 4.61 13.18 -0.23
CA ASP A 56 4.76 13.89 1.04
C ASP A 56 3.65 13.48 2.02
N PHE A 57 3.93 12.45 2.82
CA PHE A 57 2.96 11.96 3.79
C PHE A 57 2.72 13.00 4.88
N ASP A 58 3.74 13.80 5.17
CA ASP A 58 3.63 14.84 6.19
C ASP A 58 2.52 15.83 5.85
N SER A 59 2.39 16.14 4.56
CA SER A 59 1.37 17.08 4.11
C SER A 59 0.00 16.43 4.13
N LEU A 60 -0.08 15.19 3.64
CA LEU A 60 -1.34 14.46 3.59
C LEU A 60 -1.99 14.42 4.98
N ASP A 61 -3.25 14.02 5.01
CA ASP A 61 -4.00 13.93 6.27
C ASP A 61 -4.73 12.60 6.38
N GLU A 62 -4.75 12.04 7.58
CA GLU A 62 -5.43 10.77 7.81
C GLU A 62 -6.88 10.83 7.36
N GLN A 63 -7.55 11.94 7.70
CA GLN A 63 -8.95 12.11 7.33
C GLN A 63 -9.13 11.99 5.82
N ASN A 64 -8.23 12.61 5.07
CA ASN A 64 -8.29 12.57 3.61
C ASN A 64 -8.11 11.15 3.09
N VAL A 65 -9.16 10.59 2.52
CA VAL A 65 -9.11 9.23 1.99
C VAL A 65 -8.97 9.25 0.48
N GLU A 66 -9.99 9.76 -0.21
CA GLU A 66 -9.98 9.83 -1.66
C GLU A 66 -8.71 10.51 -2.16
N LYS A 67 -8.15 11.39 -1.34
CA LYS A 67 -6.94 12.11 -1.70
C LYS A 67 -5.71 11.21 -1.57
N ASN A 68 -5.38 10.84 -0.32
CA ASN A 68 -4.24 9.97 -0.06
C ASN A 68 -4.07 8.94 -1.17
N ASN A 69 -5.18 8.52 -1.75
CA ASN A 69 -5.16 7.53 -2.82
C ASN A 69 -4.89 8.20 -4.17
N GLN A 70 -5.79 9.10 -4.56
CA GLN A 70 -5.64 9.82 -5.83
C GLN A 70 -4.22 10.28 -6.03
N LEU A 71 -3.58 10.74 -4.96
CA LEU A 71 -2.20 11.22 -5.03
C LEU A 71 -1.26 10.09 -5.44
N ALA A 72 -1.10 9.10 -4.56
CA ALA A 72 -0.23 7.97 -4.83
C ALA A 72 -0.43 7.45 -6.25
N PHE A 73 -1.66 7.05 -6.56
CA PHE A 73 -1.98 6.54 -7.89
C PHE A 73 -1.34 7.39 -8.98
N ASP A 74 -1.10 8.66 -8.66
CA ASP A 74 -0.49 9.59 -9.61
C ASP A 74 1.02 9.63 -9.43
N ILE A 75 1.46 9.99 -8.23
CA ILE A 75 2.88 10.07 -7.93
C ILE A 75 3.60 8.79 -8.34
N ALA A 76 3.07 7.65 -7.91
CA ALA A 76 3.66 6.36 -8.23
C ALA A 76 4.02 6.27 -9.71
N GLU A 77 3.00 6.16 -10.55
CA GLU A 77 3.21 6.07 -11.99
C GLU A 77 4.05 7.23 -12.49
N LYS A 78 3.81 8.42 -11.96
CA LYS A 78 4.54 9.61 -12.35
C LYS A 78 6.05 9.36 -12.30
N GLU A 79 6.51 8.80 -11.19
CA GLU A 79 7.93 8.51 -11.03
C GLU A 79 8.19 7.01 -11.05
N LEU A 80 7.66 6.31 -10.04
CA LEU A 80 7.83 4.86 -9.95
C LEU A 80 7.52 4.19 -11.28
N GLY A 81 6.39 4.56 -11.88
CA GLY A 81 6.00 3.99 -13.15
C GLY A 81 4.87 2.98 -13.01
N ILE A 82 4.49 2.69 -11.78
CA ILE A 82 3.41 1.74 -11.51
C ILE A 82 2.06 2.35 -11.83
N SER A 83 1.48 1.96 -12.97
CA SER A 83 0.18 2.46 -13.39
C SER A 83 -0.90 2.08 -12.38
N PRO A 84 -1.72 3.06 -12.00
CA PRO A 84 -2.81 2.85 -11.05
C PRO A 84 -3.94 1.99 -11.63
N ILE A 85 -4.36 0.98 -10.87
CA ILE A 85 -5.43 0.10 -11.31
C ILE A 85 -6.80 0.77 -11.17
N MET A 86 -6.87 1.77 -10.32
CA MET A 86 -8.12 2.50 -10.10
C MET A 86 -7.84 3.96 -9.75
N THR A 87 -8.89 4.78 -9.75
CA THR A 87 -8.77 6.19 -9.43
C THR A 87 -9.20 6.47 -8.01
N GLY A 88 -8.48 7.37 -7.34
CA GLY A 88 -8.80 7.72 -5.97
C GLY A 88 -10.30 7.76 -5.71
N LYS A 89 -11.03 8.37 -6.63
CA LYS A 89 -12.48 8.47 -6.50
C LYS A 89 -13.13 7.09 -6.49
N GLU A 90 -12.62 6.19 -7.34
CA GLU A 90 -13.15 4.84 -7.42
C GLU A 90 -12.85 4.06 -6.14
N MET A 91 -11.74 4.42 -5.48
CA MET A 91 -11.36 3.75 -4.24
C MET A 91 -12.18 4.26 -3.06
N ALA A 92 -12.73 5.45 -3.21
CA ALA A 92 -13.55 6.04 -2.15
C ALA A 92 -15.02 5.65 -2.32
N SER A 93 -15.40 5.31 -3.54
CA SER A 93 -16.78 4.92 -3.82
C SER A 93 -16.97 3.43 -3.61
N VAL A 94 -16.04 2.63 -4.14
CA VAL A 94 -16.12 1.18 -4.00
C VAL A 94 -16.17 0.76 -2.53
N GLY A 95 -16.81 -0.38 -2.26
CA GLY A 95 -16.92 -0.85 -0.90
C GLY A 95 -15.68 -1.61 -0.45
N GLU A 96 -15.06 -2.32 -1.37
CA GLU A 96 -13.85 -3.09 -1.06
C GLU A 96 -13.12 -3.49 -2.33
N PRO A 97 -11.78 -3.31 -2.32
CA PRO A 97 -10.93 -3.64 -3.46
C PRO A 97 -10.84 -5.14 -3.69
N ASP A 98 -10.50 -5.53 -4.92
CA ASP A 98 -10.37 -6.94 -5.27
C ASP A 98 -9.01 -7.48 -4.84
N LYS A 99 -9.02 -8.41 -3.89
CA LYS A 99 -7.79 -9.00 -3.39
C LYS A 99 -6.75 -9.13 -4.49
N LEU A 100 -6.97 -10.07 -5.41
CA LEU A 100 -6.06 -10.28 -6.53
C LEU A 100 -5.50 -8.96 -7.04
N SER A 101 -6.40 -8.04 -7.39
CA SER A 101 -6.00 -6.74 -7.90
C SER A 101 -5.07 -6.03 -6.91
N MET A 102 -5.39 -6.13 -5.63
CA MET A 102 -4.57 -5.51 -4.60
C MET A 102 -3.20 -6.16 -4.51
N VAL A 103 -3.18 -7.46 -4.20
CA VAL A 103 -1.93 -8.20 -4.10
C VAL A 103 -1.03 -7.94 -5.29
N MET A 104 -1.57 -8.16 -6.49
CA MET A 104 -0.81 -7.94 -7.72
C MET A 104 -0.28 -6.52 -7.79
N TYR A 105 -1.18 -5.56 -8.00
CA TYR A 105 -0.80 -4.16 -8.10
C TYR A 105 0.26 -3.81 -7.05
N LEU A 106 0.01 -4.23 -5.82
CA LEU A 106 0.93 -3.97 -4.72
C LEU A 106 2.28 -4.63 -4.98
N THR A 107 2.25 -5.84 -5.51
CA THR A 107 3.47 -6.59 -5.80
C THR A 107 4.48 -5.71 -6.54
N GLN A 108 3.98 -4.80 -7.36
CA GLN A 108 4.83 -3.90 -8.13
C GLN A 108 5.74 -3.09 -7.20
N PHE A 109 5.15 -2.58 -6.12
CA PHE A 109 5.89 -1.77 -5.15
C PHE A 109 6.87 -2.64 -4.36
N TYR A 110 6.41 -3.82 -3.94
CA TYR A 110 7.24 -4.74 -3.19
C TYR A 110 8.42 -5.21 -4.02
N GLU A 111 8.13 -5.92 -5.10
CA GLU A 111 9.18 -6.44 -5.98
C GLU A 111 10.23 -5.37 -6.27
N MET A 112 9.79 -4.13 -6.40
CA MET A 112 10.68 -3.01 -6.66
C MET A 112 11.50 -2.67 -5.43
N PHE A 113 10.85 -2.68 -4.27
CA PHE A 113 11.52 -2.36 -3.01
C PHE A 113 11.75 -3.63 -2.19
N LYS A 114 11.89 -4.76 -2.88
CA LYS A 114 12.12 -6.03 -2.21
C LYS A 114 13.60 -6.20 -1.87
N ASP A 115 14.47 -5.80 -2.78
CA ASP A 115 15.91 -5.92 -2.58
C ASP A 115 16.43 -4.73 -1.77
N SER A 116 16.00 -3.53 -2.16
CA SER A 116 16.43 -2.32 -1.47
C SER A 116 16.54 -2.55 0.04
N GLY A 117 15.57 -3.25 0.59
CA GLY A 117 15.57 -3.53 2.01
C GLY A 117 16.67 -4.49 2.41
N PRO A 118 16.99 -4.52 3.71
CA PRO A 118 18.03 -5.39 4.25
C PRO A 118 17.63 -6.86 4.23
N SER A 119 16.38 -7.12 3.89
CA SER A 119 15.85 -8.48 3.83
C SER A 119 14.85 -8.64 2.70
N SER A 120 14.90 -9.78 2.02
CA SER A 120 13.99 -10.05 0.92
C SER A 120 12.79 -10.87 1.38
N GLY A 121 11.84 -11.08 0.48
CA GLY A 121 10.65 -11.84 0.81
C GLY A 121 10.62 -13.19 0.13
N GLY A 1 -23.26 6.64 4.84
CA GLY A 1 -23.10 5.60 5.83
C GLY A 1 -23.55 4.25 5.34
N SER A 2 -22.60 3.43 4.89
CA SER A 2 -22.92 2.10 4.38
C SER A 2 -22.11 1.04 5.10
N SER A 3 -22.44 -0.23 4.84
CA SER A 3 -21.74 -1.35 5.47
C SER A 3 -21.57 -2.51 4.49
N GLY A 4 -20.41 -3.15 4.54
CA GLY A 4 -20.14 -4.27 3.66
C GLY A 4 -19.65 -5.50 4.40
N SER A 5 -20.04 -6.67 3.92
CA SER A 5 -19.63 -7.92 4.54
C SER A 5 -18.13 -7.95 4.78
N SER A 6 -17.73 -8.14 6.04
CA SER A 6 -16.32 -8.19 6.40
C SER A 6 -15.55 -9.14 5.48
N GLY A 7 -14.25 -9.22 5.68
CA GLY A 7 -13.42 -10.10 4.87
C GLY A 7 -12.01 -10.24 5.43
N VAL A 8 -11.82 -11.24 6.28
CA VAL A 8 -10.52 -11.48 6.88
C VAL A 8 -9.50 -11.92 5.84
N ALA A 9 -8.23 -11.60 6.08
CA ALA A 9 -7.17 -11.96 5.16
C ALA A 9 -6.01 -12.66 5.89
N ARG A 10 -5.59 -13.80 5.34
CA ARG A 10 -4.50 -14.56 5.95
C ARG A 10 -3.16 -13.84 5.76
N SER A 11 -2.12 -14.38 6.38
CA SER A 11 -0.79 -13.79 6.28
C SER A 11 -0.17 -14.07 4.91
N SER A 12 -0.39 -13.16 3.98
CA SER A 12 0.15 -13.31 2.63
C SER A 12 1.59 -12.84 2.56
N LYS A 13 2.39 -13.50 1.71
CA LYS A 13 3.79 -13.14 1.55
C LYS A 13 3.97 -11.63 1.45
N LEU A 14 3.20 -11.02 0.56
CA LEU A 14 3.27 -9.57 0.36
C LEU A 14 2.96 -8.83 1.65
N LEU A 15 1.88 -9.20 2.31
CA LEU A 15 1.48 -8.57 3.56
C LEU A 15 2.67 -8.41 4.49
N GLY A 16 3.31 -9.53 4.84
CA GLY A 16 4.47 -9.48 5.72
C GLY A 16 5.38 -8.32 5.41
N TRP A 17 5.79 -8.21 4.15
CA TRP A 17 6.68 -7.13 3.73
C TRP A 17 6.14 -5.77 4.16
N CYS A 18 4.91 -5.48 3.75
CA CYS A 18 4.27 -4.21 4.09
C CYS A 18 4.23 -4.01 5.60
N GLN A 19 3.75 -5.03 6.32
CA GLN A 19 3.67 -4.97 7.77
C GLN A 19 5.00 -4.55 8.37
N ARG A 20 6.08 -5.09 7.83
CA ARG A 20 7.42 -4.77 8.33
C ARG A 20 7.83 -3.36 7.91
N GLN A 21 7.73 -3.07 6.62
CA GLN A 21 8.09 -1.76 6.09
C GLN A 21 7.23 -0.66 6.71
N THR A 22 5.93 -0.73 6.45
CA THR A 22 4.99 0.26 6.97
C THR A 22 5.23 0.50 8.46
N ASP A 23 5.55 -0.57 9.19
CA ASP A 23 5.81 -0.46 10.62
C ASP A 23 6.54 0.83 10.95
N GLY A 24 6.03 1.56 11.94
CA GLY A 24 6.66 2.81 12.34
C GLY A 24 5.71 3.99 12.17
N TYR A 25 4.94 3.99 11.09
CA TYR A 25 4.02 5.07 10.82
C TYR A 25 2.85 5.06 11.81
N ALA A 26 1.98 6.07 11.71
CA ALA A 26 0.83 6.16 12.60
C ALA A 26 -0.47 6.03 11.81
N GLY A 27 -1.42 5.27 12.36
CA GLY A 27 -2.69 5.08 11.70
C GLY A 27 -2.66 3.93 10.72
N VAL A 28 -1.55 3.80 10.00
CA VAL A 28 -1.40 2.74 9.01
C VAL A 28 -1.76 1.37 9.60
N ASN A 29 -0.96 0.91 10.55
CA ASN A 29 -1.20 -0.38 11.20
C ASN A 29 -1.81 -1.37 10.21
N VAL A 30 -1.16 -1.52 9.07
CA VAL A 30 -1.64 -2.45 8.04
C VAL A 30 -2.07 -3.77 8.66
N THR A 31 -3.37 -4.03 8.66
CA THR A 31 -3.91 -5.26 9.22
C THR A 31 -4.38 -6.21 8.12
N ASP A 32 -4.98 -5.63 7.08
CA ASP A 32 -5.48 -6.43 5.96
C ASP A 32 -4.91 -5.91 4.63
N LEU A 33 -5.37 -6.49 3.54
CA LEU A 33 -4.92 -6.08 2.21
C LEU A 33 -6.09 -5.62 1.35
N THR A 34 -7.14 -5.12 2.00
CA THR A 34 -8.32 -4.64 1.30
C THR A 34 -8.64 -3.21 1.68
N MET A 35 -9.01 -3.00 2.94
CA MET A 35 -9.35 -1.67 3.43
C MET A 35 -8.11 -0.96 3.95
N SER A 36 -7.26 -1.70 4.67
CA SER A 36 -6.04 -1.13 5.24
C SER A 36 -5.41 -0.13 4.27
N TRP A 37 -5.62 -0.36 2.98
CA TRP A 37 -5.06 0.52 1.95
C TRP A 37 -6.12 1.49 1.45
N LYS A 38 -7.37 1.03 1.40
CA LYS A 38 -8.47 1.87 0.94
C LYS A 38 -8.26 3.32 1.35
N SER A 39 -7.85 3.53 2.60
CA SER A 39 -7.61 4.87 3.11
C SER A 39 -6.58 5.61 2.26
N GLY A 40 -5.38 5.04 2.18
CA GLY A 40 -4.33 5.66 1.39
C GLY A 40 -3.03 5.81 2.18
N LEU A 41 -3.15 6.22 3.43
CA LEU A 41 -1.98 6.39 4.29
C LEU A 41 -1.00 5.25 4.11
N ALA A 42 -1.49 4.02 4.16
CA ALA A 42 -0.66 2.84 4.00
C ALA A 42 0.17 2.92 2.72
N LEU A 43 -0.53 3.05 1.59
CA LEU A 43 0.13 3.15 0.30
C LEU A 43 1.11 4.30 0.26
N CYS A 44 0.67 5.47 0.72
CA CYS A 44 1.51 6.66 0.75
C CYS A 44 2.74 6.43 1.61
N ALA A 45 2.57 5.67 2.69
CA ALA A 45 3.66 5.37 3.60
C ALA A 45 4.73 4.53 2.92
N ILE A 46 4.30 3.67 2.00
CA ILE A 46 5.22 2.80 1.28
C ILE A 46 6.17 3.61 0.39
N ILE A 47 5.59 4.49 -0.42
CA ILE A 47 6.38 5.33 -1.32
C ILE A 47 7.30 6.25 -0.53
N HIS A 48 6.76 6.87 0.52
CA HIS A 48 7.53 7.78 1.36
C HIS A 48 8.63 7.03 2.11
N ARG A 49 8.25 5.93 2.76
CA ARG A 49 9.20 5.12 3.52
C ARG A 49 10.58 5.13 2.85
N TYR A 50 10.60 4.80 1.56
CA TYR A 50 11.85 4.77 0.80
C TYR A 50 12.17 6.14 0.22
N ARG A 51 11.17 6.76 -0.40
CA ARG A 51 11.34 8.07 -1.00
C ARG A 51 10.24 9.03 -0.54
N PRO A 52 10.56 9.85 0.48
CA PRO A 52 9.61 10.82 1.03
C PRO A 52 9.34 11.98 0.07
N ASP A 53 10.35 12.35 -0.69
CA ASP A 53 10.22 13.44 -1.66
C ASP A 53 9.02 13.21 -2.57
N LEU A 54 9.03 12.08 -3.26
CA LEU A 54 7.94 11.74 -4.19
C LEU A 54 6.58 12.09 -3.57
N ILE A 55 6.28 11.44 -2.45
CA ILE A 55 5.01 11.67 -1.76
C ILE A 55 5.25 12.13 -0.32
N ASP A 56 4.53 13.18 0.08
CA ASP A 56 4.66 13.71 1.43
C ASP A 56 3.54 13.19 2.33
N PHE A 57 3.89 12.24 3.19
CA PHE A 57 2.92 11.65 4.11
C PHE A 57 2.55 12.63 5.22
N ASP A 58 3.57 13.12 5.93
CA ASP A 58 3.37 14.06 7.02
C ASP A 58 2.36 15.13 6.62
N SER A 59 2.46 15.62 5.38
CA SER A 59 1.57 16.65 4.89
C SER A 59 0.14 16.11 4.75
N LEU A 60 0.01 14.95 4.13
CA LEU A 60 -1.30 14.33 3.93
C LEU A 60 -2.04 14.21 5.26
N ASP A 61 -3.37 14.14 5.18
CA ASP A 61 -4.19 14.02 6.37
C ASP A 61 -4.96 12.69 6.38
N GLU A 62 -5.04 12.07 7.54
CA GLU A 62 -5.74 10.79 7.68
C GLU A 62 -7.18 10.91 7.19
N GLN A 63 -7.80 12.05 7.44
CA GLN A 63 -9.18 12.29 7.02
C GLN A 63 -9.32 12.13 5.51
N ASN A 64 -8.39 12.72 4.76
CA ASN A 64 -8.42 12.64 3.30
C ASN A 64 -8.15 11.21 2.83
N VAL A 65 -9.17 10.59 2.25
CA VAL A 65 -9.05 9.22 1.75
C VAL A 65 -8.84 9.20 0.24
N GLU A 66 -9.83 9.69 -0.50
CA GLU A 66 -9.74 9.73 -1.96
C GLU A 66 -8.50 10.49 -2.41
N LYS A 67 -8.18 11.57 -1.70
CA LYS A 67 -7.02 12.38 -2.03
C LYS A 67 -5.74 11.56 -1.94
N ASN A 68 -5.44 11.07 -0.74
CA ASN A 68 -4.24 10.26 -0.52
C ASN A 68 -4.05 9.26 -1.64
N ASN A 69 -5.13 8.58 -2.03
CA ASN A 69 -5.07 7.59 -3.09
C ASN A 69 -4.81 8.26 -4.45
N GLN A 70 -5.71 9.16 -4.84
CA GLN A 70 -5.57 9.86 -6.11
C GLN A 70 -4.14 10.33 -6.32
N LEU A 71 -3.56 10.94 -5.30
CA LEU A 71 -2.19 11.43 -5.37
C LEU A 71 -1.21 10.30 -5.66
N ALA A 72 -1.06 9.40 -4.70
CA ALA A 72 -0.15 8.27 -4.85
C ALA A 72 -0.35 7.59 -6.21
N PHE A 73 -1.58 7.17 -6.47
CA PHE A 73 -1.91 6.51 -7.73
C PHE A 73 -1.28 7.24 -8.91
N ASP A 74 -1.19 8.55 -8.81
CA ASP A 74 -0.61 9.38 -9.87
C ASP A 74 0.91 9.43 -9.72
N ILE A 75 1.37 9.98 -8.59
CA ILE A 75 2.80 10.11 -8.33
C ILE A 75 3.52 8.79 -8.63
N ALA A 76 3.06 7.71 -8.03
CA ALA A 76 3.67 6.40 -8.22
C ALA A 76 4.02 6.18 -9.69
N GLU A 77 2.99 6.04 -10.53
CA GLU A 77 3.19 5.83 -11.95
C GLU A 77 4.03 6.95 -12.56
N LYS A 78 3.76 8.17 -12.14
CA LYS A 78 4.48 9.34 -12.64
C LYS A 78 6.00 9.11 -12.55
N GLU A 79 6.45 8.69 -11.37
CA GLU A 79 7.87 8.44 -11.16
C GLU A 79 8.17 6.95 -11.11
N LEU A 80 7.63 6.28 -10.09
CA LEU A 80 7.83 4.85 -9.91
C LEU A 80 7.46 4.10 -11.20
N GLY A 81 6.39 4.53 -11.84
CA GLY A 81 5.95 3.88 -13.07
C GLY A 81 4.77 2.95 -12.85
N ILE A 82 4.58 2.53 -11.61
CA ILE A 82 3.48 1.63 -11.26
C ILE A 82 2.13 2.26 -11.60
N SER A 83 1.56 1.86 -12.73
CA SER A 83 0.27 2.38 -13.17
C SER A 83 -0.83 2.02 -12.17
N PRO A 84 -1.63 3.02 -11.80
CA PRO A 84 -2.74 2.83 -10.85
C PRO A 84 -3.88 2.00 -11.44
N ILE A 85 -4.26 0.95 -10.72
CA ILE A 85 -5.35 0.08 -11.17
C ILE A 85 -6.68 0.82 -11.20
N MET A 86 -6.83 1.78 -10.30
CA MET A 86 -8.06 2.57 -10.22
C MET A 86 -7.78 3.96 -9.65
N THR A 87 -8.68 4.89 -9.93
CA THR A 87 -8.53 6.26 -9.44
C THR A 87 -8.99 6.38 -8.00
N GLY A 88 -8.39 7.33 -7.27
CA GLY A 88 -8.75 7.53 -5.87
C GLY A 88 -10.25 7.59 -5.67
N LYS A 89 -10.92 8.35 -6.52
CA LYS A 89 -12.37 8.51 -6.44
C LYS A 89 -13.06 7.15 -6.35
N GLU A 90 -12.83 6.32 -7.36
CA GLU A 90 -13.44 4.98 -7.40
C GLU A 90 -13.11 4.20 -6.13
N MET A 91 -11.87 4.31 -5.68
CA MET A 91 -11.42 3.62 -4.48
C MET A 91 -12.28 4.00 -3.28
N ALA A 92 -12.75 5.24 -3.27
CA ALA A 92 -13.59 5.74 -2.18
C ALA A 92 -15.03 5.26 -2.33
N SER A 93 -15.51 5.22 -3.57
CA SER A 93 -16.87 4.79 -3.85
C SER A 93 -17.02 3.29 -3.61
N VAL A 94 -16.18 2.50 -4.27
CA VAL A 94 -16.21 1.05 -4.12
C VAL A 94 -16.21 0.65 -2.66
N GLY A 95 -17.13 -0.23 -2.29
CA GLY A 95 -17.22 -0.69 -0.91
C GLY A 95 -15.97 -1.42 -0.46
N GLU A 96 -15.50 -2.35 -1.29
CA GLU A 96 -14.30 -3.13 -0.97
C GLU A 96 -13.57 -3.54 -2.24
N PRO A 97 -12.24 -3.36 -2.24
CA PRO A 97 -11.39 -3.71 -3.39
C PRO A 97 -11.29 -5.21 -3.60
N ASP A 98 -10.67 -5.61 -4.71
CA ASP A 98 -10.50 -7.02 -5.02
C ASP A 98 -9.14 -7.53 -4.55
N LYS A 99 -9.16 -8.45 -3.58
CA LYS A 99 -7.93 -9.02 -3.05
C LYS A 99 -6.88 -9.15 -4.13
N LEU A 100 -7.26 -9.75 -5.25
CA LEU A 100 -6.34 -9.94 -6.37
C LEU A 100 -5.73 -8.62 -6.81
N SER A 101 -6.58 -7.73 -7.33
CA SER A 101 -6.11 -6.42 -7.79
C SER A 101 -5.19 -5.77 -6.77
N MET A 102 -5.60 -5.82 -5.50
CA MET A 102 -4.81 -5.24 -4.42
C MET A 102 -3.44 -5.90 -4.34
N VAL A 103 -3.43 -7.20 -4.05
CA VAL A 103 -2.18 -7.95 -3.94
C VAL A 103 -1.30 -7.74 -5.16
N MET A 104 -1.83 -8.04 -6.34
CA MET A 104 -1.10 -7.88 -7.59
C MET A 104 -0.51 -6.47 -7.69
N TYR A 105 -1.37 -5.46 -7.64
CA TYR A 105 -0.94 -4.08 -7.72
C TYR A 105 0.20 -3.80 -6.75
N LEU A 106 -0.07 -3.96 -5.46
CA LEU A 106 0.94 -3.74 -4.43
C LEU A 106 2.23 -4.46 -4.78
N THR A 107 2.12 -5.74 -5.09
CA THR A 107 3.29 -6.55 -5.44
C THR A 107 4.35 -5.70 -6.15
N GLN A 108 3.93 -5.01 -7.20
CA GLN A 108 4.85 -4.18 -7.97
C GLN A 108 5.80 -3.43 -7.05
N PHE A 109 5.24 -2.63 -6.14
CA PHE A 109 6.06 -1.86 -5.21
C PHE A 109 7.04 -2.77 -4.48
N TYR A 110 6.53 -3.88 -3.95
CA TYR A 110 7.37 -4.83 -3.22
C TYR A 110 8.54 -5.31 -4.09
N GLU A 111 8.21 -5.90 -5.23
CA GLU A 111 9.23 -6.41 -6.14
C GLU A 111 10.27 -5.33 -6.44
N MET A 112 9.81 -4.09 -6.56
CA MET A 112 10.71 -2.97 -6.85
C MET A 112 11.57 -2.64 -5.63
N PHE A 113 10.94 -2.63 -4.46
CA PHE A 113 11.66 -2.32 -3.22
C PHE A 113 11.87 -3.58 -2.39
N LYS A 114 12.11 -4.70 -3.07
CA LYS A 114 12.33 -5.98 -2.40
C LYS A 114 13.78 -6.12 -1.97
N ASP A 115 14.70 -5.75 -2.85
CA ASP A 115 16.12 -5.83 -2.56
C ASP A 115 16.53 -4.78 -1.52
N SER A 116 16.11 -3.54 -1.75
CA SER A 116 16.42 -2.45 -0.84
C SER A 116 16.01 -2.79 0.59
N GLY A 117 17.00 -3.08 1.43
CA GLY A 117 16.72 -3.42 2.81
C GLY A 117 17.45 -2.51 3.79
N PRO A 118 17.08 -2.61 5.07
CA PRO A 118 17.69 -1.80 6.13
C PRO A 118 19.12 -2.22 6.42
N SER A 119 19.72 -1.60 7.44
CA SER A 119 21.10 -1.91 7.82
C SER A 119 21.15 -2.59 9.18
N SER A 120 22.03 -3.57 9.31
CA SER A 120 22.18 -4.31 10.56
C SER A 120 22.60 -3.38 11.68
N GLY A 121 23.63 -2.57 11.43
CA GLY A 121 24.11 -1.64 12.43
C GLY A 121 25.61 -1.68 12.58
N GLY A 1 -5.34 -12.57 25.82
CA GLY A 1 -6.32 -13.50 26.33
C GLY A 1 -6.88 -14.42 25.25
N SER A 2 -6.26 -15.58 25.10
CA SER A 2 -6.68 -16.56 24.10
C SER A 2 -8.02 -17.17 24.48
N SER A 3 -9.10 -16.58 23.97
CA SER A 3 -10.45 -17.07 24.24
C SER A 3 -11.05 -17.73 23.01
N GLY A 4 -11.54 -18.95 23.18
CA GLY A 4 -12.14 -19.67 22.07
C GLY A 4 -11.25 -19.70 20.85
N SER A 5 -11.68 -20.45 19.82
CA SER A 5 -10.91 -20.56 18.59
C SER A 5 -11.03 -19.29 17.74
N SER A 6 -10.00 -19.00 16.97
CA SER A 6 -9.99 -17.82 16.12
C SER A 6 -9.31 -18.12 14.79
N GLY A 7 -9.60 -17.29 13.78
CA GLY A 7 -9.02 -17.48 12.47
C GLY A 7 -7.98 -16.42 12.13
N VAL A 8 -6.76 -16.62 12.60
CA VAL A 8 -5.68 -15.67 12.35
C VAL A 8 -5.44 -15.50 10.85
N ALA A 9 -5.88 -14.36 10.32
CA ALA A 9 -5.71 -14.07 8.91
C ALA A 9 -4.32 -14.50 8.42
N ARG A 10 -4.30 -15.36 7.40
CA ARG A 10 -3.05 -15.84 6.84
C ARG A 10 -2.29 -14.72 6.15
N SER A 11 -1.25 -14.22 6.81
CA SER A 11 -0.44 -13.13 6.26
C SER A 11 0.18 -13.54 4.93
N SER A 12 -0.21 -12.87 3.86
CA SER A 12 0.31 -13.16 2.53
C SER A 12 1.74 -12.65 2.38
N LYS A 13 2.58 -13.45 1.74
CA LYS A 13 3.98 -13.08 1.52
C LYS A 13 4.11 -11.57 1.31
N LEU A 14 3.39 -11.05 0.33
CA LEU A 14 3.42 -9.63 0.02
C LEU A 14 3.08 -8.79 1.26
N LEU A 15 1.93 -9.06 1.84
CA LEU A 15 1.48 -8.34 3.03
C LEU A 15 2.63 -8.18 4.03
N GLY A 16 3.18 -9.30 4.47
CA GLY A 16 4.28 -9.28 5.42
C GLY A 16 5.24 -8.12 5.16
N TRP A 17 5.65 -7.98 3.91
CA TRP A 17 6.58 -6.92 3.53
C TRP A 17 6.06 -5.56 4.01
N CYS A 18 4.82 -5.24 3.66
CA CYS A 18 4.22 -3.98 4.04
C CYS A 18 4.18 -3.83 5.56
N GLN A 19 3.61 -4.81 6.23
CA GLN A 19 3.51 -4.79 7.69
C GLN A 19 4.86 -4.46 8.32
N ARG A 20 5.93 -4.99 7.73
CA ARG A 20 7.27 -4.76 8.23
C ARG A 20 7.76 -3.36 7.86
N GLN A 21 7.58 -2.99 6.60
CA GLN A 21 8.00 -1.68 6.11
C GLN A 21 7.17 -0.57 6.75
N THR A 22 5.87 -0.57 6.45
CA THR A 22 4.96 0.43 7.00
C THR A 22 5.21 0.65 8.48
N ASP A 23 5.60 -0.41 9.19
CA ASP A 23 5.87 -0.33 10.61
C ASP A 23 6.62 0.96 10.95
N GLY A 24 6.02 1.77 11.81
CA GLY A 24 6.64 3.03 12.20
C GLY A 24 5.69 4.21 12.05
N TYR A 25 4.82 4.15 11.06
CA TYR A 25 3.86 5.23 10.81
C TYR A 25 2.71 5.16 11.80
N ALA A 26 2.16 6.32 12.14
CA ALA A 26 1.04 6.39 13.08
C ALA A 26 -0.29 6.33 12.34
N GLY A 27 -1.15 5.40 12.76
CA GLY A 27 -2.45 5.25 12.14
C GLY A 27 -2.41 4.30 10.95
N VAL A 28 -1.22 4.10 10.40
CA VAL A 28 -1.06 3.21 9.24
C VAL A 28 -0.95 1.76 9.69
N ASN A 29 -2.00 1.27 10.34
CA ASN A 29 -2.02 -0.11 10.81
C ASN A 29 -2.54 -1.05 9.73
N VAL A 30 -1.63 -1.56 8.91
CA VAL A 30 -1.99 -2.47 7.83
C VAL A 30 -2.32 -3.86 8.38
N THR A 31 -3.61 -4.14 8.54
CA THR A 31 -4.07 -5.43 9.04
C THR A 31 -4.64 -6.29 7.93
N ASP A 32 -5.05 -5.64 6.83
CA ASP A 32 -5.62 -6.35 5.70
C ASP A 32 -5.23 -5.67 4.39
N LEU A 33 -5.01 -6.48 3.36
CA LEU A 33 -4.64 -5.96 2.05
C LEU A 33 -5.86 -5.53 1.25
N THR A 34 -6.82 -4.91 1.95
CA THR A 34 -8.05 -4.45 1.31
C THR A 34 -8.40 -3.04 1.74
N MET A 35 -8.67 -2.87 3.04
CA MET A 35 -9.03 -1.57 3.59
C MET A 35 -7.77 -0.78 3.96
N SER A 36 -6.79 -1.47 4.53
CA SER A 36 -5.54 -0.83 4.93
C SER A 36 -5.05 0.13 3.86
N TRP A 37 -5.47 -0.12 2.61
CA TRP A 37 -5.06 0.73 1.50
C TRP A 37 -6.20 1.66 1.09
N LYS A 38 -7.43 1.23 1.35
CA LYS A 38 -8.62 2.03 1.02
C LYS A 38 -8.44 3.48 1.47
N SER A 39 -7.84 3.66 2.65
CA SER A 39 -7.61 5.00 3.20
C SER A 39 -6.62 5.76 2.34
N GLY A 40 -5.57 5.08 1.88
CA GLY A 40 -4.57 5.72 1.06
C GLY A 40 -3.25 5.90 1.79
N LEU A 41 -3.32 6.16 3.09
CA LEU A 41 -2.13 6.36 3.90
C LEU A 41 -1.07 5.31 3.57
N ALA A 42 -1.39 4.05 3.81
CA ALA A 42 -0.46 2.96 3.53
C ALA A 42 0.36 3.25 2.28
N LEU A 43 -0.29 3.19 1.12
CA LEU A 43 0.37 3.43 -0.15
C LEU A 43 1.29 4.65 -0.06
N CYS A 44 0.81 5.69 0.62
CA CYS A 44 1.59 6.92 0.79
C CYS A 44 2.82 6.66 1.66
N ALA A 45 2.66 5.81 2.66
CA ALA A 45 3.76 5.48 3.57
C ALA A 45 4.80 4.60 2.87
N ILE A 46 4.36 3.85 1.87
CA ILE A 46 5.25 2.97 1.12
C ILE A 46 6.27 3.76 0.33
N ILE A 47 5.79 4.71 -0.47
CA ILE A 47 6.66 5.54 -1.28
C ILE A 47 7.56 6.41 -0.41
N HIS A 48 6.97 7.00 0.63
CA HIS A 48 7.72 7.86 1.54
C HIS A 48 8.80 7.07 2.27
N ARG A 49 8.44 5.89 2.74
CA ARG A 49 9.38 5.03 3.47
C ARG A 49 10.77 5.10 2.84
N TYR A 50 10.83 4.91 1.53
CA TYR A 50 12.10 4.94 0.81
C TYR A 50 12.40 6.36 0.31
N ARG A 51 11.44 6.95 -0.40
CA ARG A 51 11.60 8.30 -0.93
C ARG A 51 10.51 9.22 -0.39
N PRO A 52 10.85 9.96 0.68
CA PRO A 52 9.92 10.90 1.31
C PRO A 52 9.65 12.11 0.44
N ASP A 53 10.51 12.35 -0.53
CA ASP A 53 10.36 13.48 -1.44
C ASP A 53 9.17 13.27 -2.37
N LEU A 54 9.18 12.16 -3.09
CA LEU A 54 8.10 11.84 -4.03
C LEU A 54 6.74 12.18 -3.42
N ILE A 55 6.45 11.57 -2.27
CA ILE A 55 5.18 11.80 -1.58
C ILE A 55 5.42 12.33 -0.18
N ASP A 56 4.49 13.17 0.29
CA ASP A 56 4.59 13.74 1.62
C ASP A 56 3.50 13.20 2.54
N PHE A 57 3.89 12.31 3.45
CA PHE A 57 2.95 11.71 4.38
C PHE A 57 2.62 12.67 5.52
N ASP A 58 3.65 13.27 6.10
CA ASP A 58 3.47 14.20 7.20
C ASP A 58 2.39 15.23 6.87
N SER A 59 2.35 15.65 5.61
CA SER A 59 1.38 16.64 5.16
C SER A 59 0.00 16.00 5.02
N LEU A 60 -0.07 14.88 4.31
CA LEU A 60 -1.32 14.17 4.10
C LEU A 60 -2.06 13.96 5.42
N ASP A 61 -3.31 13.53 5.33
CA ASP A 61 -4.12 13.29 6.52
C ASP A 61 -4.96 12.02 6.35
N GLU A 62 -5.32 11.40 7.47
CA GLU A 62 -6.13 10.19 7.44
C GLU A 62 -7.56 10.49 7.02
N GLN A 63 -8.07 11.63 7.48
CA GLN A 63 -9.43 12.04 7.15
C GLN A 63 -9.64 12.08 5.64
N ASN A 64 -8.58 12.39 4.91
CA ASN A 64 -8.65 12.46 3.45
C ASN A 64 -8.33 11.10 2.83
N VAL A 65 -9.32 10.52 2.17
CA VAL A 65 -9.16 9.23 1.52
C VAL A 65 -8.94 9.38 0.02
N GLU A 66 -9.98 9.82 -0.69
CA GLU A 66 -9.90 10.01 -2.13
C GLU A 66 -8.62 10.74 -2.51
N LYS A 67 -8.18 11.66 -1.65
CA LYS A 67 -6.97 12.42 -1.90
C LYS A 67 -5.74 11.51 -1.86
N ASN A 68 -5.33 11.12 -0.66
CA ASN A 68 -4.17 10.26 -0.49
C ASN A 68 -4.07 9.25 -1.63
N ASN A 69 -5.20 8.65 -1.99
CA ASN A 69 -5.25 7.67 -3.06
C ASN A 69 -4.87 8.30 -4.39
N GLN A 70 -5.66 9.28 -4.83
CA GLN A 70 -5.40 9.97 -6.08
C GLN A 70 -3.93 10.34 -6.21
N LEU A 71 -3.35 10.84 -5.11
CA LEU A 71 -1.95 11.24 -5.11
C LEU A 71 -1.05 10.07 -5.48
N ALA A 72 -0.97 9.08 -4.60
CA ALA A 72 -0.15 7.90 -4.85
C ALA A 72 -0.34 7.38 -6.26
N PHE A 73 -1.59 7.07 -6.62
CA PHE A 73 -1.90 6.57 -7.94
C PHE A 73 -1.20 7.39 -9.02
N ASP A 74 -0.91 8.65 -8.70
CA ASP A 74 -0.24 9.54 -9.63
C ASP A 74 1.28 9.52 -9.43
N ILE A 75 1.71 9.92 -8.24
CA ILE A 75 3.12 9.95 -7.91
C ILE A 75 3.80 8.64 -8.30
N ALA A 76 3.19 7.53 -7.89
CA ALA A 76 3.74 6.21 -8.20
C ALA A 76 4.13 6.10 -9.67
N GLU A 77 3.13 6.04 -10.54
CA GLU A 77 3.37 5.93 -11.97
C GLU A 77 4.33 7.02 -12.44
N LYS A 78 4.20 8.21 -11.86
CA LYS A 78 5.05 9.33 -12.22
C LYS A 78 6.52 8.99 -12.01
N GLU A 79 6.84 8.41 -10.85
CA GLU A 79 8.21 8.04 -10.53
C GLU A 79 8.38 6.52 -10.59
N LEU A 80 7.78 5.83 -9.62
CA LEU A 80 7.87 4.38 -9.54
C LEU A 80 7.57 3.75 -10.90
N GLY A 81 6.70 4.40 -11.68
CA GLY A 81 6.35 3.88 -12.97
C GLY A 81 5.26 2.82 -12.92
N ILE A 82 4.69 2.65 -11.74
CA ILE A 82 3.63 1.66 -11.55
C ILE A 82 2.26 2.24 -11.90
N SER A 83 1.67 1.74 -12.98
CA SER A 83 0.36 2.22 -13.42
C SER A 83 -0.72 1.82 -12.42
N PRO A 84 -1.55 2.80 -12.02
CA PRO A 84 -2.64 2.58 -11.07
C PRO A 84 -3.76 1.72 -11.66
N ILE A 85 -4.27 0.79 -10.86
CA ILE A 85 -5.34 -0.09 -11.31
C ILE A 85 -6.71 0.54 -11.06
N MET A 86 -6.76 1.46 -10.11
CA MET A 86 -8.00 2.15 -9.78
C MET A 86 -7.77 3.64 -9.56
N THR A 87 -8.85 4.41 -9.47
CA THR A 87 -8.76 5.85 -9.27
C THR A 87 -9.25 6.24 -7.88
N GLY A 88 -8.63 7.26 -7.31
CA GLY A 88 -9.01 7.72 -5.99
C GLY A 88 -10.51 7.71 -5.78
N LYS A 89 -11.25 8.25 -6.75
CA LYS A 89 -12.70 8.29 -6.68
C LYS A 89 -13.29 6.89 -6.58
N GLU A 90 -13.00 6.07 -7.58
CA GLU A 90 -13.51 4.70 -7.61
C GLU A 90 -13.16 3.96 -6.32
N MET A 91 -12.04 4.33 -5.72
CA MET A 91 -11.60 3.71 -4.47
C MET A 91 -12.50 4.12 -3.32
N ALA A 92 -12.85 5.40 -3.27
CA ALA A 92 -13.71 5.92 -2.21
C ALA A 92 -15.16 5.51 -2.44
N SER A 93 -15.47 5.09 -3.67
CA SER A 93 -16.83 4.69 -4.02
C SER A 93 -17.04 3.21 -3.70
N VAL A 94 -16.07 2.38 -4.08
CA VAL A 94 -16.16 0.95 -3.84
C VAL A 94 -16.21 0.63 -2.35
N GLY A 95 -17.02 -0.35 -1.99
CA GLY A 95 -17.14 -0.73 -0.59
C GLY A 95 -15.94 -1.51 -0.08
N GLU A 96 -15.30 -2.24 -0.99
CA GLU A 96 -14.14 -3.04 -0.63
C GLU A 96 -13.44 -3.59 -1.87
N PRO A 97 -12.12 -3.40 -1.94
CA PRO A 97 -11.30 -3.86 -3.07
C PRO A 97 -11.19 -5.38 -3.12
N ASP A 98 -10.76 -5.90 -4.25
CA ASP A 98 -10.60 -7.35 -4.43
C ASP A 98 -9.19 -7.79 -4.04
N LYS A 99 -9.11 -8.81 -3.20
CA LYS A 99 -7.83 -9.33 -2.74
C LYS A 99 -6.87 -9.50 -3.91
N LEU A 100 -7.25 -10.33 -4.88
CA LEU A 100 -6.42 -10.58 -6.05
C LEU A 100 -5.93 -9.26 -6.65
N SER A 101 -6.86 -8.47 -7.18
CA SER A 101 -6.51 -7.19 -7.78
C SER A 101 -5.52 -6.42 -6.92
N MET A 102 -5.88 -6.21 -5.66
CA MET A 102 -5.02 -5.49 -4.72
C MET A 102 -3.63 -6.10 -4.70
N VAL A 103 -3.54 -7.35 -4.26
CA VAL A 103 -2.26 -8.05 -4.19
C VAL A 103 -1.45 -7.85 -5.46
N MET A 104 -2.08 -8.12 -6.60
CA MET A 104 -1.42 -7.98 -7.90
C MET A 104 -0.82 -6.59 -8.05
N TYR A 105 -1.67 -5.57 -7.89
CA TYR A 105 -1.22 -4.19 -8.02
C TYR A 105 -0.09 -3.89 -7.04
N LEU A 106 -0.37 -4.07 -5.75
CA LEU A 106 0.62 -3.82 -4.71
C LEU A 106 1.95 -4.47 -5.06
N THR A 107 1.91 -5.74 -5.44
CA THR A 107 3.11 -6.48 -5.81
C THR A 107 4.13 -5.57 -6.49
N GLN A 108 3.66 -4.81 -7.48
CA GLN A 108 4.53 -3.90 -8.21
C GLN A 108 5.37 -3.06 -7.26
N PHE A 109 4.72 -2.51 -6.23
CA PHE A 109 5.41 -1.69 -5.24
C PHE A 109 6.42 -2.51 -4.46
N TYR A 110 6.11 -3.79 -4.26
CA TYR A 110 6.99 -4.68 -3.51
C TYR A 110 8.19 -5.09 -4.37
N GLU A 111 7.92 -5.80 -5.46
CA GLU A 111 8.97 -6.26 -6.35
C GLU A 111 9.96 -5.13 -6.65
N MET A 112 9.48 -3.89 -6.54
CA MET A 112 10.32 -2.72 -6.79
C MET A 112 11.26 -2.46 -5.64
N PHE A 113 10.79 -2.72 -4.41
CA PHE A 113 11.59 -2.51 -3.22
C PHE A 113 11.69 -3.79 -2.41
N LYS A 114 11.63 -4.93 -3.09
CA LYS A 114 11.72 -6.23 -2.44
C LYS A 114 13.18 -6.58 -2.12
N ASP A 115 14.08 -6.21 -3.02
CA ASP A 115 15.49 -6.49 -2.84
C ASP A 115 16.10 -5.56 -1.79
N SER A 116 15.69 -4.29 -1.82
CA SER A 116 16.20 -3.30 -0.88
C SER A 116 16.38 -3.92 0.51
N GLY A 117 17.60 -3.84 1.03
CA GLY A 117 17.88 -4.39 2.34
C GLY A 117 18.51 -3.37 3.27
N PRO A 118 19.22 -3.87 4.30
CA PRO A 118 19.88 -3.01 5.29
C PRO A 118 21.07 -2.27 4.70
N SER A 119 21.27 -1.03 5.15
CA SER A 119 22.38 -0.21 4.66
C SER A 119 23.59 -0.32 5.60
N SER A 120 23.37 -0.01 6.87
CA SER A 120 24.44 -0.07 7.87
C SER A 120 24.57 -1.48 8.43
N GLY A 121 25.63 -1.69 9.22
CA GLY A 121 25.85 -2.99 9.81
C GLY A 121 25.45 -3.04 11.28
N GLY A 1 1.53 -28.24 6.58
CA GLY A 1 0.99 -27.71 5.35
C GLY A 1 0.07 -28.68 4.65
N SER A 2 -1.23 -28.38 4.67
CA SER A 2 -2.22 -29.24 4.04
C SER A 2 -2.56 -28.73 2.64
N SER A 3 -3.34 -29.52 1.90
CA SER A 3 -3.74 -29.15 0.55
C SER A 3 -4.45 -27.81 0.54
N GLY A 4 -3.73 -26.77 0.14
CA GLY A 4 -4.32 -25.44 0.09
C GLY A 4 -4.66 -24.90 1.47
N SER A 5 -5.73 -24.11 1.54
CA SER A 5 -6.16 -23.53 2.81
C SER A 5 -7.66 -23.72 3.00
N SER A 6 -8.05 -24.15 4.19
CA SER A 6 -9.45 -24.38 4.51
C SER A 6 -10.26 -23.08 4.38
N GLY A 7 -9.90 -22.09 5.18
CA GLY A 7 -10.59 -20.82 5.14
C GLY A 7 -9.72 -19.71 4.59
N VAL A 8 -9.62 -18.61 5.35
CA VAL A 8 -8.81 -17.47 4.92
C VAL A 8 -7.33 -17.74 5.12
N ALA A 9 -6.55 -17.55 4.05
CA ALA A 9 -5.12 -17.78 4.11
C ALA A 9 -4.45 -16.81 5.07
N ARG A 10 -3.49 -17.31 5.84
CA ARG A 10 -2.77 -16.49 6.81
C ARG A 10 -2.06 -15.33 6.11
N SER A 11 -1.38 -14.51 6.89
CA SER A 11 -0.66 -13.35 6.35
C SER A 11 -0.05 -13.68 5.00
N SER A 12 -0.45 -12.93 3.98
CA SER A 12 0.06 -13.15 2.63
C SER A 12 1.53 -12.76 2.53
N LYS A 13 2.26 -13.42 1.63
CA LYS A 13 3.67 -13.14 1.44
C LYS A 13 3.92 -11.65 1.31
N LEU A 14 3.22 -11.01 0.38
CA LEU A 14 3.36 -9.58 0.16
C LEU A 14 3.00 -8.79 1.42
N LEU A 15 1.89 -9.14 2.03
CA LEU A 15 1.44 -8.48 3.25
C LEU A 15 2.60 -8.31 4.24
N GLY A 16 3.13 -9.44 4.71
CA GLY A 16 4.22 -9.40 5.66
C GLY A 16 5.17 -8.24 5.41
N TRP A 17 5.68 -8.15 4.19
CA TRP A 17 6.60 -7.08 3.82
C TRP A 17 6.07 -5.73 4.27
N CYS A 18 4.86 -5.40 3.84
CA CYS A 18 4.23 -4.14 4.20
C CYS A 18 4.13 -3.99 5.71
N GLN A 19 3.60 -5.02 6.37
CA GLN A 19 3.44 -5.01 7.82
C GLN A 19 4.74 -4.58 8.50
N ARG A 20 5.86 -5.04 7.96
CA ARG A 20 7.17 -4.72 8.52
C ARG A 20 7.60 -3.31 8.10
N GLN A 21 7.51 -3.03 6.80
CA GLN A 21 7.90 -1.73 6.27
C GLN A 21 7.05 -0.63 6.89
N THR A 22 5.75 -0.68 6.64
CA THR A 22 4.83 0.32 7.18
C THR A 22 5.06 0.54 8.66
N ASP A 23 5.24 -0.55 9.40
CA ASP A 23 5.47 -0.47 10.84
C ASP A 23 6.33 0.75 11.19
N GLY A 24 5.91 1.48 12.20
CA GLY A 24 6.65 2.66 12.62
C GLY A 24 5.86 3.94 12.43
N TYR A 25 5.10 4.01 11.35
CA TYR A 25 4.29 5.19 11.05
C TYR A 25 3.26 5.44 12.16
N ALA A 26 2.45 6.47 11.97
CA ALA A 26 1.42 6.82 12.95
C ALA A 26 0.03 6.63 12.36
N GLY A 27 -0.68 5.61 12.85
CA GLY A 27 -2.02 5.34 12.36
C GLY A 27 -2.02 4.53 11.09
N VAL A 28 -0.93 3.81 10.83
CA VAL A 28 -0.81 2.99 9.64
C VAL A 28 -0.70 1.51 10.00
N ASN A 29 -1.82 0.94 10.42
CA ASN A 29 -1.85 -0.48 10.79
C ASN A 29 -2.38 -1.33 9.65
N VAL A 30 -1.51 -2.14 9.06
CA VAL A 30 -1.89 -3.01 7.96
C VAL A 30 -2.37 -4.37 8.46
N THR A 31 -3.67 -4.63 8.30
CA THR A 31 -4.25 -5.89 8.74
C THR A 31 -4.68 -6.74 7.56
N ASP A 32 -5.23 -6.09 6.54
CA ASP A 32 -5.69 -6.79 5.34
C ASP A 32 -5.42 -5.95 4.09
N LEU A 33 -4.99 -6.63 3.02
CA LEU A 33 -4.69 -5.95 1.77
C LEU A 33 -5.98 -5.58 1.03
N THR A 34 -6.91 -4.97 1.75
CA THR A 34 -8.18 -4.57 1.18
C THR A 34 -8.55 -3.14 1.61
N MET A 35 -8.95 -3.01 2.87
CA MET A 35 -9.33 -1.70 3.41
C MET A 35 -8.10 -0.94 3.88
N SER A 36 -7.24 -1.62 4.63
CA SER A 36 -6.03 -0.99 5.16
C SER A 36 -5.46 0.02 4.16
N TRP A 37 -5.62 -0.28 2.88
CA TRP A 37 -5.11 0.59 1.82
C TRP A 37 -6.21 1.56 1.35
N LYS A 38 -7.44 1.07 1.29
CA LYS A 38 -8.56 1.90 0.86
C LYS A 38 -8.38 3.33 1.32
N SER A 39 -7.91 3.50 2.54
CA SER A 39 -7.69 4.84 3.10
C SER A 39 -6.70 5.63 2.26
N GLY A 40 -5.52 5.04 2.05
CA GLY A 40 -4.50 5.71 1.26
C GLY A 40 -3.20 5.89 2.02
N LEU A 41 -3.32 6.23 3.30
CA LEU A 41 -2.15 6.44 4.15
C LEU A 41 -1.11 5.34 3.93
N ALA A 42 -1.49 4.12 4.31
CA ALA A 42 -0.60 2.97 4.15
C ALA A 42 0.18 3.05 2.84
N LEU A 43 -0.55 3.18 1.74
CA LEU A 43 0.07 3.27 0.42
C LEU A 43 1.07 4.42 0.35
N CYS A 44 0.70 5.55 0.95
CA CYS A 44 1.55 6.73 0.97
C CYS A 44 2.80 6.47 1.81
N ALA A 45 2.64 5.70 2.88
CA ALA A 45 3.75 5.38 3.77
C ALA A 45 4.79 4.50 3.07
N ILE A 46 4.32 3.73 2.09
CA ILE A 46 5.21 2.84 1.34
C ILE A 46 6.22 3.64 0.52
N ILE A 47 5.71 4.41 -0.44
CA ILE A 47 6.56 5.23 -1.29
C ILE A 47 7.42 6.18 -0.46
N HIS A 48 6.81 6.80 0.55
CA HIS A 48 7.52 7.73 1.41
C HIS A 48 8.65 7.02 2.15
N ARG A 49 8.32 5.89 2.78
CA ARG A 49 9.32 5.12 3.52
C ARG A 49 10.69 5.21 2.86
N TYR A 50 10.77 4.76 1.62
CA TYR A 50 12.02 4.78 0.88
C TYR A 50 12.31 6.17 0.33
N ARG A 51 11.33 6.75 -0.37
CA ARG A 51 11.48 8.07 -0.94
C ARG A 51 10.36 9.00 -0.46
N PRO A 52 10.65 9.79 0.58
CA PRO A 52 9.68 10.72 1.16
C PRO A 52 9.40 11.91 0.23
N ASP A 53 10.37 12.23 -0.61
CA ASP A 53 10.23 13.34 -1.56
C ASP A 53 9.04 13.11 -2.48
N LEU A 54 9.06 11.98 -3.19
CA LEU A 54 7.99 11.64 -4.12
C LEU A 54 6.63 11.99 -3.55
N ILE A 55 6.29 11.36 -2.42
CA ILE A 55 5.01 11.62 -1.77
C ILE A 55 5.22 12.23 -0.38
N ASP A 56 4.47 13.29 -0.11
CA ASP A 56 4.57 13.98 1.18
C ASP A 56 3.53 13.45 2.16
N PHE A 57 3.94 12.52 3.00
CA PHE A 57 3.05 11.93 3.99
C PHE A 57 2.70 12.93 5.08
N ASP A 58 3.71 13.63 5.57
CA ASP A 58 3.52 14.63 6.62
C ASP A 58 2.43 15.62 6.24
N SER A 59 2.34 15.93 4.95
CA SER A 59 1.34 16.87 4.45
C SER A 59 -0.04 16.22 4.43
N LEU A 60 -0.11 15.00 3.91
CA LEU A 60 -1.38 14.28 3.84
C LEU A 60 -2.05 14.21 5.21
N ASP A 61 -3.32 13.83 5.22
CA ASP A 61 -4.08 13.71 6.46
C ASP A 61 -4.94 12.45 6.45
N GLU A 62 -5.12 11.86 7.64
CA GLU A 62 -5.93 10.66 7.77
C GLU A 62 -7.33 10.88 7.22
N GLN A 63 -7.92 12.02 7.55
CA GLN A 63 -9.27 12.35 7.10
C GLN A 63 -9.36 12.31 5.58
N ASN A 64 -8.23 12.58 4.92
CA ASN A 64 -8.19 12.57 3.46
C ASN A 64 -8.05 11.15 2.94
N VAL A 65 -9.08 10.68 2.21
CA VAL A 65 -9.07 9.35 1.65
C VAL A 65 -8.86 9.39 0.14
N GLU A 66 -9.85 9.92 -0.58
CA GLU A 66 -9.77 10.02 -2.03
C GLU A 66 -8.45 10.67 -2.46
N LYS A 67 -8.00 11.65 -1.68
CA LYS A 67 -6.76 12.35 -1.99
C LYS A 67 -5.56 11.42 -1.85
N ASN A 68 -5.26 11.02 -0.62
CA ASN A 68 -4.14 10.13 -0.35
C ASN A 68 -3.97 9.12 -1.48
N ASN A 69 -5.08 8.55 -1.93
CA ASN A 69 -5.06 7.57 -3.00
C ASN A 69 -4.81 8.24 -4.35
N GLN A 70 -5.69 9.17 -4.71
CA GLN A 70 -5.57 9.89 -5.98
C GLN A 70 -4.12 10.29 -6.23
N LEU A 71 -3.46 10.82 -5.20
CA LEU A 71 -2.07 11.25 -5.32
C LEU A 71 -1.16 10.07 -5.64
N ALA A 72 -1.02 9.16 -4.68
CA ALA A 72 -0.19 7.98 -4.87
C ALA A 72 -0.35 7.40 -6.28
N PHE A 73 -1.59 7.06 -6.63
CA PHE A 73 -1.88 6.50 -7.94
C PHE A 73 -1.17 7.30 -9.04
N ASP A 74 -1.04 8.60 -8.83
CA ASP A 74 -0.40 9.47 -9.80
C ASP A 74 1.10 9.51 -9.58
N ILE A 75 1.52 9.98 -8.40
CA ILE A 75 2.93 10.06 -8.06
C ILE A 75 3.67 8.78 -8.45
N ALA A 76 3.14 7.65 -8.01
CA ALA A 76 3.74 6.35 -8.30
C ALA A 76 4.12 6.26 -9.78
N GLU A 77 3.12 6.11 -10.64
CA GLU A 77 3.35 6.00 -12.07
C GLU A 77 4.23 7.13 -12.57
N LYS A 78 3.93 8.35 -12.14
CA LYS A 78 4.71 9.52 -12.53
C LYS A 78 6.19 9.24 -12.47
N GLU A 79 6.66 8.83 -11.29
CA GLU A 79 8.07 8.52 -11.08
C GLU A 79 8.31 7.02 -11.13
N LEU A 80 7.74 6.30 -10.17
CA LEU A 80 7.89 4.85 -10.10
C LEU A 80 7.58 4.21 -11.45
N GLY A 81 6.35 4.43 -11.93
CA GLY A 81 5.94 3.87 -13.20
C GLY A 81 4.84 2.84 -13.04
N ILE A 82 4.41 2.62 -11.81
CA ILE A 82 3.35 1.65 -11.53
C ILE A 82 1.98 2.23 -11.85
N SER A 83 1.46 1.90 -13.03
CA SER A 83 0.15 2.40 -13.45
C SER A 83 -0.93 1.97 -12.47
N PRO A 84 -1.78 2.93 -12.07
CA PRO A 84 -2.88 2.68 -11.13
C PRO A 84 -3.98 1.83 -11.75
N ILE A 85 -4.57 0.97 -10.92
CA ILE A 85 -5.65 0.09 -11.39
C ILE A 85 -7.01 0.75 -11.20
N MET A 86 -7.08 1.71 -10.28
CA MET A 86 -8.32 2.42 -10.01
C MET A 86 -8.05 3.88 -9.67
N THR A 87 -9.12 4.69 -9.64
CA THR A 87 -8.99 6.11 -9.33
C THR A 87 -9.42 6.40 -7.89
N GLY A 88 -8.69 7.30 -7.25
CA GLY A 88 -9.01 7.65 -5.87
C GLY A 88 -10.50 7.65 -5.61
N LYS A 89 -11.26 8.34 -6.46
CA LYS A 89 -12.71 8.42 -6.30
C LYS A 89 -13.33 7.02 -6.27
N GLU A 90 -12.87 6.16 -7.17
CA GLU A 90 -13.38 4.78 -7.23
C GLU A 90 -13.02 4.02 -5.98
N MET A 91 -11.84 4.29 -5.43
CA MET A 91 -11.38 3.62 -4.22
C MET A 91 -12.25 3.99 -3.02
N ALA A 92 -12.48 5.29 -2.84
CA ALA A 92 -13.30 5.78 -1.74
C ALA A 92 -14.76 5.41 -1.95
N SER A 93 -15.19 5.35 -3.20
CA SER A 93 -16.57 5.01 -3.52
C SER A 93 -16.83 3.52 -3.31
N VAL A 94 -16.03 2.70 -3.96
CA VAL A 94 -16.16 1.25 -3.85
C VAL A 94 -16.24 0.81 -2.39
N GLY A 95 -16.95 -0.28 -2.14
CA GLY A 95 -17.09 -0.77 -0.78
C GLY A 95 -15.88 -1.57 -0.33
N GLU A 96 -15.34 -2.38 -1.23
CA GLU A 96 -14.17 -3.20 -0.91
C GLU A 96 -13.47 -3.67 -2.18
N PRO A 97 -12.14 -3.51 -2.23
CA PRO A 97 -11.33 -3.91 -3.37
C PRO A 97 -11.25 -5.42 -3.53
N ASP A 98 -10.60 -5.87 -4.60
CA ASP A 98 -10.46 -7.30 -4.86
C ASP A 98 -9.06 -7.78 -4.48
N LYS A 99 -9.01 -8.80 -3.62
CA LYS A 99 -7.73 -9.36 -3.19
C LYS A 99 -6.73 -9.41 -4.33
N LEU A 100 -7.00 -10.26 -5.30
CA LEU A 100 -6.12 -10.41 -6.46
C LEU A 100 -5.65 -9.05 -6.96
N SER A 101 -6.57 -8.23 -7.44
CA SER A 101 -6.24 -6.90 -7.94
C SER A 101 -5.27 -6.20 -7.00
N MET A 102 -5.66 -6.07 -5.74
CA MET A 102 -4.82 -5.42 -4.74
C MET A 102 -3.43 -6.02 -4.72
N VAL A 103 -3.35 -7.31 -4.36
CA VAL A 103 -2.06 -7.99 -4.30
C VAL A 103 -1.23 -7.74 -5.55
N MET A 104 -1.74 -8.19 -6.70
CA MET A 104 -1.05 -8.00 -7.97
C MET A 104 -0.48 -6.59 -8.07
N TYR A 105 -1.34 -5.60 -7.89
CA TYR A 105 -0.92 -4.20 -7.97
C TYR A 105 0.19 -3.91 -6.97
N LEU A 106 -0.15 -3.98 -5.68
CA LEU A 106 0.81 -3.72 -4.63
C LEU A 106 2.17 -4.34 -4.96
N THR A 107 2.15 -5.62 -5.33
CA THR A 107 3.38 -6.32 -5.68
C THR A 107 4.38 -5.39 -6.35
N GLN A 108 3.96 -4.77 -7.46
CA GLN A 108 4.82 -3.85 -8.19
C GLN A 108 5.73 -3.08 -7.24
N PHE A 109 5.14 -2.54 -6.17
CA PHE A 109 5.88 -1.77 -5.20
C PHE A 109 6.89 -2.66 -4.46
N TYR A 110 6.42 -3.79 -3.96
CA TYR A 110 7.28 -4.73 -3.23
C TYR A 110 8.43 -5.20 -4.12
N GLU A 111 8.09 -5.88 -5.21
CA GLU A 111 9.10 -6.38 -6.13
C GLU A 111 10.17 -5.33 -6.40
N MET A 112 9.81 -4.06 -6.20
CA MET A 112 10.73 -2.95 -6.42
C MET A 112 11.50 -2.62 -5.16
N PHE A 113 10.87 -2.84 -4.00
CA PHE A 113 11.50 -2.56 -2.72
C PHE A 113 11.68 -3.85 -1.92
N LYS A 114 11.89 -4.95 -2.62
CA LYS A 114 12.07 -6.24 -1.97
C LYS A 114 13.55 -6.47 -1.63
N ASP A 115 14.43 -6.08 -2.55
CA ASP A 115 15.86 -6.23 -2.35
C ASP A 115 16.61 -4.96 -2.72
N SER A 116 16.00 -3.81 -2.40
CA SER A 116 16.61 -2.52 -2.72
C SER A 116 18.08 -2.50 -2.31
N GLY A 117 18.39 -3.11 -1.16
CA GLY A 117 19.76 -3.15 -0.68
C GLY A 117 20.34 -4.54 -0.73
N PRO A 118 21.31 -4.81 0.16
CA PRO A 118 21.97 -6.11 0.25
C PRO A 118 21.04 -7.20 0.80
N SER A 119 21.24 -8.42 0.32
CA SER A 119 20.42 -9.55 0.76
C SER A 119 21.22 -10.84 0.75
N SER A 120 20.79 -11.80 1.57
CA SER A 120 21.48 -13.09 1.65
C SER A 120 21.76 -13.65 0.27
N GLY A 121 22.55 -14.72 0.22
CA GLY A 121 22.87 -15.35 -1.05
C GLY A 121 24.36 -15.63 -1.20
N GLY A 1 12.85 -15.95 11.97
CA GLY A 1 12.97 -17.03 11.01
C GLY A 1 12.04 -18.19 11.33
N SER A 2 11.00 -18.36 10.51
CA SER A 2 10.04 -19.43 10.71
C SER A 2 9.20 -19.66 9.46
N SER A 3 8.93 -20.92 9.14
CA SER A 3 8.14 -21.27 7.96
C SER A 3 6.83 -21.94 8.37
N GLY A 4 5.92 -22.06 7.41
CA GLY A 4 4.64 -22.69 7.69
C GLY A 4 4.02 -23.31 6.45
N SER A 5 2.95 -24.06 6.64
CA SER A 5 2.26 -24.71 5.53
C SER A 5 1.55 -23.68 4.65
N SER A 6 1.25 -24.07 3.42
CA SER A 6 0.57 -23.18 2.48
C SER A 6 -0.49 -22.34 3.20
N GLY A 7 -1.33 -23.01 3.97
CA GLY A 7 -2.38 -22.31 4.70
C GLY A 7 -3.33 -21.57 3.78
N VAL A 8 -4.53 -21.29 4.28
CA VAL A 8 -5.53 -20.57 3.49
C VAL A 8 -5.88 -19.24 4.12
N ALA A 9 -6.16 -18.24 3.29
CA ALA A 9 -6.51 -16.91 3.77
C ALA A 9 -5.62 -16.50 4.94
N ARG A 10 -4.32 -16.72 4.80
CA ARG A 10 -3.37 -16.37 5.84
C ARG A 10 -2.40 -15.30 5.36
N SER A 11 -1.53 -14.84 6.26
CA SER A 11 -0.56 -13.80 5.92
C SER A 11 0.10 -14.10 4.58
N SER A 12 -0.16 -13.24 3.60
CA SER A 12 0.41 -13.42 2.26
C SER A 12 1.83 -12.85 2.21
N LYS A 13 2.71 -13.54 1.52
CA LYS A 13 4.10 -13.11 1.38
C LYS A 13 4.17 -11.59 1.23
N LEU A 14 3.34 -11.04 0.35
CA LEU A 14 3.32 -9.61 0.11
C LEU A 14 2.93 -8.85 1.37
N LEU A 15 1.82 -9.25 1.98
CA LEU A 15 1.33 -8.61 3.20
C LEU A 15 2.48 -8.38 4.17
N GLY A 16 3.20 -9.45 4.52
CA GLY A 16 4.31 -9.33 5.45
C GLY A 16 5.10 -8.06 5.23
N TRP A 17 5.66 -7.90 4.03
CA TRP A 17 6.46 -6.72 3.70
C TRP A 17 5.75 -5.45 4.15
N CYS A 18 4.67 -5.10 3.47
CA CYS A 18 3.90 -3.91 3.79
C CYS A 18 3.91 -3.65 5.30
N GLN A 19 3.66 -4.70 6.07
CA GLN A 19 3.64 -4.58 7.52
C GLN A 19 5.01 -4.22 8.06
N ARG A 20 6.03 -4.95 7.62
CA ARG A 20 7.40 -4.70 8.06
C ARG A 20 7.84 -3.29 7.69
N GLN A 21 7.60 -2.91 6.44
CA GLN A 21 7.97 -1.58 5.95
C GLN A 21 7.15 -0.50 6.65
N THR A 22 5.84 -0.58 6.52
CA THR A 22 4.94 0.39 7.13
C THR A 22 5.25 0.56 8.61
N ASP A 23 5.44 -0.55 9.30
CA ASP A 23 5.74 -0.53 10.73
C ASP A 23 6.62 0.67 11.08
N GLY A 24 6.12 1.53 11.97
CA GLY A 24 6.86 2.70 12.37
C GLY A 24 6.05 3.98 12.25
N TYR A 25 5.17 4.02 11.25
CA TYR A 25 4.33 5.20 11.02
C TYR A 25 3.36 5.39 12.18
N ALA A 26 2.47 6.38 12.04
CA ALA A 26 1.49 6.67 13.07
C ALA A 26 0.07 6.49 12.54
N GLY A 27 -0.59 5.43 13.01
CA GLY A 27 -1.95 5.15 12.58
C GLY A 27 -1.99 4.37 11.28
N VAL A 28 -0.89 3.72 10.94
CA VAL A 28 -0.80 2.93 9.72
C VAL A 28 -0.64 1.45 10.02
N ASN A 29 -1.65 0.86 10.64
CA ASN A 29 -1.62 -0.55 11.00
C ASN A 29 -2.16 -1.41 9.87
N VAL A 30 -1.28 -2.17 9.23
CA VAL A 30 -1.67 -3.03 8.12
C VAL A 30 -2.08 -4.42 8.62
N THR A 31 -3.38 -4.70 8.57
CA THR A 31 -3.90 -5.98 9.02
C THR A 31 -4.59 -6.72 7.88
N ASP A 32 -5.03 -5.98 6.87
CA ASP A 32 -5.71 -6.56 5.72
C ASP A 32 -5.18 -5.96 4.41
N LEU A 33 -5.59 -6.57 3.30
CA LEU A 33 -5.15 -6.09 1.98
C LEU A 33 -6.33 -5.58 1.17
N THR A 34 -7.36 -5.09 1.86
CA THR A 34 -8.54 -4.57 1.21
C THR A 34 -8.93 -3.21 1.77
N MET A 35 -9.20 -3.17 3.07
CA MET A 35 -9.59 -1.92 3.73
C MET A 35 -8.35 -1.14 4.18
N SER A 36 -7.43 -1.84 4.85
CA SER A 36 -6.21 -1.21 5.34
C SER A 36 -5.66 -0.23 4.31
N TRP A 37 -5.99 -0.46 3.05
CA TRP A 37 -5.52 0.40 1.97
C TRP A 37 -6.60 1.39 1.55
N LYS A 38 -7.85 0.94 1.61
CA LYS A 38 -8.99 1.77 1.24
C LYS A 38 -8.77 3.22 1.69
N SER A 39 -8.13 3.39 2.84
CA SER A 39 -7.86 4.72 3.37
C SER A 39 -6.90 5.48 2.47
N GLY A 40 -5.75 4.88 2.20
CA GLY A 40 -4.76 5.52 1.35
C GLY A 40 -3.43 5.72 2.06
N LEU A 41 -3.49 6.10 3.32
CA LEU A 41 -2.28 6.33 4.11
C LEU A 41 -1.22 5.27 3.79
N ALA A 42 -1.51 4.03 4.17
CA ALA A 42 -0.58 2.93 3.92
C ALA A 42 0.19 3.14 2.62
N LEU A 43 -0.53 3.06 1.51
CA LEU A 43 0.08 3.24 0.19
C LEU A 43 1.04 4.41 0.19
N CYS A 44 0.66 5.49 0.87
CA CYS A 44 1.49 6.68 0.95
C CYS A 44 2.73 6.43 1.79
N ALA A 45 2.56 5.67 2.88
CA ALA A 45 3.67 5.35 3.77
C ALA A 45 4.71 4.50 3.05
N ILE A 46 4.28 3.74 2.05
CA ILE A 46 5.18 2.89 1.30
C ILE A 46 6.17 3.71 0.49
N ILE A 47 5.66 4.51 -0.44
CA ILE A 47 6.51 5.36 -1.27
C ILE A 47 7.41 6.24 -0.42
N HIS A 48 6.84 6.84 0.62
CA HIS A 48 7.60 7.71 1.51
C HIS A 48 8.63 6.91 2.30
N ARG A 49 8.19 5.79 2.86
CA ARG A 49 9.07 4.93 3.65
C ARG A 49 10.49 4.94 3.08
N TYR A 50 10.59 4.76 1.76
CA TYR A 50 11.89 4.74 1.10
C TYR A 50 12.19 6.09 0.46
N ARG A 51 11.21 6.62 -0.28
CA ARG A 51 11.36 7.89 -0.95
C ARG A 51 10.30 8.90 -0.48
N PRO A 52 10.68 9.74 0.50
CA PRO A 52 9.78 10.74 1.06
C PRO A 52 9.48 11.86 0.08
N ASP A 53 10.43 12.14 -0.81
CA ASP A 53 10.26 13.20 -1.80
C ASP A 53 9.02 12.96 -2.65
N LEU A 54 9.03 11.86 -3.40
CA LEU A 54 7.89 11.51 -4.26
C LEU A 54 6.58 11.87 -3.59
N ILE A 55 6.30 11.24 -2.44
CA ILE A 55 5.08 11.50 -1.70
C ILE A 55 5.37 12.10 -0.33
N ASP A 56 4.71 13.19 -0.01
CA ASP A 56 4.90 13.87 1.27
C ASP A 56 3.80 13.49 2.25
N PHE A 57 4.09 12.52 3.12
CA PHE A 57 3.12 12.06 4.10
C PHE A 57 2.81 13.17 5.12
N ASP A 58 3.83 13.92 5.48
CA ASP A 58 3.66 15.01 6.44
C ASP A 58 2.43 15.84 6.11
N SER A 59 2.28 16.18 4.84
CA SER A 59 1.14 16.98 4.39
C SER A 59 -0.16 16.17 4.48
N LEU A 60 -0.16 14.99 3.87
CA LEU A 60 -1.33 14.13 3.88
C LEU A 60 -1.84 13.91 5.30
N ASP A 61 -3.13 13.61 5.43
CA ASP A 61 -3.73 13.38 6.73
C ASP A 61 -4.48 12.06 6.75
N GLU A 62 -5.07 11.73 7.89
CA GLU A 62 -5.83 10.49 8.04
C GLU A 62 -7.27 10.67 7.56
N GLN A 63 -7.75 11.90 7.59
CA GLN A 63 -9.10 12.21 7.16
C GLN A 63 -9.23 12.12 5.64
N ASN A 64 -8.13 12.38 4.95
CA ASN A 64 -8.11 12.33 3.50
C ASN A 64 -8.02 10.89 2.99
N VAL A 65 -9.06 10.44 2.31
CA VAL A 65 -9.09 9.08 1.79
C VAL A 65 -8.88 9.07 0.28
N GLU A 66 -9.81 9.67 -0.46
CA GLU A 66 -9.71 9.73 -1.91
C GLU A 66 -8.40 10.39 -2.35
N LYS A 67 -8.03 11.47 -1.66
CA LYS A 67 -6.81 12.18 -1.97
C LYS A 67 -5.58 11.29 -1.79
N ASN A 68 -5.37 10.83 -0.57
CA ASN A 68 -4.24 9.95 -0.26
C ASN A 68 -4.04 8.91 -1.36
N ASN A 69 -5.14 8.52 -2.01
CA ASN A 69 -5.09 7.54 -3.08
C ASN A 69 -4.77 8.20 -4.42
N GLN A 70 -5.67 9.07 -4.88
CA GLN A 70 -5.48 9.77 -6.14
C GLN A 70 -4.02 10.19 -6.31
N LEU A 71 -3.42 10.66 -5.22
CA LEU A 71 -2.04 11.11 -5.25
C LEU A 71 -1.10 9.94 -5.56
N ALA A 72 -0.99 9.01 -4.63
CA ALA A 72 -0.13 7.84 -4.81
C ALA A 72 -0.28 7.26 -6.20
N PHE A 73 -1.52 7.00 -6.60
CA PHE A 73 -1.79 6.43 -7.92
C PHE A 73 -1.13 7.25 -9.01
N ASP A 74 -0.98 8.55 -8.77
CA ASP A 74 -0.36 9.45 -9.73
C ASP A 74 1.15 9.50 -9.53
N ILE A 75 1.57 10.00 -8.38
CA ILE A 75 2.99 10.10 -8.07
C ILE A 75 3.73 8.81 -8.43
N ALA A 76 3.19 7.68 -7.99
CA ALA A 76 3.80 6.38 -8.28
C ALA A 76 4.21 6.29 -9.75
N GLU A 77 3.23 6.14 -10.63
CA GLU A 77 3.50 6.03 -12.06
C GLU A 77 4.35 7.21 -12.54
N LYS A 78 4.00 8.40 -12.07
CA LYS A 78 4.73 9.62 -12.46
C LYS A 78 6.24 9.39 -12.39
N GLU A 79 6.71 8.90 -11.24
CA GLU A 79 8.13 8.64 -11.06
C GLU A 79 8.42 7.14 -11.08
N LEU A 80 7.85 6.42 -10.12
CA LEU A 80 8.04 4.98 -10.02
C LEU A 80 7.75 4.30 -11.36
N GLY A 81 6.57 4.60 -11.90
CA GLY A 81 6.18 4.01 -13.18
C GLY A 81 5.05 3.02 -13.03
N ILE A 82 4.68 2.71 -11.79
CA ILE A 82 3.60 1.77 -11.52
C ILE A 82 2.24 2.39 -11.82
N SER A 83 1.66 2.00 -12.95
CA SER A 83 0.36 2.52 -13.36
C SER A 83 -0.74 2.05 -12.41
N PRO A 84 -1.57 2.99 -11.95
CA PRO A 84 -2.67 2.71 -11.03
C PRO A 84 -3.79 1.90 -11.69
N ILE A 85 -4.22 0.84 -11.02
CA ILE A 85 -5.28 -0.02 -11.55
C ILE A 85 -6.64 0.66 -11.41
N MET A 86 -6.74 1.60 -10.47
CA MET A 86 -7.99 2.32 -10.24
C MET A 86 -7.71 3.77 -9.82
N THR A 87 -8.75 4.59 -9.84
CA THR A 87 -8.62 5.99 -9.47
C THR A 87 -9.10 6.23 -8.04
N GLY A 88 -8.37 7.06 -7.31
CA GLY A 88 -8.74 7.36 -5.93
C GLY A 88 -10.24 7.44 -5.74
N LYS A 89 -10.93 8.00 -6.72
CA LYS A 89 -12.39 8.13 -6.66
C LYS A 89 -13.05 6.76 -6.64
N GLU A 90 -12.60 5.87 -7.51
CA GLU A 90 -13.15 4.52 -7.59
C GLU A 90 -12.87 3.74 -6.30
N MET A 91 -11.86 4.19 -5.55
CA MET A 91 -11.50 3.53 -4.31
C MET A 91 -12.34 4.05 -3.15
N ALA A 92 -12.76 5.30 -3.25
CA ALA A 92 -13.57 5.92 -2.21
C ALA A 92 -15.03 5.50 -2.33
N SER A 93 -15.51 5.38 -3.57
CA SER A 93 -16.89 4.98 -3.81
C SER A 93 -17.09 3.50 -3.56
N VAL A 94 -16.28 2.67 -4.22
CA VAL A 94 -16.37 1.22 -4.06
C VAL A 94 -16.35 0.84 -2.58
N GLY A 95 -17.24 -0.08 -2.21
CA GLY A 95 -17.31 -0.52 -0.83
C GLY A 95 -16.04 -1.22 -0.37
N GLU A 96 -15.49 -2.06 -1.25
CA GLU A 96 -14.27 -2.80 -0.93
C GLU A 96 -13.59 -3.30 -2.20
N PRO A 97 -12.26 -3.18 -2.25
CA PRO A 97 -11.47 -3.62 -3.40
C PRO A 97 -11.44 -5.14 -3.54
N ASP A 98 -10.61 -5.64 -4.45
CA ASP A 98 -10.49 -7.07 -4.68
C ASP A 98 -9.13 -7.58 -4.22
N LYS A 99 -9.15 -8.55 -3.31
CA LYS A 99 -7.93 -9.13 -2.78
C LYS A 99 -6.89 -9.32 -3.89
N LEU A 100 -7.29 -10.02 -4.94
CA LEU A 100 -6.40 -10.27 -6.08
C LEU A 100 -5.83 -8.97 -6.62
N SER A 101 -6.68 -8.22 -7.32
CA SER A 101 -6.25 -6.94 -7.89
C SER A 101 -5.32 -6.19 -6.95
N MET A 102 -5.77 -6.03 -5.70
CA MET A 102 -4.97 -5.33 -4.70
C MET A 102 -3.59 -5.93 -4.58
N VAL A 103 -3.53 -7.21 -4.19
CA VAL A 103 -2.26 -7.90 -4.04
C VAL A 103 -1.39 -7.74 -5.28
N MET A 104 -1.95 -8.07 -6.44
CA MET A 104 -1.23 -7.96 -7.70
C MET A 104 -0.63 -6.57 -7.86
N TYR A 105 -1.48 -5.55 -7.91
CA TYR A 105 -1.03 -4.18 -8.06
C TYR A 105 0.12 -3.87 -7.10
N LEU A 106 -0.18 -3.96 -5.81
CA LEU A 106 0.83 -3.69 -4.78
C LEU A 106 2.15 -4.38 -5.11
N THR A 107 2.06 -5.67 -5.45
CA THR A 107 3.24 -6.45 -5.79
C THR A 107 4.28 -5.59 -6.50
N GLN A 108 3.81 -4.72 -7.40
CA GLN A 108 4.69 -3.84 -8.15
C GLN A 108 5.63 -3.08 -7.21
N PHE A 109 5.04 -2.43 -6.21
CA PHE A 109 5.82 -1.66 -5.25
C PHE A 109 6.79 -2.55 -4.49
N TYR A 110 6.24 -3.56 -3.81
CA TYR A 110 7.07 -4.49 -3.03
C TYR A 110 8.28 -4.93 -3.84
N GLU A 111 8.03 -5.61 -4.96
CA GLU A 111 9.11 -6.10 -5.81
C GLU A 111 10.04 -4.97 -6.20
N MET A 112 9.56 -3.73 -6.07
CA MET A 112 10.36 -2.56 -6.42
C MET A 112 11.36 -2.24 -5.31
N PHE A 113 10.96 -2.50 -4.07
CA PHE A 113 11.82 -2.23 -2.92
C PHE A 113 11.97 -3.49 -2.05
N LYS A 114 11.93 -4.65 -2.69
CA LYS A 114 12.06 -5.91 -1.99
C LYS A 114 13.52 -6.23 -1.72
N ASP A 115 14.40 -5.77 -2.61
CA ASP A 115 15.84 -6.02 -2.46
C ASP A 115 16.45 -5.01 -1.50
N SER A 116 16.28 -3.73 -1.80
CA SER A 116 16.84 -2.67 -0.97
C SER A 116 16.68 -3.01 0.52
N GLY A 117 15.48 -3.42 0.90
CA GLY A 117 15.22 -3.77 2.29
C GLY A 117 16.14 -4.86 2.79
N PRO A 118 16.30 -4.94 4.12
CA PRO A 118 17.16 -5.94 4.76
C PRO A 118 16.58 -7.35 4.64
N SER A 119 17.28 -8.32 5.21
CA SER A 119 16.84 -9.71 5.18
C SER A 119 16.84 -10.31 6.58
N SER A 120 17.96 -10.13 7.29
CA SER A 120 18.08 -10.66 8.65
C SER A 120 18.48 -9.55 9.63
N GLY A 121 17.46 -8.98 10.29
CA GLY A 121 17.72 -7.92 11.26
C GLY A 121 16.68 -6.83 11.19
N GLY A 1 -16.08 -11.90 -2.04
CA GLY A 1 -17.01 -11.57 -3.12
C GLY A 1 -17.78 -10.30 -2.85
N SER A 2 -19.10 -10.39 -2.89
CA SER A 2 -19.96 -9.22 -2.66
C SER A 2 -19.69 -8.62 -1.28
N SER A 3 -19.90 -9.43 -0.25
CA SER A 3 -19.68 -8.97 1.12
C SER A 3 -18.23 -9.17 1.55
N GLY A 4 -17.74 -10.40 1.38
CA GLY A 4 -16.37 -10.70 1.75
C GLY A 4 -16.25 -12.00 2.53
N SER A 5 -16.24 -13.12 1.81
CA SER A 5 -16.13 -14.43 2.45
C SER A 5 -14.68 -14.74 2.80
N SER A 6 -13.81 -14.72 1.80
CA SER A 6 -12.40 -15.01 2.00
C SER A 6 -11.71 -13.86 2.72
N GLY A 7 -11.97 -12.64 2.25
CA GLY A 7 -11.37 -11.46 2.86
C GLY A 7 -9.95 -11.72 3.32
N VAL A 8 -9.77 -11.85 4.64
CA VAL A 8 -8.45 -12.11 5.21
C VAL A 8 -8.22 -13.60 5.44
N ALA A 9 -7.85 -14.30 4.39
CA ALA A 9 -7.59 -15.73 4.47
C ALA A 9 -6.35 -16.02 5.31
N ARG A 10 -5.20 -15.59 4.83
CA ARG A 10 -3.94 -15.80 5.54
C ARG A 10 -2.98 -14.63 5.32
N SER A 11 -1.88 -14.63 6.06
CA SER A 11 -0.89 -13.57 5.94
C SER A 11 0.02 -13.78 4.74
N SER A 12 -0.42 -13.31 3.57
CA SER A 12 0.34 -13.45 2.35
C SER A 12 1.73 -12.85 2.50
N LYS A 13 2.74 -13.57 1.99
CA LYS A 13 4.11 -13.11 2.07
C LYS A 13 4.21 -11.60 1.83
N LEU A 14 3.47 -11.13 0.82
CA LEU A 14 3.47 -9.71 0.49
C LEU A 14 3.02 -8.87 1.68
N LEU A 15 1.84 -9.18 2.21
CA LEU A 15 1.30 -8.46 3.35
C LEU A 15 2.40 -8.13 4.36
N GLY A 16 3.11 -9.16 4.80
CA GLY A 16 4.17 -8.96 5.77
C GLY A 16 5.07 -7.79 5.41
N TRP A 17 5.71 -7.87 4.24
CA TRP A 17 6.60 -6.81 3.78
C TRP A 17 6.05 -5.44 4.16
N CYS A 18 4.77 -5.21 3.85
CA CYS A 18 4.13 -3.94 4.16
C CYS A 18 4.07 -3.71 5.67
N GLN A 19 3.72 -4.75 6.41
CA GLN A 19 3.62 -4.66 7.86
C GLN A 19 4.95 -4.23 8.47
N ARG A 20 6.04 -4.81 7.97
CA ARG A 20 7.37 -4.49 8.45
C ARG A 20 7.83 -3.12 7.95
N GLN A 21 7.61 -2.87 6.67
CA GLN A 21 7.98 -1.61 6.05
C GLN A 21 7.23 -0.44 6.68
N THR A 22 5.89 -0.48 6.56
CA THR A 22 5.05 0.57 7.11
C THR A 22 5.33 0.78 8.59
N ASP A 23 5.59 -0.31 9.31
CA ASP A 23 5.88 -0.23 10.72
C ASP A 23 6.64 1.04 11.07
N GLY A 24 5.99 1.94 11.81
CA GLY A 24 6.62 3.19 12.18
C GLY A 24 5.65 4.35 12.17
N TYR A 25 4.72 4.33 11.21
CA TYR A 25 3.73 5.39 11.08
C TYR A 25 2.56 5.17 12.05
N ALA A 26 1.77 6.22 12.24
CA ALA A 26 0.62 6.16 13.14
C ALA A 26 -0.64 5.73 12.39
N GLY A 27 -1.24 4.64 12.83
CA GLY A 27 -2.45 4.14 12.18
C GLY A 27 -2.15 3.33 10.94
N VAL A 28 -1.10 3.70 10.22
CA VAL A 28 -0.70 3.01 9.00
C VAL A 28 -0.64 1.51 9.23
N ASN A 29 -0.45 1.11 10.49
CA ASN A 29 -0.38 -0.31 10.84
C ASN A 29 -1.25 -1.15 9.92
N VAL A 30 -0.62 -1.75 8.92
CA VAL A 30 -1.34 -2.58 7.96
C VAL A 30 -1.84 -3.88 8.61
N THR A 31 -3.13 -4.12 8.51
CA THR A 31 -3.74 -5.32 9.09
C THR A 31 -4.30 -6.24 8.01
N ASP A 32 -4.91 -5.63 6.99
CA ASP A 32 -5.49 -6.39 5.90
C ASP A 32 -4.89 -5.98 4.56
N LEU A 33 -5.40 -6.53 3.48
CA LEU A 33 -4.92 -6.22 2.14
C LEU A 33 -6.06 -5.80 1.23
N THR A 34 -7.09 -5.20 1.82
CA THR A 34 -8.25 -4.75 1.06
C THR A 34 -8.65 -3.33 1.47
N MET A 35 -8.93 -3.15 2.76
CA MET A 35 -9.33 -1.85 3.29
C MET A 35 -8.11 -1.06 3.77
N SER A 36 -7.14 -1.78 4.34
CA SER A 36 -5.93 -1.15 4.84
C SER A 36 -5.40 -0.11 3.86
N TRP A 37 -5.58 -0.37 2.58
CA TRP A 37 -5.12 0.54 1.54
C TRP A 37 -6.24 1.48 1.11
N LYS A 38 -7.47 0.98 1.09
CA LYS A 38 -8.63 1.78 0.70
C LYS A 38 -8.45 3.23 1.14
N SER A 39 -7.89 3.42 2.33
CA SER A 39 -7.67 4.75 2.88
C SER A 39 -6.68 5.53 2.01
N GLY A 40 -5.46 5.01 1.89
CA GLY A 40 -4.44 5.67 1.09
C GLY A 40 -3.14 5.84 1.85
N LEU A 41 -3.23 6.22 3.12
CA LEU A 41 -2.05 6.41 3.95
C LEU A 41 -1.01 5.34 3.68
N ALA A 42 -1.40 4.09 3.87
CA ALA A 42 -0.50 2.96 3.64
C ALA A 42 0.30 3.16 2.35
N LEU A 43 -0.38 3.12 1.22
CA LEU A 43 0.27 3.29 -0.08
C LEU A 43 1.25 4.46 -0.04
N CYS A 44 0.83 5.56 0.58
CA CYS A 44 1.66 6.74 0.69
C CYS A 44 2.92 6.46 1.51
N ALA A 45 2.75 5.73 2.60
CA ALA A 45 3.86 5.38 3.48
C ALA A 45 4.88 4.51 2.76
N ILE A 46 4.39 3.73 1.79
CA ILE A 46 5.27 2.84 1.01
C ILE A 46 6.27 3.65 0.20
N ILE A 47 5.78 4.63 -0.55
CA ILE A 47 6.64 5.47 -1.37
C ILE A 47 7.53 6.37 -0.51
N HIS A 48 6.94 6.89 0.57
CA HIS A 48 7.68 7.76 1.48
C HIS A 48 8.79 6.99 2.19
N ARG A 49 8.43 5.90 2.83
CA ARG A 49 9.39 5.07 3.55
C ARG A 49 10.74 5.09 2.86
N TYR A 50 10.75 4.81 1.56
CA TYR A 50 11.98 4.80 0.79
C TYR A 50 12.32 6.18 0.26
N ARG A 51 11.34 6.82 -0.37
CA ARG A 51 11.52 8.16 -0.92
C ARG A 51 10.44 9.11 -0.42
N PRO A 52 10.74 9.86 0.63
CA PRO A 52 9.81 10.82 1.23
C PRO A 52 9.56 12.03 0.32
N ASP A 53 10.62 12.48 -0.35
CA ASP A 53 10.51 13.62 -1.25
C ASP A 53 9.35 13.44 -2.22
N LEU A 54 9.30 12.29 -2.89
CA LEU A 54 8.24 12.00 -3.84
C LEU A 54 6.88 12.31 -3.25
N ILE A 55 6.48 11.55 -2.24
CA ILE A 55 5.19 11.74 -1.59
C ILE A 55 5.38 12.23 -0.15
N ASP A 56 4.61 13.24 0.23
CA ASP A 56 4.68 13.80 1.57
C ASP A 56 3.54 13.28 2.45
N PHE A 57 3.88 12.39 3.37
CA PHE A 57 2.89 11.81 4.27
C PHE A 57 2.40 12.84 5.29
N ASP A 58 3.35 13.47 5.97
CA ASP A 58 3.04 14.47 6.97
C ASP A 58 2.00 15.47 6.45
N SER A 59 2.18 15.90 5.21
CA SER A 59 1.27 16.85 4.58
C SER A 59 -0.14 16.26 4.49
N LEU A 60 -0.22 15.00 4.07
CA LEU A 60 -1.50 14.32 3.93
C LEU A 60 -2.22 14.24 5.26
N ASP A 61 -3.53 14.04 5.21
CA ASP A 61 -4.34 13.93 6.43
C ASP A 61 -5.21 12.68 6.39
N GLU A 62 -5.11 11.86 7.44
CA GLU A 62 -5.89 10.63 7.53
C GLU A 62 -7.32 10.86 7.03
N GLN A 63 -7.93 11.95 7.47
CA GLN A 63 -9.29 12.28 7.06
C GLN A 63 -9.46 12.15 5.56
N ASN A 64 -8.48 12.67 4.80
CA ASN A 64 -8.53 12.62 3.35
C ASN A 64 -8.24 11.21 2.85
N VAL A 65 -9.26 10.57 2.29
CA VAL A 65 -9.12 9.21 1.76
C VAL A 65 -8.78 9.23 0.28
N GLU A 66 -9.72 9.71 -0.53
CA GLU A 66 -9.53 9.78 -1.97
C GLU A 66 -8.19 10.43 -2.31
N LYS A 67 -7.99 11.64 -1.79
CA LYS A 67 -6.75 12.38 -2.02
C LYS A 67 -5.54 11.47 -1.88
N ASN A 68 -5.30 10.99 -0.67
CA ASN A 68 -4.17 10.10 -0.41
C ASN A 68 -3.96 9.13 -1.56
N ASN A 69 -5.06 8.58 -2.07
CA ASN A 69 -4.99 7.63 -3.18
C ASN A 69 -4.64 8.34 -4.48
N GLN A 70 -5.52 9.23 -4.92
CA GLN A 70 -5.30 9.97 -6.16
C GLN A 70 -3.84 10.38 -6.29
N LEU A 71 -3.27 10.90 -5.21
CA LEU A 71 -1.87 11.33 -5.22
C LEU A 71 -0.95 10.17 -5.56
N ALA A 72 -0.83 9.21 -4.65
CA ALA A 72 0.02 8.05 -4.86
C ALA A 72 -0.16 7.49 -6.27
N PHE A 73 -1.39 7.12 -6.60
CA PHE A 73 -1.68 6.57 -7.92
C PHE A 73 -0.98 7.36 -9.01
N ASP A 74 -0.86 8.67 -8.80
CA ASP A 74 -0.21 9.55 -9.77
C ASP A 74 1.30 9.55 -9.57
N ILE A 75 1.73 9.98 -8.39
CA ILE A 75 3.16 10.04 -8.07
C ILE A 75 3.86 8.73 -8.45
N ALA A 76 3.32 7.62 -7.98
CA ALA A 76 3.90 6.31 -8.28
C ALA A 76 4.17 6.17 -9.77
N GLU A 77 3.11 6.12 -10.56
CA GLU A 77 3.24 5.98 -12.01
C GLU A 77 4.17 7.04 -12.58
N LYS A 78 4.08 8.25 -12.04
CA LYS A 78 4.91 9.36 -12.49
C LYS A 78 6.39 9.00 -12.41
N GLU A 79 6.84 8.59 -11.22
CA GLU A 79 8.23 8.21 -11.02
C GLU A 79 8.39 6.69 -11.06
N LEU A 80 7.87 6.02 -10.04
CA LEU A 80 7.95 4.57 -9.95
C LEU A 80 7.61 3.93 -11.29
N GLY A 81 6.60 4.46 -11.96
CA GLY A 81 6.20 3.93 -13.25
C GLY A 81 5.17 2.82 -13.12
N ILE A 82 4.41 2.84 -12.04
CA ILE A 82 3.39 1.82 -11.80
C ILE A 82 1.99 2.38 -12.03
N SER A 83 1.44 2.09 -13.20
CA SER A 83 0.10 2.56 -13.55
C SER A 83 -0.92 2.14 -12.49
N PRO A 84 -1.76 3.10 -12.07
CA PRO A 84 -2.79 2.85 -11.06
C PRO A 84 -3.92 1.96 -11.59
N ILE A 85 -4.44 1.09 -10.72
CA ILE A 85 -5.52 0.19 -11.10
C ILE A 85 -6.88 0.87 -10.97
N MET A 86 -7.02 1.70 -9.94
CA MET A 86 -8.28 2.41 -9.70
C MET A 86 -8.00 3.87 -9.35
N THR A 87 -9.06 4.68 -9.39
CA THR A 87 -8.93 6.10 -9.07
C THR A 87 -9.30 6.37 -7.61
N GLY A 88 -8.65 7.37 -7.02
CA GLY A 88 -8.92 7.71 -5.63
C GLY A 88 -10.41 7.70 -5.32
N LYS A 89 -11.19 8.36 -6.16
CA LYS A 89 -12.63 8.43 -5.96
C LYS A 89 -13.25 7.03 -5.98
N GLU A 90 -12.87 6.23 -6.97
CA GLU A 90 -13.39 4.88 -7.10
C GLU A 90 -13.00 4.03 -5.89
N MET A 91 -11.78 4.24 -5.40
CA MET A 91 -11.28 3.50 -4.24
C MET A 91 -12.13 3.78 -3.01
N ALA A 92 -12.48 5.05 -2.81
CA ALA A 92 -13.28 5.46 -1.67
C ALA A 92 -14.76 5.12 -1.89
N SER A 93 -15.21 5.25 -3.13
CA SER A 93 -16.60 4.96 -3.47
C SER A 93 -16.89 3.47 -3.34
N VAL A 94 -16.01 2.65 -3.89
CA VAL A 94 -16.16 1.20 -3.84
C VAL A 94 -16.26 0.71 -2.40
N GLY A 95 -17.13 -0.27 -2.16
CA GLY A 95 -17.29 -0.81 -0.83
C GLY A 95 -16.11 -1.65 -0.39
N GLU A 96 -15.61 -2.49 -1.30
CA GLU A 96 -14.47 -3.35 -1.00
C GLU A 96 -13.80 -3.81 -2.28
N PRO A 97 -12.46 -3.65 -2.33
CA PRO A 97 -11.65 -4.03 -3.49
C PRO A 97 -11.57 -5.55 -3.66
N ASP A 98 -10.80 -5.99 -4.65
CA ASP A 98 -10.64 -7.41 -4.92
C ASP A 98 -9.27 -7.90 -4.43
N LYS A 99 -9.28 -8.87 -3.52
CA LYS A 99 -8.05 -9.42 -2.98
C LYS A 99 -6.98 -9.54 -4.07
N LEU A 100 -7.34 -10.19 -5.17
CA LEU A 100 -6.41 -10.37 -6.28
C LEU A 100 -5.89 -9.02 -6.78
N SER A 101 -6.78 -8.22 -7.32
CA SER A 101 -6.41 -6.90 -7.84
C SER A 101 -5.47 -6.18 -6.87
N MET A 102 -5.89 -6.12 -5.61
CA MET A 102 -5.08 -5.46 -4.58
C MET A 102 -3.68 -6.06 -4.52
N VAL A 103 -3.61 -7.36 -4.28
CA VAL A 103 -2.33 -8.04 -4.20
C VAL A 103 -1.50 -7.81 -5.45
N MET A 104 -2.02 -8.25 -6.59
CA MET A 104 -1.33 -8.08 -7.87
C MET A 104 -0.74 -6.68 -7.99
N TYR A 105 -1.57 -5.67 -7.75
CA TYR A 105 -1.13 -4.29 -7.84
C TYR A 105 0.04 -4.02 -6.89
N LEU A 106 -0.23 -4.11 -5.59
CA LEU A 106 0.80 -3.88 -4.59
C LEU A 106 2.09 -4.61 -4.96
N THR A 107 1.98 -5.89 -5.26
CA THR A 107 3.13 -6.70 -5.63
C THR A 107 4.18 -5.86 -6.35
N GLN A 108 3.74 -5.03 -7.28
CA GLN A 108 4.63 -4.17 -8.03
C GLN A 108 5.58 -3.42 -7.12
N PHE A 109 5.01 -2.68 -6.16
CA PHE A 109 5.80 -1.91 -5.20
C PHE A 109 6.81 -2.81 -4.50
N TYR A 110 6.32 -3.86 -3.85
CA TYR A 110 7.18 -4.79 -3.13
C TYR A 110 8.31 -5.28 -4.03
N GLU A 111 7.96 -5.94 -5.11
CA GLU A 111 8.95 -6.46 -6.05
C GLU A 111 9.94 -5.38 -6.46
N MET A 112 9.47 -4.14 -6.46
CA MET A 112 10.32 -3.01 -6.83
C MET A 112 11.29 -2.66 -5.72
N PHE A 113 10.79 -2.61 -4.48
CA PHE A 113 11.62 -2.29 -3.33
C PHE A 113 11.83 -3.52 -2.45
N LYS A 114 11.98 -4.67 -3.10
CA LYS A 114 12.21 -5.93 -2.40
C LYS A 114 13.67 -6.09 -2.02
N ASP A 115 14.55 -5.81 -2.97
CA ASP A 115 15.99 -5.91 -2.74
C ASP A 115 16.48 -4.79 -1.83
N SER A 116 16.06 -3.57 -2.12
CA SER A 116 16.46 -2.41 -1.32
C SER A 116 16.61 -2.78 0.15
N GLY A 117 15.70 -3.62 0.64
CA GLY A 117 15.75 -4.05 2.03
C GLY A 117 16.29 -5.45 2.18
N PRO A 118 17.09 -5.67 3.24
CA PRO A 118 17.69 -6.97 3.53
C PRO A 118 16.66 -8.00 3.97
N SER A 119 15.39 -7.59 4.00
CA SER A 119 14.31 -8.48 4.41
C SER A 119 14.09 -9.57 3.37
N SER A 120 14.69 -10.73 3.61
CA SER A 120 14.55 -11.86 2.69
C SER A 120 13.62 -12.92 3.27
N GLY A 121 12.32 -12.75 3.04
CA GLY A 121 11.35 -13.69 3.54
C GLY A 121 11.52 -13.98 5.02
N GLY A 1 7.97 -29.53 11.89
CA GLY A 1 7.65 -30.41 10.80
C GLY A 1 7.10 -29.67 9.59
N SER A 2 7.83 -28.64 9.15
CA SER A 2 7.41 -27.84 8.01
C SER A 2 8.29 -28.13 6.80
N SER A 3 7.72 -28.83 5.82
CA SER A 3 8.46 -29.17 4.61
C SER A 3 7.70 -28.71 3.37
N GLY A 4 8.11 -27.57 2.82
CA GLY A 4 7.46 -27.03 1.64
C GLY A 4 7.20 -25.55 1.74
N SER A 5 6.41 -25.02 0.81
CA SER A 5 6.09 -23.60 0.79
C SER A 5 4.59 -23.38 0.87
N SER A 6 3.94 -24.15 1.73
CA SER A 6 2.48 -24.05 1.92
C SER A 6 2.10 -24.34 3.36
N GLY A 7 0.94 -23.83 3.76
CA GLY A 7 0.47 -24.05 5.12
C GLY A 7 -0.78 -23.25 5.43
N VAL A 8 -0.97 -22.93 6.71
CA VAL A 8 -2.13 -22.17 7.15
C VAL A 8 -2.12 -20.76 6.55
N ALA A 9 -3.31 -20.20 6.34
CA ALA A 9 -3.44 -18.86 5.78
C ALA A 9 -2.63 -17.85 6.58
N ARG A 10 -1.41 -17.57 6.12
CA ARG A 10 -0.55 -16.62 6.80
C ARG A 10 -0.33 -15.38 5.95
N SER A 11 -0.10 -14.25 6.61
CA SER A 11 0.11 -12.99 5.91
C SER A 11 0.87 -13.21 4.60
N SER A 12 0.15 -13.07 3.49
CA SER A 12 0.75 -13.27 2.17
C SER A 12 2.14 -12.65 2.11
N LYS A 13 3.08 -13.35 1.50
CA LYS A 13 4.44 -12.87 1.36
C LYS A 13 4.47 -11.36 1.19
N LEU A 14 3.52 -10.84 0.41
CA LEU A 14 3.44 -9.41 0.16
C LEU A 14 3.07 -8.65 1.44
N LEU A 15 1.94 -9.02 2.03
CA LEU A 15 1.48 -8.38 3.26
C LEU A 15 2.64 -8.20 4.24
N GLY A 16 3.20 -9.32 4.70
CA GLY A 16 4.31 -9.27 5.64
C GLY A 16 5.23 -8.10 5.37
N TRP A 17 5.81 -8.07 4.18
CA TRP A 17 6.73 -7.01 3.80
C TRP A 17 6.16 -5.64 4.17
N CYS A 18 4.98 -5.33 3.66
CA CYS A 18 4.33 -4.06 3.94
C CYS A 18 4.15 -3.86 5.45
N GLN A 19 3.79 -4.93 6.14
CA GLN A 19 3.59 -4.88 7.58
C GLN A 19 4.85 -4.40 8.29
N ARG A 20 6.00 -4.91 7.85
CA ARG A 20 7.28 -4.53 8.45
C ARG A 20 7.71 -3.14 7.98
N GLN A 21 7.59 -2.91 6.68
CA GLN A 21 7.97 -1.61 6.10
C GLN A 21 7.11 -0.49 6.67
N THR A 22 5.79 -0.59 6.45
CA THR A 22 4.87 0.43 6.94
C THR A 22 5.04 0.65 8.43
N ASP A 23 5.32 -0.41 9.17
CA ASP A 23 5.51 -0.33 10.60
C ASP A 23 6.31 0.92 10.97
N GLY A 24 5.84 1.65 11.97
CA GLY A 24 6.53 2.85 12.41
C GLY A 24 5.70 4.10 12.20
N TYR A 25 4.95 4.14 11.10
CA TYR A 25 4.11 5.28 10.79
C TYR A 25 3.10 5.55 11.91
N ALA A 26 2.21 6.51 11.68
CA ALA A 26 1.19 6.85 12.67
C ALA A 26 -0.19 6.42 12.20
N GLY A 27 -0.85 5.58 13.00
CA GLY A 27 -2.17 5.11 12.65
C GLY A 27 -2.18 4.36 11.33
N VAL A 28 -1.11 3.63 11.05
CA VAL A 28 -1.01 2.86 9.82
C VAL A 28 -0.81 1.39 10.10
N ASN A 29 -1.84 0.76 10.65
CA ASN A 29 -1.78 -0.67 10.98
C ASN A 29 -2.30 -1.51 9.82
N VAL A 30 -1.38 -2.02 9.00
CA VAL A 30 -1.74 -2.84 7.86
C VAL A 30 -2.03 -4.27 8.28
N THR A 31 -3.32 -4.56 8.48
CA THR A 31 -3.74 -5.90 8.89
C THR A 31 -4.35 -6.67 7.73
N ASP A 32 -4.98 -5.94 6.81
CA ASP A 32 -5.61 -6.55 5.64
C ASP A 32 -4.91 -6.12 4.36
N LEU A 33 -5.46 -6.53 3.22
CA LEU A 33 -4.90 -6.19 1.93
C LEU A 33 -5.95 -5.60 1.00
N THR A 34 -7.07 -5.17 1.58
CA THR A 34 -8.16 -4.59 0.82
C THR A 34 -8.62 -3.26 1.44
N MET A 35 -9.04 -3.33 2.69
CA MET A 35 -9.51 -2.14 3.40
C MET A 35 -8.35 -1.42 4.07
N SER A 36 -7.31 -2.16 4.41
CA SER A 36 -6.13 -1.59 5.06
C SER A 36 -5.54 -0.47 4.22
N TRP A 37 -5.68 -0.59 2.90
CA TRP A 37 -5.16 0.41 1.98
C TRP A 37 -6.24 1.42 1.60
N LYS A 38 -7.50 0.97 1.60
CA LYS A 38 -8.62 1.83 1.26
C LYS A 38 -8.40 3.25 1.77
N SER A 39 -7.89 3.36 3.00
CA SER A 39 -7.64 4.66 3.61
C SER A 39 -6.66 5.47 2.76
N GLY A 40 -5.60 4.82 2.30
CA GLY A 40 -4.61 5.50 1.49
C GLY A 40 -3.28 5.67 2.20
N LEU A 41 -3.34 6.06 3.46
CA LEU A 41 -2.14 6.26 4.26
C LEU A 41 -1.09 5.19 3.94
N ALA A 42 -1.40 3.95 4.27
CA ALA A 42 -0.48 2.84 4.02
C ALA A 42 0.24 3.03 2.69
N LEU A 43 -0.52 3.07 1.61
CA LEU A 43 0.06 3.24 0.27
C LEU A 43 1.05 4.41 0.25
N CYS A 44 0.69 5.50 0.91
CA CYS A 44 1.54 6.68 0.98
C CYS A 44 2.79 6.39 1.81
N ALA A 45 2.63 5.62 2.87
CA ALA A 45 3.74 5.27 3.74
C ALA A 45 4.77 4.41 3.01
N ILE A 46 4.29 3.63 2.03
CA ILE A 46 5.17 2.76 1.27
C ILE A 46 6.14 3.58 0.42
N ILE A 47 5.60 4.36 -0.50
CA ILE A 47 6.42 5.19 -1.37
C ILE A 47 7.33 6.11 -0.57
N HIS A 48 6.75 6.78 0.43
CA HIS A 48 7.51 7.70 1.28
C HIS A 48 8.61 6.95 2.02
N ARG A 49 8.25 5.81 2.62
CA ARG A 49 9.21 5.02 3.36
C ARG A 49 10.60 5.09 2.73
N TYR A 50 10.67 4.76 1.44
CA TYR A 50 11.94 4.79 0.71
C TYR A 50 12.17 6.16 0.10
N ARG A 51 11.17 6.67 -0.60
CA ARG A 51 11.27 7.97 -1.24
C ARG A 51 10.20 8.93 -0.73
N PRO A 52 10.56 9.75 0.26
CA PRO A 52 9.63 10.72 0.86
C PRO A 52 9.29 11.86 -0.09
N ASP A 53 10.28 12.30 -0.87
CA ASP A 53 10.07 13.39 -1.82
C ASP A 53 8.86 13.10 -2.71
N LEU A 54 8.91 11.99 -3.44
CA LEU A 54 7.81 11.61 -4.32
C LEU A 54 6.46 11.94 -3.69
N ILE A 55 6.15 11.25 -2.59
CA ILE A 55 4.89 11.46 -1.89
C ILE A 55 5.12 12.06 -0.51
N ASP A 56 4.43 13.16 -0.21
CA ASP A 56 4.56 13.82 1.08
C ASP A 56 3.48 13.35 2.05
N PHE A 57 3.87 12.52 3.01
CA PHE A 57 2.94 11.99 3.99
C PHE A 57 2.59 13.05 5.04
N ASP A 58 3.60 13.78 5.48
CA ASP A 58 3.40 14.83 6.48
C ASP A 58 2.24 15.73 6.10
N SER A 59 2.22 16.16 4.85
CA SER A 59 1.15 17.04 4.34
C SER A 59 -0.19 16.31 4.36
N LEU A 60 -0.20 15.08 3.84
CA LEU A 60 -1.41 14.28 3.78
C LEU A 60 -2.06 14.16 5.17
N ASP A 61 -3.38 14.07 5.19
CA ASP A 61 -4.11 13.95 6.45
C ASP A 61 -4.89 12.65 6.50
N GLU A 62 -4.75 11.92 7.61
CA GLU A 62 -5.45 10.64 7.77
C GLU A 62 -6.90 10.76 7.34
N GLN A 63 -7.53 11.88 7.67
CA GLN A 63 -8.92 12.10 7.32
C GLN A 63 -9.13 11.97 5.82
N ASN A 64 -8.25 12.60 5.05
CA ASN A 64 -8.33 12.55 3.59
C ASN A 64 -8.08 11.14 3.08
N VAL A 65 -9.10 10.55 2.45
CA VAL A 65 -8.99 9.20 1.91
C VAL A 65 -8.78 9.23 0.41
N GLU A 66 -9.77 9.77 -0.31
CA GLU A 66 -9.69 9.86 -1.77
C GLU A 66 -8.40 10.53 -2.21
N LYS A 67 -8.02 11.59 -1.50
CA LYS A 67 -6.80 12.32 -1.81
C LYS A 67 -5.57 11.42 -1.72
N ASN A 68 -5.29 10.96 -0.50
CA ASN A 68 -4.14 10.09 -0.27
C ASN A 68 -3.98 9.09 -1.42
N ASN A 69 -5.10 8.57 -1.90
CA ASN A 69 -5.09 7.60 -2.99
C ASN A 69 -4.78 8.29 -4.32
N GLN A 70 -5.68 9.17 -4.74
CA GLN A 70 -5.51 9.90 -5.99
C GLN A 70 -4.06 10.34 -6.18
N LEU A 71 -3.46 10.83 -5.09
CA LEU A 71 -2.08 11.29 -5.13
C LEU A 71 -1.13 10.14 -5.41
N ALA A 72 -1.02 9.22 -4.45
CA ALA A 72 -0.15 8.06 -4.60
C ALA A 72 -0.31 7.42 -5.98
N PHE A 73 -1.55 7.05 -6.30
CA PHE A 73 -1.84 6.42 -7.59
C PHE A 73 -1.16 7.18 -8.73
N ASP A 74 -1.15 8.50 -8.64
CA ASP A 74 -0.53 9.34 -9.66
C ASP A 74 0.98 9.38 -9.48
N ILE A 75 1.42 9.95 -8.36
CA ILE A 75 2.84 10.05 -8.07
C ILE A 75 3.57 8.75 -8.39
N ALA A 76 3.09 7.66 -7.83
CA ALA A 76 3.69 6.35 -8.06
C ALA A 76 4.04 6.16 -9.53
N GLU A 77 3.02 6.07 -10.37
CA GLU A 77 3.22 5.89 -11.80
C GLU A 77 4.10 7.01 -12.38
N LYS A 78 3.88 8.23 -11.88
CA LYS A 78 4.65 9.38 -12.34
C LYS A 78 6.15 9.13 -12.22
N GLU A 79 6.57 8.67 -11.03
CA GLU A 79 7.98 8.40 -10.78
C GLU A 79 8.24 6.89 -10.78
N LEU A 80 7.65 6.20 -9.81
CA LEU A 80 7.83 4.75 -9.69
C LEU A 80 7.52 4.06 -11.02
N GLY A 81 6.45 4.50 -11.68
CA GLY A 81 6.07 3.91 -12.95
C GLY A 81 4.89 2.98 -12.83
N ILE A 82 4.63 2.51 -11.60
CA ILE A 82 3.52 1.59 -11.35
C ILE A 82 2.18 2.25 -11.67
N SER A 83 1.60 1.88 -12.81
CA SER A 83 0.32 2.44 -13.23
C SER A 83 -0.79 2.05 -12.25
N PRO A 84 -1.58 3.04 -11.82
CA PRO A 84 -2.69 2.82 -10.89
C PRO A 84 -3.84 2.03 -11.51
N ILE A 85 -4.24 0.96 -10.85
CA ILE A 85 -5.34 0.13 -11.35
C ILE A 85 -6.64 0.91 -11.40
N MET A 86 -6.81 1.84 -10.46
CA MET A 86 -8.01 2.66 -10.39
C MET A 86 -7.69 4.05 -9.89
N THR A 87 -8.67 4.95 -9.98
CA THR A 87 -8.49 6.33 -9.53
C THR A 87 -8.94 6.50 -8.08
N GLY A 88 -8.25 7.35 -7.34
CA GLY A 88 -8.60 7.58 -5.94
C GLY A 88 -10.09 7.60 -5.73
N LYS A 89 -10.82 8.28 -6.61
CA LYS A 89 -12.28 8.37 -6.50
C LYS A 89 -12.91 6.98 -6.48
N GLU A 90 -12.55 6.15 -7.45
CA GLU A 90 -13.09 4.80 -7.53
C GLU A 90 -12.77 4.01 -6.27
N MET A 91 -11.58 4.24 -5.71
CA MET A 91 -11.16 3.55 -4.49
C MET A 91 -12.00 4.00 -3.30
N ALA A 92 -12.39 5.26 -3.30
CA ALA A 92 -13.21 5.80 -2.20
C ALA A 92 -14.66 5.40 -2.36
N SER A 93 -15.16 5.41 -3.60
CA SER A 93 -16.54 5.05 -3.88
C SER A 93 -16.77 3.56 -3.64
N VAL A 94 -15.94 2.73 -4.28
CA VAL A 94 -16.05 1.28 -4.14
C VAL A 94 -16.10 0.88 -2.67
N GLY A 95 -17.01 -0.03 -2.34
CA GLY A 95 -17.15 -0.49 -0.97
C GLY A 95 -15.94 -1.27 -0.50
N GLU A 96 -15.35 -2.05 -1.41
CA GLU A 96 -14.18 -2.86 -1.09
C GLU A 96 -13.52 -3.39 -2.36
N PRO A 97 -12.20 -3.25 -2.45
CA PRO A 97 -11.42 -3.71 -3.60
C PRO A 97 -11.36 -5.24 -3.69
N ASP A 98 -10.70 -5.74 -4.71
CA ASP A 98 -10.57 -7.18 -4.91
C ASP A 98 -9.18 -7.66 -4.46
N LYS A 99 -9.17 -8.53 -3.45
CA LYS A 99 -7.92 -9.07 -2.93
C LYS A 99 -6.89 -9.25 -4.05
N LEU A 100 -7.30 -9.95 -5.10
CA LEU A 100 -6.42 -10.19 -6.24
C LEU A 100 -5.82 -8.89 -6.76
N SER A 101 -6.68 -8.01 -7.26
CA SER A 101 -6.24 -6.72 -7.79
C SER A 101 -5.27 -6.04 -6.83
N MET A 102 -5.71 -5.88 -5.58
CA MET A 102 -4.88 -5.24 -4.56
C MET A 102 -3.51 -5.90 -4.48
N VAL A 103 -3.50 -7.21 -4.28
CA VAL A 103 -2.25 -7.97 -4.18
C VAL A 103 -1.40 -7.77 -5.43
N MET A 104 -1.93 -8.22 -6.57
CA MET A 104 -1.22 -8.09 -7.84
C MET A 104 -0.62 -6.70 -8.00
N TYR A 105 -1.45 -5.68 -7.83
CA TYR A 105 -0.99 -4.30 -7.95
C TYR A 105 0.11 -4.00 -6.94
N LEU A 106 -0.23 -4.08 -5.66
CA LEU A 106 0.73 -3.82 -4.59
C LEU A 106 2.08 -4.48 -4.89
N THR A 107 2.03 -5.74 -5.33
CA THR A 107 3.24 -6.49 -5.65
C THR A 107 4.26 -5.60 -6.35
N GLN A 108 3.80 -4.86 -7.37
CA GLN A 108 4.67 -3.97 -8.12
C GLN A 108 5.57 -3.17 -7.19
N PHE A 109 4.98 -2.66 -6.11
CA PHE A 109 5.72 -1.86 -5.13
C PHE A 109 6.74 -2.73 -4.39
N TYR A 110 6.28 -3.86 -3.87
CA TYR A 110 7.14 -4.77 -3.13
C TYR A 110 8.35 -5.18 -3.97
N GLU A 111 8.07 -5.84 -5.10
CA GLU A 111 9.14 -6.29 -6.00
C GLU A 111 10.11 -5.16 -6.28
N MET A 112 9.62 -3.93 -6.24
CA MET A 112 10.45 -2.75 -6.49
C MET A 112 11.48 -2.57 -5.39
N PHE A 113 11.03 -2.63 -4.15
CA PHE A 113 11.92 -2.46 -3.00
C PHE A 113 11.99 -3.74 -2.18
N LYS A 114 11.96 -4.89 -2.87
CA LYS A 114 12.02 -6.18 -2.21
C LYS A 114 13.46 -6.55 -1.86
N ASP A 115 14.37 -6.27 -2.79
CA ASP A 115 15.78 -6.57 -2.59
C ASP A 115 16.37 -5.72 -1.45
N SER A 116 16.00 -4.44 -1.43
CA SER A 116 16.48 -3.52 -0.42
C SER A 116 16.65 -4.23 0.93
N GLY A 117 15.65 -5.05 1.29
CA GLY A 117 15.71 -5.78 2.53
C GLY A 117 16.95 -6.66 2.64
N PRO A 118 17.47 -6.80 3.86
CA PRO A 118 18.66 -7.63 4.12
C PRO A 118 18.38 -9.12 3.95
N SER A 119 17.16 -9.45 3.55
CA SER A 119 16.77 -10.84 3.37
C SER A 119 16.30 -11.08 1.94
N SER A 120 17.13 -11.77 1.16
CA SER A 120 16.81 -12.07 -0.23
C SER A 120 16.28 -13.49 -0.38
N GLY A 121 15.25 -13.67 -1.21
CA GLY A 121 14.68 -14.97 -1.42
C GLY A 121 13.85 -15.05 -2.68
N GLY A 1 -4.00 -28.31 17.70
CA GLY A 1 -3.92 -27.23 16.72
C GLY A 1 -5.29 -26.84 16.18
N SER A 2 -5.49 -25.54 15.99
CA SER A 2 -6.75 -25.03 15.49
C SER A 2 -6.55 -24.23 14.20
N SER A 3 -7.29 -24.57 13.16
CA SER A 3 -7.19 -23.89 11.88
C SER A 3 -8.39 -22.98 11.65
N GLY A 4 -8.13 -21.72 11.30
CA GLY A 4 -9.20 -20.78 11.06
C GLY A 4 -9.47 -19.90 12.26
N SER A 5 -8.56 -18.97 12.54
CA SER A 5 -8.72 -18.06 13.67
C SER A 5 -9.31 -16.73 13.22
N SER A 6 -10.28 -16.24 14.00
CA SER A 6 -10.94 -14.98 13.69
C SER A 6 -11.35 -14.93 12.21
N GLY A 7 -11.85 -16.05 11.71
CA GLY A 7 -12.27 -16.11 10.32
C GLY A 7 -11.19 -16.69 9.43
N VAL A 8 -11.10 -16.17 8.20
CA VAL A 8 -10.11 -16.64 7.24
C VAL A 8 -8.96 -15.65 7.11
N ALA A 9 -8.51 -15.13 8.24
CA ALA A 9 -7.41 -14.17 8.26
C ALA A 9 -6.06 -14.88 8.16
N ARG A 10 -5.39 -14.72 7.03
CA ARG A 10 -4.10 -15.35 6.81
C ARG A 10 -3.07 -14.31 6.36
N SER A 11 -1.79 -14.67 6.50
CA SER A 11 -0.70 -13.78 6.10
C SER A 11 -0.22 -14.10 4.70
N SER A 12 -0.14 -13.08 3.85
CA SER A 12 0.31 -13.25 2.48
C SER A 12 1.75 -12.80 2.31
N LYS A 13 2.54 -13.58 1.58
CA LYS A 13 3.93 -13.26 1.35
C LYS A 13 4.13 -11.75 1.18
N LEU A 14 3.33 -11.15 0.31
CA LEU A 14 3.42 -9.72 0.07
C LEU A 14 3.09 -8.93 1.32
N LEU A 15 1.96 -9.25 1.93
CA LEU A 15 1.53 -8.57 3.16
C LEU A 15 2.70 -8.36 4.11
N GLY A 16 3.29 -9.46 4.57
CA GLY A 16 4.42 -9.38 5.47
C GLY A 16 5.31 -8.19 5.18
N TRP A 17 5.80 -8.11 3.95
CA TRP A 17 6.67 -7.01 3.54
C TRP A 17 6.12 -5.67 4.00
N CYS A 18 4.88 -5.39 3.62
CA CYS A 18 4.22 -4.14 4.01
C CYS A 18 4.16 -4.00 5.52
N GLN A 19 3.72 -5.05 6.18
CA GLN A 19 3.62 -5.04 7.64
C GLN A 19 4.96 -4.73 8.28
N ARG A 20 6.03 -4.95 7.53
CA ARG A 20 7.38 -4.69 8.04
C ARG A 20 7.84 -3.29 7.66
N GLN A 21 7.60 -2.91 6.41
CA GLN A 21 8.00 -1.59 5.92
C GLN A 21 7.12 -0.51 6.53
N THR A 22 5.81 -0.66 6.37
CA THR A 22 4.85 0.31 6.90
C THR A 22 4.96 0.42 8.42
N ASP A 23 5.68 -0.52 9.02
CA ASP A 23 5.85 -0.53 10.47
C ASP A 23 6.53 0.75 10.94
N GLY A 24 5.87 1.47 11.85
CA GLY A 24 6.41 2.71 12.35
C GLY A 24 5.46 3.87 12.20
N TYR A 25 4.72 3.89 11.10
CA TYR A 25 3.77 4.96 10.83
C TYR A 25 2.63 4.94 11.86
N ALA A 26 1.84 6.01 11.88
CA ALA A 26 0.72 6.11 12.80
C ALA A 26 -0.61 6.02 12.06
N GLY A 27 -1.51 5.20 12.59
CA GLY A 27 -2.81 5.04 11.96
C GLY A 27 -2.82 3.94 10.91
N VAL A 28 -1.68 3.75 10.25
CA VAL A 28 -1.56 2.74 9.21
C VAL A 28 -1.81 1.34 9.78
N ASN A 29 -0.90 0.87 10.61
CA ASN A 29 -1.03 -0.44 11.22
C ASN A 29 -1.66 -1.43 10.25
N VAL A 30 -1.11 -1.52 9.05
CA VAL A 30 -1.62 -2.42 8.03
C VAL A 30 -2.02 -3.76 8.64
N THR A 31 -3.32 -4.07 8.60
CA THR A 31 -3.82 -5.32 9.14
C THR A 31 -4.59 -6.11 8.09
N ASP A 32 -4.58 -5.61 6.86
CA ASP A 32 -5.28 -6.26 5.75
C ASP A 32 -4.77 -5.76 4.41
N LEU A 33 -5.32 -6.30 3.33
CA LEU A 33 -4.92 -5.91 1.99
C LEU A 33 -6.10 -5.30 1.23
N THR A 34 -7.08 -4.81 1.97
CA THR A 34 -8.27 -4.20 1.37
C THR A 34 -8.53 -2.82 1.95
N MET A 35 -9.05 -2.79 3.19
CA MET A 35 -9.35 -1.54 3.86
C MET A 35 -8.07 -0.84 4.32
N SER A 36 -7.15 -1.63 4.87
CA SER A 36 -5.89 -1.10 5.36
C SER A 36 -5.29 -0.11 4.36
N TRP A 37 -5.57 -0.33 3.08
CA TRP A 37 -5.07 0.53 2.02
C TRP A 37 -6.12 1.55 1.60
N LYS A 38 -7.39 1.15 1.64
CA LYS A 38 -8.49 2.03 1.27
C LYS A 38 -8.19 3.46 1.67
N SER A 39 -7.88 3.66 2.95
CA SER A 39 -7.58 5.00 3.47
C SER A 39 -6.57 5.71 2.58
N GLY A 40 -5.50 5.02 2.23
CA GLY A 40 -4.47 5.60 1.38
C GLY A 40 -3.15 5.77 2.10
N LEU A 41 -3.22 6.11 3.39
CA LEU A 41 -2.02 6.31 4.19
C LEU A 41 -1.02 5.17 3.95
N ALA A 42 -1.52 3.94 3.97
CA ALA A 42 -0.68 2.77 3.76
C ALA A 42 0.20 2.93 2.51
N LEU A 43 -0.44 2.99 1.35
CA LEU A 43 0.27 3.15 0.09
C LEU A 43 1.24 4.32 0.15
N CYS A 44 0.75 5.46 0.65
CA CYS A 44 1.57 6.65 0.76
C CYS A 44 2.79 6.39 1.63
N ALA A 45 2.62 5.61 2.69
CA ALA A 45 3.70 5.28 3.59
C ALA A 45 4.74 4.40 2.91
N ILE A 46 4.34 3.79 1.80
CA ILE A 46 5.24 2.91 1.05
C ILE A 46 6.18 3.72 0.16
N ILE A 47 5.65 4.78 -0.45
CA ILE A 47 6.45 5.63 -1.32
C ILE A 47 7.38 6.52 -0.50
N HIS A 48 6.86 7.06 0.60
CA HIS A 48 7.64 7.93 1.47
C HIS A 48 8.71 7.14 2.23
N ARG A 49 8.30 5.99 2.78
CA ARG A 49 9.22 5.14 3.53
C ARG A 49 10.59 5.13 2.89
N TYR A 50 10.63 4.96 1.57
CA TYR A 50 11.89 4.91 0.83
C TYR A 50 12.24 6.30 0.28
N ARG A 51 11.28 6.91 -0.40
CA ARG A 51 11.49 8.24 -0.99
C ARG A 51 10.44 9.22 -0.48
N PRO A 52 10.79 9.96 0.58
CA PRO A 52 9.89 10.96 1.18
C PRO A 52 9.67 12.17 0.28
N ASP A 53 10.56 12.35 -0.68
CA ASP A 53 10.46 13.46 -1.62
C ASP A 53 9.25 13.29 -2.55
N LEU A 54 9.17 12.12 -3.18
CA LEU A 54 8.06 11.83 -4.09
C LEU A 54 6.73 12.20 -3.46
N ILE A 55 6.41 11.55 -2.34
CA ILE A 55 5.16 11.81 -1.64
C ILE A 55 5.41 12.40 -0.25
N ASP A 56 4.46 13.19 0.23
CA ASP A 56 4.59 13.82 1.54
C ASP A 56 3.48 13.33 2.47
N PHE A 57 3.86 12.49 3.44
CA PHE A 57 2.90 11.95 4.39
C PHE A 57 2.50 13.01 5.42
N ASP A 58 3.51 13.67 6.00
CA ASP A 58 3.26 14.70 6.99
C ASP A 58 2.14 15.63 6.56
N SER A 59 2.11 15.96 5.27
CA SER A 59 1.08 16.83 4.73
C SER A 59 -0.26 16.12 4.65
N LEU A 60 -0.24 14.89 4.13
CA LEU A 60 -1.45 14.10 3.99
C LEU A 60 -2.16 13.94 5.34
N ASP A 61 -3.43 13.55 5.30
CA ASP A 61 -4.21 13.35 6.51
C ASP A 61 -4.98 12.05 6.46
N GLU A 62 -5.31 11.51 7.62
CA GLU A 62 -6.05 10.25 7.72
C GLU A 62 -7.47 10.41 7.16
N GLN A 63 -8.12 11.51 7.53
CA GLN A 63 -9.48 11.78 7.07
C GLN A 63 -9.57 11.69 5.55
N ASN A 64 -8.60 12.27 4.87
CA ASN A 64 -8.56 12.25 3.41
C ASN A 64 -8.30 10.84 2.89
N VAL A 65 -9.28 10.27 2.20
CA VAL A 65 -9.16 8.93 1.65
C VAL A 65 -8.93 8.97 0.14
N GLU A 66 -9.92 9.47 -0.59
CA GLU A 66 -9.83 9.56 -2.05
C GLU A 66 -8.56 10.30 -2.46
N LYS A 67 -8.29 11.41 -1.79
CA LYS A 67 -7.11 12.22 -2.08
C LYS A 67 -5.84 11.38 -1.97
N ASN A 68 -5.53 10.93 -0.77
CA ASN A 68 -4.34 10.13 -0.53
C ASN A 68 -4.11 9.15 -1.68
N ASN A 69 -5.19 8.49 -2.11
CA ASN A 69 -5.10 7.53 -3.20
C ASN A 69 -4.80 8.22 -4.52
N GLN A 70 -5.70 9.11 -4.94
CA GLN A 70 -5.53 9.84 -6.19
C GLN A 70 -4.08 10.30 -6.36
N LEU A 71 -3.48 10.73 -5.26
CA LEU A 71 -2.10 11.20 -5.28
C LEU A 71 -1.15 10.06 -5.62
N ALA A 72 -1.07 9.08 -4.72
CA ALA A 72 -0.19 7.92 -4.92
C ALA A 72 -0.32 7.40 -6.34
N PHE A 73 -1.54 7.14 -6.79
CA PHE A 73 -1.78 6.63 -8.13
C PHE A 73 -1.08 7.50 -9.17
N ASP A 74 -0.92 8.77 -8.86
CA ASP A 74 -0.27 9.72 -9.77
C ASP A 74 1.24 9.71 -9.56
N ILE A 75 1.66 10.04 -8.34
CA ILE A 75 3.08 10.07 -8.02
C ILE A 75 3.77 8.76 -8.39
N ALA A 76 3.20 7.65 -7.94
CA ALA A 76 3.76 6.34 -8.25
C ALA A 76 4.08 6.20 -9.73
N GLU A 77 3.05 6.17 -10.55
CA GLU A 77 3.23 6.04 -12.01
C GLU A 77 4.12 7.16 -12.54
N LYS A 78 4.03 8.33 -11.93
CA LYS A 78 4.83 9.48 -12.34
C LYS A 78 6.32 9.16 -12.23
N GLU A 79 6.73 8.61 -11.08
CA GLU A 79 8.13 8.27 -10.86
C GLU A 79 8.32 6.76 -10.90
N LEU A 80 7.69 6.05 -9.97
CA LEU A 80 7.81 4.61 -9.89
C LEU A 80 7.46 3.97 -11.24
N GLY A 81 6.50 4.55 -11.94
CA GLY A 81 6.09 4.04 -13.23
C GLY A 81 4.98 3.01 -13.11
N ILE A 82 4.67 2.61 -11.89
CA ILE A 82 3.63 1.62 -11.64
C ILE A 82 2.25 2.18 -11.99
N SER A 83 1.68 1.68 -13.08
CA SER A 83 0.36 2.13 -13.52
C SER A 83 -0.71 1.77 -12.49
N PRO A 84 -1.56 2.76 -12.16
CA PRO A 84 -2.64 2.59 -11.18
C PRO A 84 -3.75 1.67 -11.70
N ILE A 85 -4.42 0.99 -10.79
CA ILE A 85 -5.50 0.09 -11.15
C ILE A 85 -6.86 0.78 -11.06
N MET A 86 -6.92 1.85 -10.28
CA MET A 86 -8.16 2.61 -10.11
C MET A 86 -7.87 3.99 -9.54
N THR A 87 -8.83 4.90 -9.71
CA THR A 87 -8.68 6.27 -9.22
C THR A 87 -9.14 6.38 -7.77
N GLY A 88 -8.44 7.20 -6.99
CA GLY A 88 -8.80 7.38 -5.59
C GLY A 88 -10.29 7.35 -5.36
N LYS A 89 -11.03 8.04 -6.23
CA LYS A 89 -12.48 8.10 -6.11
C LYS A 89 -13.10 6.71 -6.28
N GLU A 90 -12.62 5.98 -7.28
CA GLU A 90 -13.12 4.64 -7.55
C GLU A 90 -12.77 3.69 -6.41
N MET A 91 -11.81 4.10 -5.58
CA MET A 91 -11.38 3.28 -4.46
C MET A 91 -12.18 3.62 -3.20
N ALA A 92 -12.63 4.87 -3.12
CA ALA A 92 -13.41 5.32 -1.97
C ALA A 92 -14.90 5.16 -2.23
N SER A 93 -15.26 4.77 -3.44
CA SER A 93 -16.65 4.58 -3.82
C SER A 93 -16.99 3.10 -3.95
N VAL A 94 -16.06 2.34 -4.50
CA VAL A 94 -16.25 0.90 -4.68
C VAL A 94 -16.66 0.23 -3.38
N GLY A 95 -16.48 0.94 -2.27
CA GLY A 95 -16.83 0.40 -0.97
C GLY A 95 -15.78 -0.55 -0.42
N GLU A 96 -15.20 -1.35 -1.31
CA GLU A 96 -14.17 -2.31 -0.91
C GLU A 96 -13.44 -2.87 -2.12
N PRO A 97 -12.09 -2.85 -2.06
CA PRO A 97 -11.25 -3.34 -3.16
C PRO A 97 -11.33 -4.86 -3.30
N ASP A 98 -10.46 -5.40 -4.16
CA ASP A 98 -10.43 -6.85 -4.38
C ASP A 98 -9.07 -7.42 -3.98
N LYS A 99 -9.10 -8.43 -3.12
CA LYS A 99 -7.87 -9.08 -2.67
C LYS A 99 -6.89 -9.26 -3.81
N LEU A 100 -7.36 -9.84 -4.91
CA LEU A 100 -6.52 -10.07 -6.08
C LEU A 100 -5.88 -8.76 -6.54
N SER A 101 -6.69 -7.90 -7.14
CA SER A 101 -6.20 -6.62 -7.64
C SER A 101 -5.24 -5.98 -6.65
N MET A 102 -5.68 -5.87 -5.40
CA MET A 102 -4.85 -5.27 -4.36
C MET A 102 -3.48 -5.96 -4.28
N VAL A 103 -3.49 -7.24 -3.92
CA VAL A 103 -2.26 -8.01 -3.81
C VAL A 103 -1.38 -7.81 -5.05
N MET A 104 -1.91 -8.20 -6.20
CA MET A 104 -1.16 -8.07 -7.45
C MET A 104 -0.60 -6.65 -7.61
N TYR A 105 -1.47 -5.69 -7.81
CA TYR A 105 -1.06 -4.30 -7.97
C TYR A 105 0.07 -3.95 -7.01
N LEU A 106 -0.14 -4.27 -5.73
CA LEU A 106 0.86 -3.99 -4.71
C LEU A 106 2.19 -4.67 -5.04
N THR A 107 2.12 -5.96 -5.36
CA THR A 107 3.31 -6.73 -5.70
C THR A 107 4.31 -5.88 -6.48
N GLN A 108 3.78 -4.99 -7.33
CA GLN A 108 4.63 -4.12 -8.14
C GLN A 108 5.56 -3.30 -7.26
N PHE A 109 5.00 -2.67 -6.23
CA PHE A 109 5.79 -1.86 -5.32
C PHE A 109 6.80 -2.71 -4.55
N TYR A 110 6.34 -3.87 -4.07
CA TYR A 110 7.20 -4.78 -3.32
C TYR A 110 8.38 -5.23 -4.17
N GLU A 111 8.10 -6.02 -5.21
CA GLU A 111 9.14 -6.52 -6.10
C GLU A 111 10.13 -5.41 -6.45
N MET A 112 9.64 -4.18 -6.51
CA MET A 112 10.48 -3.04 -6.83
C MET A 112 11.40 -2.68 -5.66
N PHE A 113 10.88 -2.81 -4.46
CA PHE A 113 11.65 -2.50 -3.25
C PHE A 113 11.99 -3.77 -2.48
N LYS A 114 11.99 -4.90 -3.19
CA LYS A 114 12.30 -6.18 -2.56
C LYS A 114 13.78 -6.30 -2.27
N ASP A 115 14.61 -5.84 -3.20
CA ASP A 115 16.06 -5.89 -3.04
C ASP A 115 16.51 -4.95 -1.93
N SER A 116 16.20 -3.66 -2.07
CA SER A 116 16.57 -2.67 -1.08
C SER A 116 16.13 -3.10 0.32
N GLY A 117 17.06 -3.02 1.28
CA GLY A 117 16.76 -3.39 2.64
C GLY A 117 16.76 -4.90 2.83
N PRO A 118 16.05 -5.37 3.88
CA PRO A 118 15.96 -6.80 4.20
C PRO A 118 15.14 -7.57 3.17
N SER A 119 15.80 -8.43 2.41
CA SER A 119 15.13 -9.23 1.40
C SER A 119 15.13 -10.71 1.77
N SER A 120 14.47 -11.53 0.95
CA SER A 120 14.41 -12.96 1.20
C SER A 120 15.44 -13.70 0.36
N GLY A 121 15.46 -13.42 -0.94
CA GLY A 121 16.39 -14.09 -1.83
C GLY A 121 17.74 -13.37 -1.88
N GLY A 1 7.35 -9.15 27.04
CA GLY A 1 6.26 -8.58 27.81
C GLY A 1 4.92 -9.20 27.46
N SER A 2 4.71 -9.46 26.17
CA SER A 2 3.45 -10.04 25.71
C SER A 2 3.71 -11.03 24.58
N SER A 3 3.28 -12.28 24.80
CA SER A 3 3.46 -13.33 23.80
C SER A 3 3.11 -12.82 22.40
N GLY A 4 3.87 -13.27 21.40
CA GLY A 4 3.62 -12.85 20.03
C GLY A 4 4.37 -13.70 19.03
N SER A 5 3.65 -14.27 18.08
CA SER A 5 4.25 -15.11 17.05
C SER A 5 3.32 -15.27 15.85
N SER A 6 3.88 -15.23 14.65
CA SER A 6 3.10 -15.36 13.43
C SER A 6 3.71 -16.42 12.51
N GLY A 7 2.91 -16.88 11.56
CA GLY A 7 3.39 -17.90 10.63
C GLY A 7 3.31 -17.43 9.18
N VAL A 8 3.86 -18.23 8.28
CA VAL A 8 3.85 -17.90 6.86
C VAL A 8 2.81 -18.72 6.11
N ALA A 9 1.56 -18.62 6.53
CA ALA A 9 0.47 -19.36 5.91
C ALA A 9 -0.68 -18.43 5.55
N ARG A 10 -1.07 -17.58 6.50
CA ARG A 10 -2.17 -16.64 6.29
C ARG A 10 -1.65 -15.33 5.72
N SER A 11 -0.64 -14.77 6.37
CA SER A 11 -0.05 -13.50 5.93
C SER A 11 0.66 -13.67 4.59
N SER A 12 0.02 -13.18 3.53
CA SER A 12 0.59 -13.28 2.19
C SER A 12 2.02 -12.74 2.17
N LYS A 13 2.87 -13.36 1.34
CA LYS A 13 4.26 -12.94 1.23
C LYS A 13 4.36 -11.42 1.10
N LEU A 14 3.51 -10.84 0.26
CA LEU A 14 3.51 -9.40 0.05
C LEU A 14 3.11 -8.66 1.32
N LEU A 15 1.96 -9.03 1.87
CA LEU A 15 1.46 -8.41 3.09
C LEU A 15 2.60 -8.20 4.10
N GLY A 16 3.29 -9.28 4.44
CA GLY A 16 4.39 -9.20 5.38
C GLY A 16 5.28 -8.00 5.12
N TRP A 17 5.75 -7.87 3.88
CA TRP A 17 6.62 -6.76 3.51
C TRP A 17 6.02 -5.43 3.92
N CYS A 18 4.77 -5.19 3.52
CA CYS A 18 4.08 -3.95 3.86
C CYS A 18 3.98 -3.78 5.37
N GLN A 19 3.63 -4.86 6.06
CA GLN A 19 3.51 -4.83 7.51
C GLN A 19 4.82 -4.42 8.18
N ARG A 20 5.90 -5.06 7.76
CA ARG A 20 7.22 -4.76 8.31
C ARG A 20 7.66 -3.35 7.94
N GLN A 21 7.58 -3.01 6.66
CA GLN A 21 7.96 -1.70 6.18
C GLN A 21 7.10 -0.62 6.82
N THR A 22 5.80 -0.68 6.56
CA THR A 22 4.86 0.30 7.10
C THR A 22 5.06 0.48 8.60
N ASP A 23 5.25 -0.63 9.31
CA ASP A 23 5.46 -0.59 10.75
C ASP A 23 6.37 0.58 11.14
N GLY A 24 5.79 1.57 11.80
CA GLY A 24 6.56 2.73 12.22
C GLY A 24 5.80 4.03 12.01
N TYR A 25 4.91 4.04 11.03
CA TYR A 25 4.13 5.23 10.73
C TYR A 25 3.07 5.49 11.81
N ALA A 26 2.29 6.55 11.62
CA ALA A 26 1.24 6.90 12.58
C ALA A 26 -0.13 6.51 12.05
N GLY A 27 -0.93 5.88 12.92
CA GLY A 27 -2.26 5.47 12.51
C GLY A 27 -2.26 4.66 11.23
N VAL A 28 -1.17 3.93 11.00
CA VAL A 28 -1.05 3.11 9.80
C VAL A 28 -0.85 1.64 10.16
N ASN A 29 -1.93 0.98 10.56
CA ASN A 29 -1.88 -0.43 10.93
C ASN A 29 -2.42 -1.32 9.80
N VAL A 30 -1.50 -1.89 9.03
CA VAL A 30 -1.89 -2.76 7.92
C VAL A 30 -2.17 -4.18 8.41
N THR A 31 -3.43 -4.45 8.72
CA THR A 31 -3.84 -5.77 9.19
C THR A 31 -4.56 -6.55 8.10
N ASP A 32 -4.49 -6.05 6.87
CA ASP A 32 -5.14 -6.70 5.74
C ASP A 32 -4.65 -6.12 4.42
N LEU A 33 -5.24 -6.56 3.32
CA LEU A 33 -4.87 -6.09 1.99
C LEU A 33 -6.09 -5.56 1.24
N THR A 34 -7.04 -5.02 1.98
CA THR A 34 -8.26 -4.48 1.38
C THR A 34 -8.59 -3.12 1.96
N MET A 35 -9.10 -3.10 3.19
CA MET A 35 -9.47 -1.86 3.86
C MET A 35 -8.24 -1.20 4.47
N SER A 36 -7.20 -1.99 4.71
CA SER A 36 -5.97 -1.47 5.31
C SER A 36 -5.35 -0.39 4.41
N TRP A 37 -5.66 -0.45 3.13
CA TRP A 37 -5.14 0.52 2.17
C TRP A 37 -6.23 1.50 1.74
N LYS A 38 -7.47 1.04 1.76
CA LYS A 38 -8.61 1.86 1.37
C LYS A 38 -8.40 3.32 1.81
N SER A 39 -8.00 3.49 3.07
CA SER A 39 -7.77 4.83 3.61
C SER A 39 -6.88 5.65 2.68
N GLY A 40 -5.72 5.09 2.33
CA GLY A 40 -4.81 5.78 1.45
C GLY A 40 -3.47 6.04 2.10
N LEU A 41 -3.46 6.20 3.42
CA LEU A 41 -2.24 6.47 4.17
C LEU A 41 -1.20 5.39 3.89
N ALA A 42 -1.51 4.16 4.28
CA ALA A 42 -0.61 3.04 4.07
C ALA A 42 0.14 3.16 2.74
N LEU A 43 -0.61 3.15 1.65
CA LEU A 43 -0.03 3.27 0.32
C LEU A 43 0.99 4.41 0.26
N CYS A 44 0.64 5.53 0.88
CA CYS A 44 1.51 6.69 0.91
C CYS A 44 2.72 6.45 1.82
N ALA A 45 2.52 5.63 2.84
CA ALA A 45 3.60 5.31 3.77
C ALA A 45 4.65 4.44 3.12
N ILE A 46 4.27 3.75 2.05
CA ILE A 46 5.19 2.88 1.33
C ILE A 46 6.18 3.68 0.51
N ILE A 47 5.66 4.45 -0.46
CA ILE A 47 6.50 5.27 -1.31
C ILE A 47 7.39 6.19 -0.49
N HIS A 48 6.81 6.79 0.56
CA HIS A 48 7.55 7.69 1.43
C HIS A 48 8.60 6.93 2.24
N ARG A 49 8.20 5.81 2.82
CA ARG A 49 9.11 5.01 3.63
C ARG A 49 10.51 4.98 3.01
N TYR A 50 10.57 4.68 1.72
CA TYR A 50 11.85 4.64 1.01
C TYR A 50 12.22 5.99 0.44
N ARG A 51 11.28 6.58 -0.31
CA ARG A 51 11.51 7.89 -0.92
C ARG A 51 10.46 8.89 -0.45
N PRO A 52 10.79 9.67 0.58
CA PRO A 52 9.89 10.68 1.14
C PRO A 52 9.68 11.86 0.19
N ASP A 53 10.50 11.93 -0.85
CA ASP A 53 10.40 13.01 -1.83
C ASP A 53 9.19 12.82 -2.72
N LEU A 54 9.11 11.66 -3.37
CA LEU A 54 7.99 11.35 -4.26
C LEU A 54 6.66 11.76 -3.63
N ILE A 55 6.36 11.21 -2.45
CA ILE A 55 5.13 11.52 -1.76
C ILE A 55 5.41 12.07 -0.36
N ASP A 56 4.61 13.04 0.07
CA ASP A 56 4.78 13.65 1.38
C ASP A 56 3.64 13.24 2.32
N PHE A 57 3.95 12.36 3.25
CA PHE A 57 2.96 11.88 4.22
C PHE A 57 2.65 12.96 5.25
N ASP A 58 3.69 13.59 5.78
CA ASP A 58 3.55 14.64 6.78
C ASP A 58 2.49 15.65 6.35
N SER A 59 2.47 15.97 5.06
CA SER A 59 1.52 16.93 4.52
C SER A 59 0.12 16.31 4.43
N LEU A 60 0.06 15.08 3.94
CA LEU A 60 -1.21 14.38 3.80
C LEU A 60 -1.93 14.27 5.13
N ASP A 61 -3.24 14.07 5.07
CA ASP A 61 -4.05 13.95 6.29
C ASP A 61 -4.89 12.67 6.26
N GLU A 62 -5.17 12.14 7.44
CA GLU A 62 -5.96 10.92 7.56
C GLU A 62 -7.40 11.15 7.09
N GLN A 63 -7.94 12.31 7.42
CA GLN A 63 -9.30 12.66 7.05
C GLN A 63 -9.49 12.54 5.54
N ASN A 64 -8.40 12.70 4.79
CA ASN A 64 -8.46 12.62 3.34
C ASN A 64 -8.22 11.18 2.87
N VAL A 65 -9.24 10.59 2.25
CA VAL A 65 -9.15 9.22 1.76
C VAL A 65 -8.94 9.20 0.25
N GLU A 66 -9.95 9.63 -0.49
CA GLU A 66 -9.88 9.66 -1.95
C GLU A 66 -8.57 10.31 -2.41
N LYS A 67 -8.12 11.32 -1.68
CA LYS A 67 -6.89 12.03 -2.00
C LYS A 67 -5.68 11.11 -1.86
N ASN A 68 -5.33 10.79 -0.63
CA ASN A 68 -4.19 9.92 -0.36
C ASN A 68 -4.07 8.84 -1.42
N ASN A 69 -5.21 8.32 -1.88
CA ASN A 69 -5.23 7.29 -2.90
C ASN A 69 -4.92 7.87 -4.28
N GLN A 70 -5.77 8.78 -4.73
CA GLN A 70 -5.59 9.42 -6.04
C GLN A 70 -4.15 9.85 -6.23
N LEU A 71 -3.60 10.55 -5.24
CA LEU A 71 -2.23 11.02 -5.30
C LEU A 71 -1.27 9.88 -5.63
N ALA A 72 -1.14 8.94 -4.71
CA ALA A 72 -0.26 7.79 -4.90
C ALA A 72 -0.37 7.25 -6.32
N PHE A 73 -1.59 6.93 -6.73
CA PHE A 73 -1.84 6.39 -8.07
C PHE A 73 -1.13 7.23 -9.12
N ASP A 74 -1.04 8.54 -8.87
CA ASP A 74 -0.38 9.45 -9.80
C ASP A 74 1.12 9.50 -9.55
N ILE A 75 1.50 9.90 -8.34
CA ILE A 75 2.90 10.00 -7.97
C ILE A 75 3.66 8.73 -8.37
N ALA A 76 3.14 7.59 -7.94
CA ALA A 76 3.77 6.30 -8.25
C ALA A 76 4.22 6.26 -9.71
N GLU A 77 3.25 6.15 -10.62
CA GLU A 77 3.55 6.08 -12.04
C GLU A 77 4.41 7.26 -12.47
N LYS A 78 4.05 8.46 -12.00
CA LYS A 78 4.81 9.66 -12.34
C LYS A 78 6.30 9.43 -12.21
N GLU A 79 6.73 9.01 -11.02
CA GLU A 79 8.15 8.75 -10.78
C GLU A 79 8.45 7.26 -10.87
N LEU A 80 7.86 6.49 -9.97
CA LEU A 80 8.05 5.04 -9.96
C LEU A 80 7.79 4.43 -11.32
N GLY A 81 6.61 4.72 -11.87
CA GLY A 81 6.25 4.19 -13.17
C GLY A 81 5.17 3.13 -13.10
N ILE A 82 4.85 2.71 -11.88
CA ILE A 82 3.82 1.69 -11.67
C ILE A 82 2.43 2.24 -11.97
N SER A 83 1.82 1.75 -13.06
CA SER A 83 0.49 2.20 -13.46
C SER A 83 -0.55 1.76 -12.44
N PRO A 84 -1.41 2.70 -12.02
CA PRO A 84 -2.47 2.44 -11.06
C PRO A 84 -3.57 1.54 -11.63
N ILE A 85 -4.30 0.87 -10.74
CA ILE A 85 -5.38 -0.01 -11.16
C ILE A 85 -6.73 0.68 -11.03
N MET A 86 -6.86 1.55 -10.03
CA MET A 86 -8.10 2.28 -9.80
C MET A 86 -7.83 3.76 -9.56
N THR A 87 -8.89 4.55 -9.47
CA THR A 87 -8.76 5.98 -9.23
C THR A 87 -9.30 6.36 -7.86
N GLY A 88 -8.67 7.35 -7.24
CA GLY A 88 -9.10 7.79 -5.92
C GLY A 88 -10.60 7.74 -5.76
N LYS A 89 -11.32 8.23 -6.77
CA LYS A 89 -12.78 8.23 -6.73
C LYS A 89 -13.33 6.81 -6.66
N GLU A 90 -12.76 5.92 -7.47
CA GLU A 90 -13.19 4.53 -7.51
C GLU A 90 -12.82 3.81 -6.21
N MET A 91 -11.92 4.41 -5.45
CA MET A 91 -11.48 3.82 -4.19
C MET A 91 -12.32 4.35 -3.02
N ALA A 92 -12.87 5.54 -3.19
CA ALA A 92 -13.69 6.15 -2.15
C ALA A 92 -15.15 5.71 -2.28
N SER A 93 -15.56 5.36 -3.49
CA SER A 93 -16.93 4.93 -3.75
C SER A 93 -17.07 3.42 -3.50
N VAL A 94 -16.18 2.64 -4.11
CA VAL A 94 -16.20 1.19 -3.97
C VAL A 94 -16.22 0.79 -2.49
N GLY A 95 -17.07 -0.18 -2.16
CA GLY A 95 -17.16 -0.64 -0.78
C GLY A 95 -15.90 -1.35 -0.31
N GLU A 96 -15.32 -2.16 -1.19
CA GLU A 96 -14.11 -2.89 -0.86
C GLU A 96 -13.38 -3.34 -2.12
N PRO A 97 -12.05 -3.20 -2.11
CA PRO A 97 -11.20 -3.59 -3.26
C PRO A 97 -11.15 -5.10 -3.45
N ASP A 98 -10.59 -5.53 -4.59
CA ASP A 98 -10.48 -6.94 -4.88
C ASP A 98 -9.12 -7.48 -4.45
N LYS A 99 -9.13 -8.48 -3.57
CA LYS A 99 -7.91 -9.09 -3.08
C LYS A 99 -6.87 -9.21 -4.19
N LEU A 100 -7.28 -9.83 -5.30
CA LEU A 100 -6.39 -10.02 -6.44
C LEU A 100 -5.78 -8.69 -6.89
N SER A 101 -6.60 -7.86 -7.52
CA SER A 101 -6.13 -6.56 -8.00
C SER A 101 -5.19 -5.91 -6.98
N MET A 102 -5.64 -5.84 -5.73
CA MET A 102 -4.85 -5.24 -4.67
C MET A 102 -3.47 -5.89 -4.60
N VAL A 103 -3.45 -7.18 -4.27
CA VAL A 103 -2.20 -7.92 -4.16
C VAL A 103 -1.35 -7.76 -5.43
N MET A 104 -1.89 -8.20 -6.55
CA MET A 104 -1.19 -8.11 -7.83
C MET A 104 -0.62 -6.70 -8.02
N TYR A 105 -1.43 -5.70 -7.72
CA TYR A 105 -1.00 -4.31 -7.87
C TYR A 105 0.14 -3.98 -6.92
N LEU A 106 -0.16 -4.00 -5.62
CA LEU A 106 0.85 -3.70 -4.61
C LEU A 106 2.17 -4.39 -4.93
N THR A 107 2.09 -5.66 -5.34
CA THR A 107 3.28 -6.42 -5.69
C THR A 107 4.28 -5.57 -6.46
N GLN A 108 3.77 -4.77 -7.39
CA GLN A 108 4.62 -3.90 -8.19
C GLN A 108 5.57 -3.09 -7.31
N PHE A 109 5.03 -2.55 -6.23
CA PHE A 109 5.81 -1.75 -5.30
C PHE A 109 6.83 -2.61 -4.55
N TYR A 110 6.37 -3.75 -4.04
CA TYR A 110 7.23 -4.66 -3.31
C TYR A 110 8.41 -5.11 -4.16
N GLU A 111 8.11 -5.85 -5.23
CA GLU A 111 9.15 -6.34 -6.13
C GLU A 111 10.17 -5.25 -6.42
N MET A 112 9.71 -4.01 -6.49
CA MET A 112 10.59 -2.88 -6.77
C MET A 112 11.42 -2.53 -5.53
N PHE A 113 10.78 -2.53 -4.37
CA PHE A 113 11.47 -2.22 -3.12
C PHE A 113 11.71 -3.48 -2.30
N LYS A 114 11.97 -4.59 -2.99
CA LYS A 114 12.22 -5.86 -2.33
C LYS A 114 13.70 -6.02 -2.02
N ASP A 115 14.55 -5.52 -2.90
CA ASP A 115 16.00 -5.61 -2.71
C ASP A 115 16.50 -4.50 -1.80
N SER A 116 16.09 -3.27 -2.10
CA SER A 116 16.50 -2.12 -1.31
C SER A 116 16.52 -2.46 0.18
N GLY A 117 17.54 -1.95 0.88
CA GLY A 117 17.65 -2.21 2.30
C GLY A 117 18.63 -3.33 2.61
N PRO A 118 18.14 -4.38 3.28
CA PRO A 118 18.96 -5.54 3.65
C PRO A 118 19.36 -6.38 2.44
N SER A 119 20.66 -6.43 2.17
CA SER A 119 21.18 -7.19 1.04
C SER A 119 20.85 -8.68 1.19
N SER A 120 20.26 -9.26 0.15
CA SER A 120 19.89 -10.67 0.17
C SER A 120 21.10 -11.54 -0.13
N GLY A 121 21.17 -12.71 0.52
CA GLY A 121 22.28 -13.61 0.30
C GLY A 121 22.15 -14.39 -0.99
N GLY A 1 6.75 -26.13 14.34
CA GLY A 1 5.59 -26.72 13.73
C GLY A 1 5.17 -26.01 12.46
N SER A 2 4.70 -26.76 11.48
CA SER A 2 4.27 -26.18 10.21
C SER A 2 2.99 -26.84 9.72
N SER A 3 2.19 -26.09 8.96
CA SER A 3 0.93 -26.59 8.43
C SER A 3 0.40 -25.68 7.33
N GLY A 4 -0.16 -26.29 6.29
CA GLY A 4 -0.70 -25.52 5.18
C GLY A 4 -1.74 -26.29 4.40
N SER A 5 -2.97 -25.76 4.39
CA SER A 5 -4.06 -26.41 3.67
C SER A 5 -4.29 -25.76 2.31
N SER A 6 -5.18 -26.34 1.52
CA SER A 6 -5.48 -25.82 0.19
C SER A 6 -6.79 -25.03 0.20
N GLY A 7 -6.67 -23.71 0.28
CA GLY A 7 -7.84 -22.86 0.29
C GLY A 7 -7.52 -21.43 0.70
N VAL A 8 -8.07 -21.01 1.84
CA VAL A 8 -7.84 -19.66 2.34
C VAL A 8 -6.57 -19.60 3.17
N ALA A 9 -5.97 -18.40 3.25
CA ALA A 9 -4.75 -18.21 4.02
C ALA A 9 -4.60 -16.75 4.46
N ARG A 10 -3.81 -16.53 5.50
CA ARG A 10 -3.59 -15.19 6.02
C ARG A 10 -2.12 -14.83 5.98
N SER A 11 -1.80 -13.58 6.33
CA SER A 11 -0.42 -13.11 6.32
C SER A 11 0.25 -13.42 5.00
N SER A 12 -0.37 -13.01 3.90
CA SER A 12 0.17 -13.26 2.57
C SER A 12 1.63 -12.82 2.49
N LYS A 13 2.41 -13.53 1.68
CA LYS A 13 3.82 -13.23 1.50
C LYS A 13 4.03 -11.72 1.30
N LEU A 14 3.18 -11.12 0.49
CA LEU A 14 3.26 -9.69 0.22
C LEU A 14 2.93 -8.87 1.47
N LEU A 15 1.76 -9.12 2.04
CA LEU A 15 1.32 -8.42 3.23
C LEU A 15 2.47 -8.24 4.21
N GLY A 16 3.17 -9.34 4.51
CA GLY A 16 4.29 -9.28 5.42
C GLY A 16 5.23 -8.13 5.13
N TRP A 17 5.63 -8.00 3.87
CA TRP A 17 6.54 -6.93 3.46
C TRP A 17 5.97 -5.57 3.84
N CYS A 18 4.67 -5.38 3.61
CA CYS A 18 4.01 -4.12 3.93
C CYS A 18 4.03 -3.87 5.44
N GLN A 19 3.82 -4.92 6.22
CA GLN A 19 3.81 -4.82 7.67
C GLN A 19 5.18 -4.45 8.19
N ARG A 20 6.22 -4.87 7.48
CA ARG A 20 7.59 -4.58 7.88
C ARG A 20 8.04 -3.21 7.36
N GLN A 21 7.64 -2.89 6.13
CA GLN A 21 8.00 -1.61 5.53
C GLN A 21 7.21 -0.47 6.16
N THR A 22 5.90 -0.64 6.25
CA THR A 22 5.03 0.38 6.83
C THR A 22 5.19 0.42 8.34
N ASP A 23 6.10 -0.38 8.87
CA ASP A 23 6.35 -0.42 10.30
C ASP A 23 7.01 0.87 10.78
N GLY A 24 6.38 1.54 11.73
CA GLY A 24 6.93 2.77 12.26
C GLY A 24 5.95 3.93 12.14
N TYR A 25 5.21 3.97 11.04
CA TYR A 25 4.24 5.03 10.81
C TYR A 25 3.18 5.05 11.90
N ALA A 26 2.29 6.04 11.85
CA ALA A 26 1.23 6.17 12.82
C ALA A 26 -0.15 6.06 12.16
N GLY A 27 -1.01 5.22 12.73
CA GLY A 27 -2.34 5.03 12.18
C GLY A 27 -2.38 3.97 11.10
N VAL A 28 -1.29 3.85 10.35
CA VAL A 28 -1.21 2.88 9.27
C VAL A 28 -1.34 1.45 9.80
N ASN A 29 -0.33 1.01 10.54
CA ASN A 29 -0.33 -0.32 11.12
C ASN A 29 -1.02 -1.32 10.18
N VAL A 30 -0.59 -1.35 8.93
CA VAL A 30 -1.15 -2.26 7.93
C VAL A 30 -1.48 -3.61 8.55
N THR A 31 -2.72 -4.06 8.38
CA THR A 31 -3.16 -5.33 8.92
C THR A 31 -3.86 -6.16 7.86
N ASP A 32 -4.65 -5.49 7.01
CA ASP A 32 -5.38 -6.17 5.96
C ASP A 32 -4.73 -5.91 4.60
N LEU A 33 -5.37 -6.41 3.54
CA LEU A 33 -4.84 -6.23 2.19
C LEU A 33 -5.90 -5.59 1.29
N THR A 34 -7.02 -5.20 1.88
CA THR A 34 -8.10 -4.57 1.13
C THR A 34 -8.38 -3.16 1.66
N MET A 35 -9.04 -3.09 2.81
CA MET A 35 -9.37 -1.81 3.42
C MET A 35 -8.12 -1.14 3.98
N SER A 36 -7.14 -1.94 4.36
CA SER A 36 -5.89 -1.42 4.91
C SER A 36 -5.35 -0.28 4.04
N TRP A 37 -5.74 -0.28 2.77
CA TRP A 37 -5.30 0.75 1.84
C TRP A 37 -6.46 1.64 1.40
N LYS A 38 -7.67 1.20 1.71
CA LYS A 38 -8.87 1.95 1.36
C LYS A 38 -8.72 3.42 1.75
N SER A 39 -7.99 3.67 2.83
CA SER A 39 -7.76 5.03 3.31
C SER A 39 -6.70 5.73 2.48
N GLY A 40 -5.73 4.96 1.99
CA GLY A 40 -4.67 5.53 1.18
C GLY A 40 -3.39 5.75 1.98
N LEU A 41 -3.55 6.14 3.24
CA LEU A 41 -2.40 6.39 4.11
C LEU A 41 -1.33 5.33 3.92
N ALA A 42 -1.75 4.06 3.95
CA ALA A 42 -0.81 2.95 3.78
C ALA A 42 -0.02 3.10 2.49
N LEU A 43 -0.71 3.06 1.36
CA LEU A 43 -0.06 3.19 0.06
C LEU A 43 0.85 4.41 0.03
N CYS A 44 0.40 5.51 0.62
CA CYS A 44 1.18 6.74 0.66
C CYS A 44 2.40 6.57 1.55
N ALA A 45 2.25 5.81 2.64
CA ALA A 45 3.33 5.58 3.57
C ALA A 45 4.43 4.72 2.95
N ILE A 46 4.02 3.84 2.04
CA ILE A 46 4.97 2.96 1.35
C ILE A 46 5.98 3.76 0.55
N ILE A 47 5.47 4.56 -0.40
CA ILE A 47 6.32 5.38 -1.24
C ILE A 47 7.19 6.30 -0.41
N HIS A 48 6.58 6.94 0.59
CA HIS A 48 7.31 7.86 1.46
C HIS A 48 8.41 7.13 2.22
N ARG A 49 8.04 6.02 2.87
CA ARG A 49 9.00 5.24 3.64
C ARG A 49 10.37 5.22 2.96
N TYR A 50 10.41 4.68 1.74
CA TYR A 50 11.66 4.60 0.99
C TYR A 50 12.01 5.96 0.39
N ARG A 51 11.03 6.61 -0.23
CA ARG A 51 11.25 7.91 -0.84
C ARG A 51 10.20 8.91 -0.37
N PRO A 52 10.55 9.68 0.68
CA PRO A 52 9.65 10.69 1.25
C PRO A 52 9.44 11.87 0.32
N ASP A 53 10.40 12.10 -0.57
CA ASP A 53 10.32 13.21 -1.52
C ASP A 53 9.15 13.01 -2.48
N LEU A 54 9.02 11.79 -3.00
CA LEU A 54 7.94 11.48 -3.93
C LEU A 54 6.58 11.88 -3.35
N ILE A 55 6.24 11.31 -2.21
CA ILE A 55 4.98 11.61 -1.55
C ILE A 55 5.20 12.08 -0.12
N ASP A 56 4.42 13.07 0.31
CA ASP A 56 4.53 13.60 1.66
C ASP A 56 3.41 13.07 2.55
N PHE A 57 3.78 12.44 3.65
CA PHE A 57 2.80 11.87 4.58
C PHE A 57 2.40 12.92 5.62
N ASP A 58 3.37 13.70 6.07
CA ASP A 58 3.11 14.74 7.07
C ASP A 58 2.07 15.74 6.57
N SER A 59 2.05 15.96 5.26
CA SER A 59 1.11 16.90 4.65
C SER A 59 -0.28 16.27 4.54
N LEU A 60 -0.32 15.02 4.13
CA LEU A 60 -1.58 14.31 3.99
C LEU A 60 -2.35 14.28 5.30
N ASP A 61 -3.57 13.74 5.27
CA ASP A 61 -4.41 13.65 6.46
C ASP A 61 -5.39 12.50 6.35
N GLU A 62 -5.50 11.71 7.42
CA GLU A 62 -6.41 10.57 7.45
C GLU A 62 -7.77 10.96 6.89
N GLN A 63 -8.23 12.14 7.24
CA GLN A 63 -9.53 12.63 6.76
C GLN A 63 -9.67 12.45 5.26
N ASN A 64 -8.65 12.88 4.52
CA ASN A 64 -8.66 12.76 3.07
C ASN A 64 -8.38 11.33 2.63
N VAL A 65 -9.41 10.68 2.09
CA VAL A 65 -9.28 9.29 1.62
C VAL A 65 -9.10 9.24 0.11
N GLU A 66 -10.00 9.91 -0.61
CA GLU A 66 -9.94 9.93 -2.07
C GLU A 66 -8.66 10.61 -2.55
N LYS A 67 -8.14 11.52 -1.74
CA LYS A 67 -6.92 12.24 -2.07
C LYS A 67 -5.70 11.34 -1.94
N ASN A 68 -5.37 10.98 -0.70
CA ASN A 68 -4.22 10.12 -0.43
C ASN A 68 -4.03 9.09 -1.54
N ASN A 69 -5.15 8.53 -2.01
CA ASN A 69 -5.11 7.53 -3.08
C ASN A 69 -4.81 8.19 -4.43
N GLN A 70 -5.72 9.05 -4.87
CA GLN A 70 -5.56 9.75 -6.14
C GLN A 70 -4.11 10.20 -6.33
N LEU A 71 -3.52 10.74 -5.26
CA LEU A 71 -2.15 11.21 -5.32
C LEU A 71 -1.19 10.07 -5.64
N ALA A 72 -1.07 9.12 -4.72
CA ALA A 72 -0.19 7.97 -4.92
C ALA A 72 -0.35 7.40 -6.31
N PHE A 73 -1.57 7.02 -6.66
CA PHE A 73 -1.85 6.45 -7.98
C PHE A 73 -1.14 7.23 -9.08
N ASP A 74 -0.87 8.51 -8.82
CA ASP A 74 -0.20 9.36 -9.77
C ASP A 74 1.30 9.40 -9.51
N ILE A 75 1.67 9.82 -8.30
CA ILE A 75 3.08 9.90 -7.93
C ILE A 75 3.80 8.59 -8.24
N ALA A 76 3.23 7.48 -7.81
CA ALA A 76 3.82 6.16 -8.06
C ALA A 76 4.24 6.02 -9.51
N GLU A 77 3.27 5.84 -10.40
CA GLU A 77 3.54 5.69 -11.82
C GLU A 77 4.44 6.81 -12.33
N LYS A 78 4.12 8.03 -11.93
CA LYS A 78 4.89 9.20 -12.35
C LYS A 78 6.40 8.92 -12.24
N GLU A 79 6.83 8.54 -11.04
CA GLU A 79 8.24 8.24 -10.81
C GLU A 79 8.49 6.74 -10.80
N LEU A 80 7.89 6.06 -9.83
CA LEU A 80 8.04 4.62 -9.70
C LEU A 80 7.74 3.92 -11.03
N GLY A 81 6.59 4.23 -11.61
CA GLY A 81 6.21 3.62 -12.88
C GLY A 81 5.07 2.65 -12.73
N ILE A 82 4.63 2.42 -11.49
CA ILE A 82 3.54 1.49 -11.22
C ILE A 82 2.20 2.09 -11.63
N SER A 83 1.66 1.61 -12.75
CA SER A 83 0.38 2.10 -13.26
C SER A 83 -0.74 1.79 -12.27
N PRO A 84 -1.55 2.82 -11.95
CA PRO A 84 -2.67 2.69 -11.02
C PRO A 84 -3.81 1.85 -11.60
N ILE A 85 -4.37 0.98 -10.77
CA ILE A 85 -5.47 0.12 -11.20
C ILE A 85 -6.79 0.88 -11.19
N MET A 86 -6.89 1.89 -10.33
CA MET A 86 -8.10 2.69 -10.22
C MET A 86 -7.78 4.10 -9.73
N THR A 87 -8.79 4.98 -9.75
CA THR A 87 -8.61 6.35 -9.31
C THR A 87 -9.07 6.53 -7.87
N GLY A 88 -8.38 7.41 -7.13
CA GLY A 88 -8.74 7.66 -5.75
C GLY A 88 -10.24 7.67 -5.54
N LYS A 89 -10.96 8.33 -6.43
CA LYS A 89 -12.41 8.42 -6.33
C LYS A 89 -13.03 7.03 -6.34
N GLU A 90 -12.80 6.28 -7.41
CA GLU A 90 -13.35 4.93 -7.53
C GLU A 90 -12.99 4.09 -6.31
N MET A 91 -11.95 4.50 -5.60
CA MET A 91 -11.51 3.78 -4.41
C MET A 91 -12.32 4.20 -3.19
N ALA A 92 -12.82 5.43 -3.20
CA ALA A 92 -13.61 5.95 -2.10
C ALA A 92 -15.07 5.55 -2.24
N SER A 93 -15.55 5.48 -3.47
CA SER A 93 -16.94 5.11 -3.74
C SER A 93 -17.16 3.63 -3.48
N VAL A 94 -16.16 2.81 -3.84
CA VAL A 94 -16.25 1.37 -3.64
C VAL A 94 -16.24 1.01 -2.16
N GLY A 95 -16.84 -0.12 -1.83
CA GLY A 95 -16.89 -0.57 -0.45
C GLY A 95 -15.62 -1.29 -0.02
N GLU A 96 -14.96 -1.92 -0.98
CA GLU A 96 -13.72 -2.65 -0.70
C GLU A 96 -13.10 -3.18 -1.98
N PRO A 97 -11.77 -3.05 -2.09
CA PRO A 97 -11.02 -3.51 -3.27
C PRO A 97 -10.98 -5.03 -3.37
N ASP A 98 -10.59 -5.53 -4.53
CA ASP A 98 -10.50 -6.97 -4.76
C ASP A 98 -9.14 -7.51 -4.34
N LYS A 99 -9.15 -8.58 -3.55
CA LYS A 99 -7.91 -9.18 -3.08
C LYS A 99 -6.89 -9.31 -4.21
N LEU A 100 -7.24 -10.08 -5.23
CA LEU A 100 -6.36 -10.28 -6.38
C LEU A 100 -5.76 -8.96 -6.84
N SER A 101 -6.62 -8.07 -7.36
CA SER A 101 -6.18 -6.78 -7.84
C SER A 101 -5.19 -6.14 -6.86
N MET A 102 -5.60 -6.02 -5.61
CA MET A 102 -4.74 -5.44 -4.58
C MET A 102 -3.39 -6.14 -4.53
N VAL A 103 -3.40 -7.41 -4.18
CA VAL A 103 -2.17 -8.19 -4.09
C VAL A 103 -1.28 -7.94 -5.29
N MET A 104 -1.81 -8.14 -6.48
CA MET A 104 -1.06 -7.92 -7.71
C MET A 104 -0.49 -6.50 -7.76
N TYR A 105 -1.37 -5.53 -7.91
CA TYR A 105 -0.96 -4.13 -7.97
C TYR A 105 0.13 -3.83 -6.94
N LEU A 106 -0.18 -4.10 -5.67
CA LEU A 106 0.77 -3.87 -4.59
C LEU A 106 2.10 -4.55 -4.88
N THR A 107 2.05 -5.85 -5.13
CA THR A 107 3.26 -6.62 -5.43
C THR A 107 4.27 -5.78 -6.18
N GLN A 108 3.80 -5.03 -7.18
CA GLN A 108 4.67 -4.18 -7.97
C GLN A 108 5.60 -3.35 -7.08
N PHE A 109 5.03 -2.71 -6.08
CA PHE A 109 5.80 -1.89 -5.15
C PHE A 109 6.82 -2.74 -4.40
N TYR A 110 6.44 -3.97 -4.08
CA TYR A 110 7.31 -4.88 -3.35
C TYR A 110 8.49 -5.31 -4.22
N GLU A 111 8.18 -5.86 -5.39
CA GLU A 111 9.21 -6.32 -6.31
C GLU A 111 10.13 -5.17 -6.71
N MET A 112 9.67 -3.95 -6.49
CA MET A 112 10.44 -2.76 -6.83
C MET A 112 11.34 -2.36 -5.67
N PHE A 113 10.96 -2.75 -4.45
CA PHE A 113 11.72 -2.43 -3.26
C PHE A 113 12.10 -3.69 -2.50
N LYS A 114 12.03 -4.83 -3.18
CA LYS A 114 12.36 -6.10 -2.56
C LYS A 114 13.87 -6.26 -2.41
N ASP A 115 14.62 -5.83 -3.42
CA ASP A 115 16.06 -5.91 -3.39
C ASP A 115 16.66 -4.88 -2.43
N SER A 116 16.17 -3.64 -2.53
CA SER A 116 16.66 -2.56 -1.68
C SER A 116 16.97 -3.07 -0.28
N GLY A 117 18.11 -2.65 0.26
CA GLY A 117 18.50 -3.08 1.59
C GLY A 117 19.81 -3.84 1.59
N PRO A 118 20.61 -3.66 2.65
CA PRO A 118 21.90 -4.33 2.79
C PRO A 118 21.76 -5.82 3.04
N SER A 119 20.52 -6.28 3.17
CA SER A 119 20.25 -7.70 3.41
C SER A 119 19.08 -8.17 2.56
N SER A 120 18.75 -9.46 2.68
CA SER A 120 17.65 -10.04 1.91
C SER A 120 16.97 -11.15 2.71
N GLY A 121 15.66 -11.29 2.52
CA GLY A 121 14.90 -12.30 3.23
C GLY A 121 14.93 -13.64 2.51
N GLY A 1 -0.79 -22.36 -3.07
CA GLY A 1 -2.12 -22.93 -3.23
C GLY A 1 -3.10 -21.94 -3.82
N SER A 2 -3.87 -22.39 -4.81
CA SER A 2 -4.85 -21.54 -5.47
C SER A 2 -6.02 -21.22 -4.54
N SER A 3 -6.28 -19.93 -4.36
CA SER A 3 -7.37 -19.50 -3.49
C SER A 3 -8.71 -19.54 -4.21
N GLY A 4 -8.82 -18.77 -5.29
CA GLY A 4 -10.06 -18.74 -6.06
C GLY A 4 -10.49 -17.33 -6.38
N SER A 5 -11.75 -17.19 -6.80
CA SER A 5 -12.30 -15.88 -7.15
C SER A 5 -12.39 -14.99 -5.92
N SER A 6 -12.99 -15.50 -4.85
CA SER A 6 -13.14 -14.74 -3.62
C SER A 6 -12.94 -15.63 -2.40
N GLY A 7 -12.12 -15.17 -1.46
CA GLY A 7 -11.87 -15.94 -0.26
C GLY A 7 -10.89 -15.26 0.67
N VAL A 8 -11.17 -15.30 1.97
CA VAL A 8 -10.31 -14.67 2.97
C VAL A 8 -9.06 -15.50 3.21
N ALA A 9 -8.04 -15.27 2.39
CA ALA A 9 -6.78 -16.00 2.52
C ALA A 9 -5.94 -15.46 3.68
N ARG A 10 -5.07 -16.30 4.21
CA ARG A 10 -4.22 -15.91 5.32
C ARG A 10 -3.14 -14.93 4.86
N SER A 11 -2.37 -14.42 5.82
CA SER A 11 -1.31 -13.47 5.51
C SER A 11 -0.54 -13.88 4.26
N SER A 12 -0.34 -12.93 3.35
CA SER A 12 0.37 -13.21 2.11
C SER A 12 1.79 -12.65 2.17
N LYS A 13 2.74 -13.41 1.62
CA LYS A 13 4.14 -13.00 1.61
C LYS A 13 4.26 -11.50 1.40
N LEU A 14 3.46 -10.97 0.48
CA LEU A 14 3.49 -9.54 0.18
C LEU A 14 3.05 -8.72 1.40
N LEU A 15 1.83 -8.99 1.88
CA LEU A 15 1.29 -8.29 3.04
C LEU A 15 2.38 -8.02 4.06
N GLY A 16 2.95 -9.09 4.60
CA GLY A 16 4.01 -8.96 5.59
C GLY A 16 4.93 -7.79 5.29
N TRP A 17 5.63 -7.87 4.16
CA TRP A 17 6.56 -6.82 3.77
C TRP A 17 5.98 -5.44 4.05
N CYS A 18 4.74 -5.23 3.65
CA CYS A 18 4.06 -3.96 3.86
C CYS A 18 3.89 -3.67 5.35
N GLN A 19 3.57 -4.71 6.11
CA GLN A 19 3.36 -4.58 7.54
C GLN A 19 4.66 -4.17 8.24
N ARG A 20 5.74 -4.88 7.92
CA ARG A 20 7.04 -4.60 8.52
C ARG A 20 7.57 -3.26 8.02
N GLN A 21 7.48 -3.02 6.72
CA GLN A 21 7.96 -1.78 6.13
C GLN A 21 7.17 -0.59 6.66
N THR A 22 5.85 -0.67 6.60
CA THR A 22 4.98 0.40 7.07
C THR A 22 5.08 0.55 8.58
N ASP A 23 5.83 -0.35 9.22
CA ASP A 23 6.00 -0.31 10.66
C ASP A 23 6.79 0.92 11.08
N GLY A 24 6.20 1.74 11.94
CA GLY A 24 6.85 2.95 12.41
C GLY A 24 6.03 4.19 12.19
N TYR A 25 5.12 4.12 11.22
CA TYR A 25 4.26 5.26 10.90
C TYR A 25 3.20 5.47 11.99
N ALA A 26 2.48 6.57 11.89
CA ALA A 26 1.44 6.89 12.86
C ALA A 26 0.05 6.64 12.28
N GLY A 27 -0.69 5.72 12.89
CA GLY A 27 -2.02 5.40 12.42
C GLY A 27 -2.00 4.57 11.16
N VAL A 28 -0.87 3.92 10.89
CA VAL A 28 -0.73 3.09 9.71
C VAL A 28 -0.51 1.62 10.10
N ASN A 29 -1.48 1.04 10.79
CA ASN A 29 -1.39 -0.34 11.22
C ASN A 29 -1.97 -1.28 10.16
N VAL A 30 -1.18 -1.55 9.13
CA VAL A 30 -1.61 -2.44 8.04
C VAL A 30 -1.88 -3.85 8.56
N THR A 31 -3.14 -4.26 8.54
CA THR A 31 -3.54 -5.58 9.00
C THR A 31 -4.34 -6.31 7.93
N ASP A 32 -4.67 -5.61 6.85
CA ASP A 32 -5.44 -6.20 5.76
C ASP A 32 -4.74 -5.99 4.43
N LEU A 33 -5.32 -6.54 3.36
CA LEU A 33 -4.75 -6.40 2.02
C LEU A 33 -5.72 -5.72 1.08
N THR A 34 -6.79 -5.16 1.65
CA THR A 34 -7.80 -4.47 0.86
C THR A 34 -8.15 -3.11 1.46
N MET A 35 -8.84 -3.14 2.60
CA MET A 35 -9.23 -1.91 3.28
C MET A 35 -8.01 -1.17 3.80
N SER A 36 -7.08 -1.90 4.41
CA SER A 36 -5.86 -1.31 4.96
C SER A 36 -5.25 -0.33 3.97
N TRP A 37 -5.57 -0.51 2.69
CA TRP A 37 -5.04 0.35 1.64
C TRP A 37 -6.11 1.33 1.15
N LYS A 38 -7.38 0.99 1.39
CA LYS A 38 -8.49 1.84 0.98
C LYS A 38 -8.30 3.27 1.48
N SER A 39 -7.87 3.40 2.74
CA SER A 39 -7.65 4.71 3.34
C SER A 39 -6.63 5.50 2.55
N GLY A 40 -5.63 4.81 1.99
CA GLY A 40 -4.61 5.46 1.22
C GLY A 40 -3.30 5.62 1.99
N LEU A 41 -3.41 6.01 3.25
CA LEU A 41 -2.24 6.19 4.10
C LEU A 41 -1.21 5.10 3.83
N ALA A 42 -1.53 3.87 4.20
CA ALA A 42 -0.63 2.74 4.00
C ALA A 42 0.17 2.91 2.71
N LEU A 43 -0.51 2.84 1.58
CA LEU A 43 0.13 2.98 0.28
C LEU A 43 1.14 4.14 0.30
N CYS A 44 0.73 5.25 0.90
CA CYS A 44 1.59 6.43 0.97
C CYS A 44 2.82 6.15 1.84
N ALA A 45 2.61 5.39 2.92
CA ALA A 45 3.69 5.04 3.82
C ALA A 45 4.73 4.18 3.14
N ILE A 46 4.36 3.58 2.01
CA ILE A 46 5.26 2.72 1.26
C ILE A 46 6.23 3.54 0.41
N ILE A 47 5.69 4.50 -0.33
CA ILE A 47 6.50 5.37 -1.17
C ILE A 47 7.39 6.28 -0.33
N HIS A 48 6.80 6.87 0.70
CA HIS A 48 7.54 7.76 1.59
C HIS A 48 8.65 7.02 2.32
N ARG A 49 8.33 5.85 2.85
CA ARG A 49 9.30 5.04 3.57
C ARG A 49 10.69 5.15 2.93
N TYR A 50 10.76 4.88 1.64
CA TYR A 50 12.02 4.94 0.91
C TYR A 50 12.28 6.37 0.41
N ARG A 51 11.29 6.94 -0.28
CA ARG A 51 11.41 8.28 -0.81
C ARG A 51 10.28 9.18 -0.29
N PRO A 52 10.58 9.96 0.75
CA PRO A 52 9.61 10.87 1.36
C PRO A 52 9.27 12.05 0.46
N ASP A 53 10.09 12.25 -0.57
CA ASP A 53 9.87 13.34 -1.52
C ASP A 53 8.68 13.05 -2.43
N LEU A 54 8.77 11.96 -3.16
CA LEU A 54 7.70 11.56 -4.08
C LEU A 54 6.33 11.86 -3.47
N ILE A 55 6.11 11.35 -2.26
CA ILE A 55 4.84 11.55 -1.57
C ILE A 55 5.07 12.21 -0.20
N ASP A 56 4.25 13.20 0.12
CA ASP A 56 4.35 13.90 1.39
C ASP A 56 3.27 13.42 2.36
N PHE A 57 3.62 12.44 3.18
CA PHE A 57 2.68 11.89 4.16
C PHE A 57 2.30 12.94 5.20
N ASP A 58 3.30 13.54 5.83
CA ASP A 58 3.07 14.56 6.84
C ASP A 58 1.99 15.54 6.39
N SER A 59 1.93 15.79 5.09
CA SER A 59 0.95 16.70 4.52
C SER A 59 -0.42 16.03 4.43
N LEU A 60 -0.44 14.82 3.89
CA LEU A 60 -1.68 14.06 3.73
C LEU A 60 -2.44 13.98 5.06
N ASP A 61 -3.75 13.85 4.97
CA ASP A 61 -4.59 13.76 6.16
C ASP A 61 -5.48 12.52 6.11
N GLU A 62 -5.46 11.73 7.18
CA GLU A 62 -6.27 10.52 7.25
C GLU A 62 -7.66 10.76 6.68
N GLN A 63 -8.21 11.93 6.95
CA GLN A 63 -9.54 12.28 6.47
C GLN A 63 -9.59 12.28 4.94
N ASN A 64 -8.56 12.84 4.33
CA ASN A 64 -8.48 12.90 2.86
C ASN A 64 -8.20 11.52 2.28
N VAL A 65 -9.19 10.64 2.36
CA VAL A 65 -9.05 9.28 1.83
C VAL A 65 -8.64 9.30 0.37
N GLU A 66 -9.58 9.62 -0.51
CA GLU A 66 -9.31 9.68 -1.93
C GLU A 66 -7.93 10.29 -2.21
N LYS A 67 -7.72 11.51 -1.73
CA LYS A 67 -6.45 12.20 -1.93
C LYS A 67 -5.28 11.24 -1.73
N ASN A 68 -5.15 10.73 -0.51
CA ASN A 68 -4.07 9.80 -0.20
C ASN A 68 -3.88 8.78 -1.33
N ASN A 69 -4.95 8.48 -2.03
CA ASN A 69 -4.91 7.53 -3.13
C ASN A 69 -4.60 8.23 -4.45
N GLN A 70 -5.53 9.07 -4.90
CA GLN A 70 -5.35 9.80 -6.15
C GLN A 70 -3.90 10.26 -6.32
N LEU A 71 -3.29 10.67 -5.22
CA LEU A 71 -1.91 11.13 -5.24
C LEU A 71 -0.96 9.99 -5.59
N ALA A 72 -0.86 9.02 -4.69
CA ALA A 72 0.01 7.86 -4.92
C ALA A 72 -0.20 7.27 -6.31
N PHE A 73 -1.46 7.06 -6.67
CA PHE A 73 -1.79 6.49 -7.97
C PHE A 73 -1.12 7.29 -9.09
N ASP A 74 -0.85 8.55 -8.84
CA ASP A 74 -0.20 9.41 -9.82
C ASP A 74 1.31 9.42 -9.62
N ILE A 75 1.74 9.86 -8.45
CA ILE A 75 3.16 9.92 -8.13
C ILE A 75 3.86 8.62 -8.48
N ALA A 76 3.28 7.50 -8.04
CA ALA A 76 3.84 6.18 -8.31
C ALA A 76 4.13 6.00 -9.79
N GLU A 77 3.09 5.95 -10.60
CA GLU A 77 3.23 5.78 -12.03
C GLU A 77 4.17 6.84 -12.61
N LYS A 78 4.07 8.06 -12.10
CA LYS A 78 4.90 9.15 -12.56
C LYS A 78 6.38 8.80 -12.44
N GLU A 79 6.77 8.26 -11.30
CA GLU A 79 8.16 7.88 -11.06
C GLU A 79 8.31 6.36 -11.06
N LEU A 80 7.73 5.72 -10.05
CA LEU A 80 7.80 4.26 -9.93
C LEU A 80 7.46 3.59 -11.25
N GLY A 81 6.47 4.14 -11.94
CA GLY A 81 6.06 3.58 -13.23
C GLY A 81 4.95 2.57 -13.08
N ILE A 82 4.40 2.45 -11.87
CA ILE A 82 3.32 1.52 -11.61
C ILE A 82 1.97 2.14 -11.90
N SER A 83 1.38 1.76 -13.03
CA SER A 83 0.08 2.28 -13.44
C SER A 83 -0.99 1.97 -12.40
N PRO A 84 -1.79 2.98 -12.05
CA PRO A 84 -2.86 2.84 -11.05
C PRO A 84 -4.01 1.98 -11.57
N ILE A 85 -4.53 1.11 -10.71
CA ILE A 85 -5.63 0.23 -11.07
C ILE A 85 -6.97 0.97 -10.99
N MET A 86 -7.03 1.95 -10.10
CA MET A 86 -8.26 2.73 -9.93
C MET A 86 -7.94 4.11 -9.38
N THR A 87 -8.92 5.02 -9.45
CA THR A 87 -8.74 6.37 -8.96
C THR A 87 -9.11 6.49 -7.49
N GLY A 88 -8.54 7.48 -6.81
CA GLY A 88 -8.83 7.67 -5.40
C GLY A 88 -10.30 7.64 -5.10
N LYS A 89 -11.09 8.37 -5.88
CA LYS A 89 -12.53 8.43 -5.69
C LYS A 89 -13.13 7.03 -5.73
N GLU A 90 -12.94 6.33 -6.84
CA GLU A 90 -13.45 4.98 -7.00
C GLU A 90 -13.09 4.10 -5.80
N MET A 91 -11.89 4.33 -5.27
CA MET A 91 -11.42 3.56 -4.11
C MET A 91 -12.26 3.87 -2.89
N ALA A 92 -12.68 5.12 -2.75
CA ALA A 92 -13.48 5.54 -1.61
C ALA A 92 -14.93 5.09 -1.77
N SER A 93 -15.44 5.14 -3.00
CA SER A 93 -16.81 4.75 -3.29
C SER A 93 -16.98 3.24 -3.11
N VAL A 94 -16.12 2.47 -3.77
CA VAL A 94 -16.19 1.02 -3.69
C VAL A 94 -16.16 0.55 -2.24
N GLY A 95 -16.94 -0.50 -1.95
CA GLY A 95 -16.99 -1.02 -0.60
C GLY A 95 -15.78 -1.88 -0.26
N GLU A 96 -15.13 -2.43 -1.28
CA GLU A 96 -13.96 -3.26 -1.08
C GLU A 96 -13.25 -3.54 -2.41
N PRO A 97 -11.95 -3.26 -2.46
CA PRO A 97 -11.14 -3.46 -3.66
C PRO A 97 -10.92 -4.94 -3.96
N ASP A 98 -10.90 -5.29 -5.25
CA ASP A 98 -10.70 -6.66 -5.68
C ASP A 98 -9.38 -7.22 -5.13
N LYS A 99 -9.48 -8.13 -4.18
CA LYS A 99 -8.29 -8.74 -3.58
C LYS A 99 -7.19 -8.90 -4.61
N LEU A 100 -7.40 -9.77 -5.59
CA LEU A 100 -6.42 -10.01 -6.63
C LEU A 100 -5.78 -8.71 -7.09
N SER A 101 -6.61 -7.76 -7.51
CA SER A 101 -6.12 -6.46 -7.97
C SER A 101 -5.26 -5.79 -6.90
N MET A 102 -5.70 -5.90 -5.65
CA MET A 102 -4.96 -5.30 -4.54
C MET A 102 -3.58 -5.93 -4.40
N VAL A 103 -3.55 -7.23 -4.13
CA VAL A 103 -2.29 -7.95 -3.98
C VAL A 103 -1.38 -7.73 -5.19
N MET A 104 -1.93 -7.95 -6.38
CA MET A 104 -1.17 -7.78 -7.61
C MET A 104 -0.59 -6.37 -7.70
N TYR A 105 -1.47 -5.38 -7.87
CA TYR A 105 -1.06 -4.00 -7.99
C TYR A 105 0.04 -3.67 -6.97
N LEU A 106 -0.19 -4.07 -5.71
CA LEU A 106 0.77 -3.82 -4.65
C LEU A 106 2.12 -4.49 -4.97
N THR A 107 2.07 -5.77 -5.31
CA THR A 107 3.28 -6.51 -5.63
C THR A 107 4.29 -5.63 -6.36
N GLN A 108 3.83 -4.95 -7.40
CA GLN A 108 4.69 -4.07 -8.19
C GLN A 108 5.62 -3.27 -7.28
N PHE A 109 5.05 -2.69 -6.22
CA PHE A 109 5.83 -1.90 -5.27
C PHE A 109 6.86 -2.77 -4.56
N TYR A 110 6.38 -3.77 -3.83
CA TYR A 110 7.27 -4.67 -3.10
C TYR A 110 8.43 -5.13 -3.98
N GLU A 111 8.10 -5.76 -5.10
CA GLU A 111 9.12 -6.25 -6.01
C GLU A 111 10.12 -5.15 -6.37
N MET A 112 9.68 -3.89 -6.22
CA MET A 112 10.53 -2.75 -6.52
C MET A 112 11.52 -2.50 -5.38
N PHE A 113 11.04 -2.62 -4.14
CA PHE A 113 11.89 -2.41 -2.97
C PHE A 113 12.04 -3.69 -2.17
N LYS A 114 12.09 -4.82 -2.88
CA LYS A 114 12.24 -6.12 -2.22
C LYS A 114 13.70 -6.40 -1.88
N ASP A 115 14.60 -5.97 -2.77
CA ASP A 115 16.03 -6.17 -2.56
C ASP A 115 16.56 -5.22 -1.49
N SER A 116 16.33 -3.92 -1.68
CA SER A 116 16.80 -2.92 -0.73
C SER A 116 16.57 -3.38 0.71
N GLY A 117 15.50 -4.14 0.92
CA GLY A 117 15.20 -4.63 2.25
C GLY A 117 15.97 -5.89 2.59
N PRO A 118 16.06 -6.20 3.90
CA PRO A 118 16.77 -7.37 4.39
C PRO A 118 16.08 -8.67 4.03
N SER A 119 14.75 -8.62 3.93
CA SER A 119 13.95 -9.79 3.59
C SER A 119 13.85 -9.96 2.08
N SER A 120 13.71 -11.21 1.64
CA SER A 120 13.60 -11.52 0.22
C SER A 120 12.67 -12.70 -0.01
N GLY A 121 12.20 -12.85 -1.25
CA GLY A 121 11.30 -13.94 -1.59
C GLY A 121 11.55 -14.48 -2.98
#